data_1DZ3
# 
_entry.id   1DZ3 
# 
_audit_conform.dict_name       mmcif_pdbx.dic 
_audit_conform.dict_version    5.391 
_audit_conform.dict_location   http://mmcif.pdb.org/dictionaries/ascii/mmcif_pdbx.dic 
# 
loop_
_database_2.database_id 
_database_2.database_code 
_database_2.pdbx_database_accession 
_database_2.pdbx_DOI 
PDB   1DZ3         pdb_00001dz3 10.2210/pdb1dz3/pdb 
PDBE  EBI-4608     ?            ?                   
WWPDB D_1290004608 ?            ?                   
# 
loop_
_pdbx_audit_revision_history.ordinal 
_pdbx_audit_revision_history.data_content_type 
_pdbx_audit_revision_history.major_revision 
_pdbx_audit_revision_history.minor_revision 
_pdbx_audit_revision_history.revision_date 
1 'Structure model' 1 0 2000-04-10 
2 'Structure model' 1 1 2011-05-07 
3 'Structure model' 1 2 2011-07-13 
4 'Structure model' 1 3 2018-06-20 
5 'Structure model' 1 4 2024-05-08 
# 
_pdbx_audit_revision_details.ordinal             1 
_pdbx_audit_revision_details.revision_ordinal    1 
_pdbx_audit_revision_details.data_content_type   'Structure model' 
_pdbx_audit_revision_details.provider            repository 
_pdbx_audit_revision_details.type                'Initial release' 
_pdbx_audit_revision_details.description         ? 
_pdbx_audit_revision_details.details             ? 
# 
loop_
_pdbx_audit_revision_group.ordinal 
_pdbx_audit_revision_group.revision_ordinal 
_pdbx_audit_revision_group.data_content_type 
_pdbx_audit_revision_group.group 
1  2 'Structure model' 'Version format compliance' 
2  3 'Structure model' 'Version format compliance' 
3  4 'Structure model' Advisory                    
4  4 'Structure model' 'Data collection'           
5  4 'Structure model' 'Database references'       
6  4 'Structure model' 'Source and taxonomy'       
7  4 'Structure model' 'Structure summary'         
8  5 'Structure model' Advisory                    
9  5 'Structure model' 'Data collection'           
10 5 'Structure model' 'Database references'       
11 5 'Structure model' Other                       
# 
loop_
_pdbx_audit_revision_category.ordinal 
_pdbx_audit_revision_category.revision_ordinal 
_pdbx_audit_revision_category.data_content_type 
_pdbx_audit_revision_category.category 
1  4 'Structure model' citation                     
2  4 'Structure model' entity                       
3  4 'Structure model' entity_src_gen               
4  4 'Structure model' pdbx_unobs_or_zero_occ_atoms 
5  4 'Structure model' struct_ref                   
6  4 'Structure model' struct_ref_seq               
7  5 'Structure model' chem_comp_atom               
8  5 'Structure model' chem_comp_bond               
9  5 'Structure model' database_2                   
10 5 'Structure model' pdbx_database_status         
11 5 'Structure model' pdbx_unobs_or_zero_occ_atoms 
# 
loop_
_pdbx_audit_revision_item.ordinal 
_pdbx_audit_revision_item.revision_ordinal 
_pdbx_audit_revision_item.data_content_type 
_pdbx_audit_revision_item.item 
1  4 'Structure model' '_citation.journal_abbrev'                      
2  4 'Structure model' '_citation.page_last'                           
3  4 'Structure model' '_citation.pdbx_database_id_DOI'                
4  4 'Structure model' '_citation.title'                               
5  4 'Structure model' '_entity.pdbx_description'                      
6  4 'Structure model' '_entity_src_gen.gene_src_common_name'          
7  4 'Structure model' '_entity_src_gen.pdbx_beg_seq_num'              
8  4 'Structure model' '_entity_src_gen.pdbx_end_seq_num'              
9  4 'Structure model' '_entity_src_gen.pdbx_gene_src_gene'            
10 4 'Structure model' '_entity_src_gen.pdbx_gene_src_scientific_name' 
11 4 'Structure model' '_entity_src_gen.pdbx_seq_type'                 
12 4 'Structure model' '_struct_ref.db_code'                           
13 4 'Structure model' '_struct_ref.pdbx_align_begin'                  
14 4 'Structure model' '_struct_ref.pdbx_db_accession'                 
15 4 'Structure model' '_struct_ref.pdbx_seq_one_letter_code'          
16 4 'Structure model' '_struct_ref_seq.pdbx_db_accession'             
17 5 'Structure model' '_database_2.pdbx_DOI'                          
18 5 'Structure model' '_database_2.pdbx_database_accession'           
19 5 'Structure model' '_pdbx_database_status.status_code_sf'          
# 
_pdbx_database_status.status_code                     REL 
_pdbx_database_status.entry_id                        1DZ3 
_pdbx_database_status.deposit_site                    PDBE 
_pdbx_database_status.process_site                    PDBE 
_pdbx_database_status.SG_entry                        . 
_pdbx_database_status.recvd_initial_deposition_date   2000-02-15 
_pdbx_database_status.pdb_format_compatible           Y 
_pdbx_database_status.status_code_sf                  REL 
_pdbx_database_status.status_code_mr                  ? 
_pdbx_database_status.status_code_cs                  ? 
_pdbx_database_status.methods_development_category    ? 
_pdbx_database_status.status_code_nmr_data            ? 
# 
loop_
_audit_author.name 
_audit_author.pdbx_ordinal 
_audit_author.identifier_ORCID 
'Lewis, R.J.'     1 ? 
'Brannigan, J.A.' 2 ? 
'Muchova, K.'     3 ? 
'Leonard, G.'     4 ? 
'Barak, I.'       5 ? 
'Wilkinson, A.J.' 6 ? 
# 
_citation.id                        primary 
_citation.title                     'Domain swapping in the sporulation response regulator Spo0A.' 
_citation.journal_abbrev            'J. Mol. Biol.' 
_citation.journal_volume            297 
_citation.page_first                757 
_citation.page_last                 770 
_citation.year                      2000 
_citation.journal_id_ASTM           JMOBAK 
_citation.country                   UK 
_citation.journal_id_ISSN           0022-2836 
_citation.journal_id_CSD            0070 
_citation.book_publisher            ? 
_citation.pdbx_database_id_PubMed   10731426 
_citation.pdbx_database_id_DOI      10.1006/jmbi.2000.3598 
# 
loop_
_citation_author.citation_id 
_citation_author.name 
_citation_author.ordinal 
_citation_author.identifier_ORCID 
primary 'Lewis, R.J.'     1 ? 
primary 'Muchova, K.'     2 ? 
primary 'Brannigan, J.A.' 3 ? 
primary 'Barak, I.'       4 ? 
primary 'Leonard, G.'     5 ? 
primary 'Wilkinson, A.J.' 6 ? 
# 
loop_
_entity.id 
_entity.type 
_entity.src_method 
_entity.pdbx_description 
_entity.formula_weight 
_entity.pdbx_number_of_molecules 
_entity.pdbx_ec 
_entity.pdbx_mutation 
_entity.pdbx_fragment 
_entity.details 
1 polymer     man 'Stage 0 sporulation protein A' 14745.070 1  ? ? 'RECEIVER DOMAIN' ? 
2 non-polymer syn 'SULFATE ION'                   96.063    1  ? ? ?                 ? 
3 water       nat water                           18.015    95 ? ? ?                 ? 
# 
_entity_poly.entity_id                      1 
_entity_poly.type                           'polypeptide(L)' 
_entity_poly.nstd_linkage                   no 
_entity_poly.nstd_monomer                   no 
_entity_poly.pdbx_seq_one_letter_code       
;MSIKVCIADDNRELVSLLDEYISSQPDMEVIGTAYNGQDCLQMLEEKRPDILLLDIIMPHLDGLAVLERIRAGFEHQPNV
IMLTAFGQEDVTKKAVELGASYFILKPFDMENLAHHIRQVYGKTTPVVRK
;
_entity_poly.pdbx_seq_one_letter_code_can   
;MSIKVCIADDNRELVSLLDEYISSQPDMEVIGTAYNGQDCLQMLEEKRPDILLLDIIMPHLDGLAVLERIRAGFEHQPNV
IMLTAFGQEDVTKKAVELGASYFILKPFDMENLAHHIRQVYGKTTPVVRK
;
_entity_poly.pdbx_strand_id                 A 
_entity_poly.pdbx_target_identifier         ? 
# 
loop_
_pdbx_entity_nonpoly.entity_id 
_pdbx_entity_nonpoly.name 
_pdbx_entity_nonpoly.comp_id 
2 'SULFATE ION' SO4 
3 water         HOH 
# 
loop_
_entity_poly_seq.entity_id 
_entity_poly_seq.num 
_entity_poly_seq.mon_id 
_entity_poly_seq.hetero 
1 1   MET n 
1 2   SER n 
1 3   ILE n 
1 4   LYS n 
1 5   VAL n 
1 6   CYS n 
1 7   ILE n 
1 8   ALA n 
1 9   ASP n 
1 10  ASP n 
1 11  ASN n 
1 12  ARG n 
1 13  GLU n 
1 14  LEU n 
1 15  VAL n 
1 16  SER n 
1 17  LEU n 
1 18  LEU n 
1 19  ASP n 
1 20  GLU n 
1 21  TYR n 
1 22  ILE n 
1 23  SER n 
1 24  SER n 
1 25  GLN n 
1 26  PRO n 
1 27  ASP n 
1 28  MET n 
1 29  GLU n 
1 30  VAL n 
1 31  ILE n 
1 32  GLY n 
1 33  THR n 
1 34  ALA n 
1 35  TYR n 
1 36  ASN n 
1 37  GLY n 
1 38  GLN n 
1 39  ASP n 
1 40  CYS n 
1 41  LEU n 
1 42  GLN n 
1 43  MET n 
1 44  LEU n 
1 45  GLU n 
1 46  GLU n 
1 47  LYS n 
1 48  ARG n 
1 49  PRO n 
1 50  ASP n 
1 51  ILE n 
1 52  LEU n 
1 53  LEU n 
1 54  LEU n 
1 55  ASP n 
1 56  ILE n 
1 57  ILE n 
1 58  MET n 
1 59  PRO n 
1 60  HIS n 
1 61  LEU n 
1 62  ASP n 
1 63  GLY n 
1 64  LEU n 
1 65  ALA n 
1 66  VAL n 
1 67  LEU n 
1 68  GLU n 
1 69  ARG n 
1 70  ILE n 
1 71  ARG n 
1 72  ALA n 
1 73  GLY n 
1 74  PHE n 
1 75  GLU n 
1 76  HIS n 
1 77  GLN n 
1 78  PRO n 
1 79  ASN n 
1 80  VAL n 
1 81  ILE n 
1 82  MET n 
1 83  LEU n 
1 84  THR n 
1 85  ALA n 
1 86  PHE n 
1 87  GLY n 
1 88  GLN n 
1 89  GLU n 
1 90  ASP n 
1 91  VAL n 
1 92  THR n 
1 93  LYS n 
1 94  LYS n 
1 95  ALA n 
1 96  VAL n 
1 97  GLU n 
1 98  LEU n 
1 99  GLY n 
1 100 ALA n 
1 101 SER n 
1 102 TYR n 
1 103 PHE n 
1 104 ILE n 
1 105 LEU n 
1 106 LYS n 
1 107 PRO n 
1 108 PHE n 
1 109 ASP n 
1 110 MET n 
1 111 GLU n 
1 112 ASN n 
1 113 LEU n 
1 114 ALA n 
1 115 HIS n 
1 116 HIS n 
1 117 ILE n 
1 118 ARG n 
1 119 GLN n 
1 120 VAL n 
1 121 TYR n 
1 122 GLY n 
1 123 LYS n 
1 124 THR n 
1 125 THR n 
1 126 PRO n 
1 127 VAL n 
1 128 VAL n 
1 129 ARG n 
1 130 LYS n 
# 
_entity_src_gen.entity_id                          1 
_entity_src_gen.pdbx_src_id                        1 
_entity_src_gen.pdbx_alt_source_flag               sample 
_entity_src_gen.pdbx_seq_type                      'Biological sequence' 
_entity_src_gen.pdbx_beg_seq_num                   1 
_entity_src_gen.pdbx_end_seq_num                   130 
_entity_src_gen.gene_src_common_name               'Bacillus stearothermophilus' 
_entity_src_gen.gene_src_genus                     ? 
_entity_src_gen.pdbx_gene_src_gene                 spo0A 
_entity_src_gen.gene_src_species                   ? 
_entity_src_gen.gene_src_strain                    ? 
_entity_src_gen.gene_src_tissue                    ? 
_entity_src_gen.gene_src_tissue_fraction           ? 
_entity_src_gen.gene_src_details                   ? 
_entity_src_gen.pdbx_gene_src_fragment             ? 
_entity_src_gen.pdbx_gene_src_scientific_name      'Geobacillus stearothermophilus' 
_entity_src_gen.pdbx_gene_src_ncbi_taxonomy_id     1422 
_entity_src_gen.pdbx_gene_src_variant              ? 
_entity_src_gen.pdbx_gene_src_cell_line            ? 
_entity_src_gen.pdbx_gene_src_atcc                 ? 
_entity_src_gen.pdbx_gene_src_organ                ? 
_entity_src_gen.pdbx_gene_src_organelle            ? 
_entity_src_gen.pdbx_gene_src_cell                 ? 
_entity_src_gen.pdbx_gene_src_cellular_location    CYTOPLASM 
_entity_src_gen.host_org_common_name               ? 
_entity_src_gen.pdbx_host_org_scientific_name      'ESCHERICHIA COLI' 
_entity_src_gen.pdbx_host_org_ncbi_taxonomy_id     562 
_entity_src_gen.host_org_genus                     ? 
_entity_src_gen.pdbx_host_org_gene                 SPO0A 
_entity_src_gen.pdbx_host_org_organ                ? 
_entity_src_gen.host_org_species                   ? 
_entity_src_gen.pdbx_host_org_tissue               ? 
_entity_src_gen.pdbx_host_org_tissue_fraction      ? 
_entity_src_gen.pdbx_host_org_strain               B834 
_entity_src_gen.pdbx_host_org_variant              ? 
_entity_src_gen.pdbx_host_org_cell_line            ? 
_entity_src_gen.pdbx_host_org_atcc                 ? 
_entity_src_gen.pdbx_host_org_culture_collection   ? 
_entity_src_gen.pdbx_host_org_cell                 ? 
_entity_src_gen.pdbx_host_org_organelle            ? 
_entity_src_gen.pdbx_host_org_cellular_location    CYTOPLASM 
_entity_src_gen.pdbx_host_org_vector_type          ? 
_entity_src_gen.pdbx_host_org_vector               ? 
_entity_src_gen.host_org_details                   ? 
_entity_src_gen.expression_system_id               ? 
_entity_src_gen.plasmid_name                       PET 
_entity_src_gen.plasmid_details                    ? 
_entity_src_gen.pdbx_description                   ? 
# 
loop_
_chem_comp.id 
_chem_comp.type 
_chem_comp.mon_nstd_flag 
_chem_comp.name 
_chem_comp.pdbx_synonyms 
_chem_comp.formula 
_chem_comp.formula_weight 
ALA 'L-peptide linking' y ALANINE         ? 'C3 H7 N O2'     89.093  
ARG 'L-peptide linking' y ARGININE        ? 'C6 H15 N4 O2 1' 175.209 
ASN 'L-peptide linking' y ASPARAGINE      ? 'C4 H8 N2 O3'    132.118 
ASP 'L-peptide linking' y 'ASPARTIC ACID' ? 'C4 H7 N O4'     133.103 
CYS 'L-peptide linking' y CYSTEINE        ? 'C3 H7 N O2 S'   121.158 
GLN 'L-peptide linking' y GLUTAMINE       ? 'C5 H10 N2 O3'   146.144 
GLU 'L-peptide linking' y 'GLUTAMIC ACID' ? 'C5 H9 N O4'     147.129 
GLY 'peptide linking'   y GLYCINE         ? 'C2 H5 N O2'     75.067  
HIS 'L-peptide linking' y HISTIDINE       ? 'C6 H10 N3 O2 1' 156.162 
HOH non-polymer         . WATER           ? 'H2 O'           18.015  
ILE 'L-peptide linking' y ISOLEUCINE      ? 'C6 H13 N O2'    131.173 
LEU 'L-peptide linking' y LEUCINE         ? 'C6 H13 N O2'    131.173 
LYS 'L-peptide linking' y LYSINE          ? 'C6 H15 N2 O2 1' 147.195 
MET 'L-peptide linking' y METHIONINE      ? 'C5 H11 N O2 S'  149.211 
PHE 'L-peptide linking' y PHENYLALANINE   ? 'C9 H11 N O2'    165.189 
PRO 'L-peptide linking' y PROLINE         ? 'C5 H9 N O2'     115.130 
SER 'L-peptide linking' y SERINE          ? 'C3 H7 N O3'     105.093 
SO4 non-polymer         . 'SULFATE ION'   ? 'O4 S -2'        96.063  
THR 'L-peptide linking' y THREONINE       ? 'C4 H9 N O3'     119.119 
TYR 'L-peptide linking' y TYROSINE        ? 'C9 H11 N O3'    181.189 
VAL 'L-peptide linking' y VALINE          ? 'C5 H11 N O2'    117.146 
# 
loop_
_pdbx_poly_seq_scheme.asym_id 
_pdbx_poly_seq_scheme.entity_id 
_pdbx_poly_seq_scheme.seq_id 
_pdbx_poly_seq_scheme.mon_id 
_pdbx_poly_seq_scheme.ndb_seq_num 
_pdbx_poly_seq_scheme.pdb_seq_num 
_pdbx_poly_seq_scheme.auth_seq_num 
_pdbx_poly_seq_scheme.pdb_mon_id 
_pdbx_poly_seq_scheme.auth_mon_id 
_pdbx_poly_seq_scheme.pdb_strand_id 
_pdbx_poly_seq_scheme.pdb_ins_code 
_pdbx_poly_seq_scheme.hetero 
A 1 1   MET 1   1   ?   ?   ?   A . n 
A 1 2   SER 2   2   2   SER SER A . n 
A 1 3   ILE 3   3   3   ILE ILE A . n 
A 1 4   LYS 4   4   4   LYS LYS A . n 
A 1 5   VAL 5   5   5   VAL VAL A . n 
A 1 6   CYS 6   6   6   CYS CYS A . n 
A 1 7   ILE 7   7   7   ILE ILE A . n 
A 1 8   ALA 8   8   8   ALA ALA A . n 
A 1 9   ASP 9   9   9   ASP ASP A . n 
A 1 10  ASP 10  10  10  ASP ASP A . n 
A 1 11  ASN 11  11  11  ASN ASN A . n 
A 1 12  ARG 12  12  12  ARG ARG A . n 
A 1 13  GLU 13  13  13  GLU GLU A . n 
A 1 14  LEU 14  14  14  LEU LEU A . n 
A 1 15  VAL 15  15  15  VAL VAL A . n 
A 1 16  SER 16  16  16  SER SER A . n 
A 1 17  LEU 17  17  17  LEU LEU A . n 
A 1 18  LEU 18  18  18  LEU LEU A . n 
A 1 19  ASP 19  19  19  ASP ASP A . n 
A 1 20  GLU 20  20  20  GLU GLU A . n 
A 1 21  TYR 21  21  21  TYR TYR A . n 
A 1 22  ILE 22  22  22  ILE ILE A . n 
A 1 23  SER 23  23  23  SER SER A . n 
A 1 24  SER 24  24  24  SER SER A . n 
A 1 25  GLN 25  25  25  GLN GLN A . n 
A 1 26  PRO 26  26  26  PRO PRO A . n 
A 1 27  ASP 27  27  27  ASP ASP A . n 
A 1 28  MET 28  28  28  MET MET A . n 
A 1 29  GLU 29  29  29  GLU GLU A . n 
A 1 30  VAL 30  30  30  VAL VAL A . n 
A 1 31  ILE 31  31  31  ILE ILE A . n 
A 1 32  GLY 32  32  32  GLY GLY A . n 
A 1 33  THR 33  33  33  THR THR A . n 
A 1 34  ALA 34  34  34  ALA ALA A . n 
A 1 35  TYR 35  35  35  TYR TYR A . n 
A 1 36  ASN 36  36  36  ASN ASN A . n 
A 1 37  GLY 37  37  37  GLY GLY A . n 
A 1 38  GLN 38  38  38  GLN GLN A . n 
A 1 39  ASP 39  39  39  ASP ASP A . n 
A 1 40  CYS 40  40  40  CYS CYS A . n 
A 1 41  LEU 41  41  41  LEU LEU A . n 
A 1 42  GLN 42  42  42  GLN GLN A . n 
A 1 43  MET 43  43  43  MET MET A . n 
A 1 44  LEU 44  44  44  LEU LEU A . n 
A 1 45  GLU 45  45  45  GLU GLU A . n 
A 1 46  GLU 46  46  46  GLU GLU A . n 
A 1 47  LYS 47  47  47  LYS LYS A . n 
A 1 48  ARG 48  48  48  ARG ARG A . n 
A 1 49  PRO 49  49  49  PRO PRO A . n 
A 1 50  ASP 50  50  50  ASP ASP A . n 
A 1 51  ILE 51  51  51  ILE ILE A . n 
A 1 52  LEU 52  52  52  LEU LEU A . n 
A 1 53  LEU 53  53  53  LEU LEU A . n 
A 1 54  LEU 54  54  54  LEU LEU A . n 
A 1 55  ASP 55  55  55  ASP ASP A . n 
A 1 56  ILE 56  56  56  ILE ILE A . n 
A 1 57  ILE 57  57  57  ILE ILE A . n 
A 1 58  MET 58  58  58  MET MET A . n 
A 1 59  PRO 59  59  59  PRO PRO A . n 
A 1 60  HIS 60  60  60  HIS HIS A . n 
A 1 61  LEU 61  61  61  LEU LEU A . n 
A 1 62  ASP 62  62  62  ASP ASP A . n 
A 1 63  GLY 63  63  63  GLY GLY A . n 
A 1 64  LEU 64  64  64  LEU LEU A . n 
A 1 65  ALA 65  65  65  ALA ALA A . n 
A 1 66  VAL 66  66  66  VAL VAL A . n 
A 1 67  LEU 67  67  67  LEU LEU A . n 
A 1 68  GLU 68  68  68  GLU GLU A . n 
A 1 69  ARG 69  69  69  ARG ARG A . n 
A 1 70  ILE 70  70  70  ILE ILE A . n 
A 1 71  ARG 71  71  71  ARG ARG A . n 
A 1 72  ALA 72  72  72  ALA ALA A . n 
A 1 73  GLY 73  73  73  GLY GLY A . n 
A 1 74  PHE 74  74  74  PHE PHE A . n 
A 1 75  GLU 75  75  75  GLU GLU A . n 
A 1 76  HIS 76  76  76  HIS HIS A . n 
A 1 77  GLN 77  77  77  GLN GLN A . n 
A 1 78  PRO 78  78  78  PRO PRO A . n 
A 1 79  ASN 79  79  79  ASN ASN A . n 
A 1 80  VAL 80  80  80  VAL VAL A . n 
A 1 81  ILE 81  81  81  ILE ILE A . n 
A 1 82  MET 82  82  82  MET MET A . n 
A 1 83  LEU 83  83  83  LEU LEU A . n 
A 1 84  THR 84  84  84  THR THR A . n 
A 1 85  ALA 85  85  85  ALA ALA A . n 
A 1 86  PHE 86  86  86  PHE PHE A . n 
A 1 87  GLY 87  87  87  GLY GLY A . n 
A 1 88  GLN 88  88  88  GLN GLN A . n 
A 1 89  GLU 89  89  89  GLU GLU A . n 
A 1 90  ASP 90  90  90  ASP ASP A . n 
A 1 91  VAL 91  91  91  VAL VAL A . n 
A 1 92  THR 92  92  92  THR THR A . n 
A 1 93  LYS 93  93  93  LYS LYS A . n 
A 1 94  LYS 94  94  94  LYS LYS A . n 
A 1 95  ALA 95  95  95  ALA ALA A . n 
A 1 96  VAL 96  96  96  VAL VAL A . n 
A 1 97  GLU 97  97  97  GLU GLU A . n 
A 1 98  LEU 98  98  98  LEU LEU A . n 
A 1 99  GLY 99  99  99  GLY GLY A . n 
A 1 100 ALA 100 100 100 ALA ALA A . n 
A 1 101 SER 101 101 101 SER SER A . n 
A 1 102 TYR 102 102 102 TYR TYR A . n 
A 1 103 PHE 103 103 103 PHE PHE A . n 
A 1 104 ILE 104 104 104 ILE ILE A . n 
A 1 105 LEU 105 105 105 LEU LEU A . n 
A 1 106 LYS 106 106 106 LYS LYS A . n 
A 1 107 PRO 107 107 107 PRO PRO A . n 
A 1 108 PHE 108 108 108 PHE PHE A . n 
A 1 109 ASP 109 109 109 ASP ASP A . n 
A 1 110 MET 110 110 110 MET MET A . n 
A 1 111 GLU 111 111 111 GLU GLU A . n 
A 1 112 ASN 112 112 112 ASN ASN A . n 
A 1 113 LEU 113 113 113 LEU LEU A . n 
A 1 114 ALA 114 114 114 ALA ALA A . n 
A 1 115 HIS 115 115 115 HIS HIS A . n 
A 1 116 HIS 116 116 116 HIS HIS A . n 
A 1 117 ILE 117 117 117 ILE ILE A . n 
A 1 118 ARG 118 118 118 ARG ARG A . n 
A 1 119 GLN 119 119 119 GLN GLN A . n 
A 1 120 VAL 120 120 120 VAL VAL A . n 
A 1 121 TYR 121 121 121 TYR TYR A . n 
A 1 122 GLY 122 122 122 GLY GLY A . n 
A 1 123 LYS 123 123 123 LYS LYS A . n 
A 1 124 THR 124 124 124 THR THR A . n 
A 1 125 THR 125 125 ?   ?   ?   A . n 
A 1 126 PRO 126 126 ?   ?   ?   A . n 
A 1 127 VAL 127 127 ?   ?   ?   A . n 
A 1 128 VAL 128 128 ?   ?   ?   A . n 
A 1 129 ARG 129 129 ?   ?   ?   A . n 
A 1 130 LYS 130 130 ?   ?   ?   A . n 
# 
loop_
_pdbx_nonpoly_scheme.asym_id 
_pdbx_nonpoly_scheme.entity_id 
_pdbx_nonpoly_scheme.mon_id 
_pdbx_nonpoly_scheme.ndb_seq_num 
_pdbx_nonpoly_scheme.pdb_seq_num 
_pdbx_nonpoly_scheme.auth_seq_num 
_pdbx_nonpoly_scheme.pdb_mon_id 
_pdbx_nonpoly_scheme.auth_mon_id 
_pdbx_nonpoly_scheme.pdb_strand_id 
_pdbx_nonpoly_scheme.pdb_ins_code 
B 2 SO4 1  201 1    SO4 SO4 A . 
C 3 HOH 1  301 2031 HOH HOH A . 
C 3 HOH 2  302 2055 HOH HOH A . 
C 3 HOH 3  303 2077 HOH HOH A . 
C 3 HOH 4  304 2047 HOH HOH A . 
C 3 HOH 5  305 2066 HOH HOH A . 
C 3 HOH 6  306 2005 HOH HOH A . 
C 3 HOH 7  307 2007 HOH HOH A . 
C 3 HOH 8  308 2068 HOH HOH A . 
C 3 HOH 9  309 2036 HOH HOH A . 
C 3 HOH 10 310 2063 HOH HOH A . 
C 3 HOH 11 311 2034 HOH HOH A . 
C 3 HOH 12 312 2035 HOH HOH A . 
C 3 HOH 13 313 2015 HOH HOH A . 
C 3 HOH 14 314 2008 HOH HOH A . 
C 3 HOH 15 315 2062 HOH HOH A . 
C 3 HOH 16 316 2052 HOH HOH A . 
C 3 HOH 17 317 2088 HOH HOH A . 
C 3 HOH 18 318 2001 HOH HOH A . 
C 3 HOH 19 319 2080 HOH HOH A . 
C 3 HOH 20 320 2082 HOH HOH A . 
C 3 HOH 21 321 2079 HOH HOH A . 
C 3 HOH 22 322 2084 HOH HOH A . 
C 3 HOH 23 323 2065 HOH HOH A . 
C 3 HOH 24 324 2002 HOH HOH A . 
C 3 HOH 25 325 2021 HOH HOH A . 
C 3 HOH 26 326 2016 HOH HOH A . 
C 3 HOH 27 327 2073 HOH HOH A . 
C 3 HOH 28 328 2056 HOH HOH A . 
C 3 HOH 29 329 2054 HOH HOH A . 
C 3 HOH 30 330 2042 HOH HOH A . 
C 3 HOH 31 331 2017 HOH HOH A . 
C 3 HOH 32 332 2048 HOH HOH A . 
C 3 HOH 33 333 2046 HOH HOH A . 
C 3 HOH 34 334 2027 HOH HOH A . 
C 3 HOH 35 335 2045 HOH HOH A . 
C 3 HOH 36 336 2067 HOH HOH A . 
C 3 HOH 37 337 2057 HOH HOH A . 
C 3 HOH 38 338 2025 HOH HOH A . 
C 3 HOH 39 339 2093 HOH HOH A . 
C 3 HOH 40 340 2086 HOH HOH A . 
C 3 HOH 41 341 2039 HOH HOH A . 
C 3 HOH 42 342 2051 HOH HOH A . 
C 3 HOH 43 343 2049 HOH HOH A . 
C 3 HOH 44 344 2076 HOH HOH A . 
C 3 HOH 45 345 2033 HOH HOH A . 
C 3 HOH 46 346 2014 HOH HOH A . 
C 3 HOH 47 347 2064 HOH HOH A . 
C 3 HOH 48 348 2043 HOH HOH A . 
C 3 HOH 49 349 2030 HOH HOH A . 
C 3 HOH 50 350 2037 HOH HOH A . 
C 3 HOH 51 351 2011 HOH HOH A . 
C 3 HOH 52 352 2013 HOH HOH A . 
C 3 HOH 53 353 2053 HOH HOH A . 
C 3 HOH 54 354 2078 HOH HOH A . 
C 3 HOH 55 355 2050 HOH HOH A . 
C 3 HOH 56 356 2018 HOH HOH A . 
C 3 HOH 57 357 2075 HOH HOH A . 
C 3 HOH 58 358 2087 HOH HOH A . 
C 3 HOH 59 359 2092 HOH HOH A . 
C 3 HOH 60 360 2040 HOH HOH A . 
C 3 HOH 61 361 2006 HOH HOH A . 
C 3 HOH 62 362 2085 HOH HOH A . 
C 3 HOH 63 363 2081 HOH HOH A . 
C 3 HOH 64 364 2060 HOH HOH A . 
C 3 HOH 65 365 2022 HOH HOH A . 
C 3 HOH 66 366 2074 HOH HOH A . 
C 3 HOH 67 367 2091 HOH HOH A . 
C 3 HOH 68 368 2090 HOH HOH A . 
C 3 HOH 69 369 2059 HOH HOH A . 
C 3 HOH 70 370 2032 HOH HOH A . 
C 3 HOH 71 371 2023 HOH HOH A . 
C 3 HOH 72 372 2001 HOH HOH A . 
C 3 HOH 73 373 2089 HOH HOH A . 
C 3 HOH 74 374 2061 HOH HOH A . 
C 3 HOH 75 375 2024 HOH HOH A . 
C 3 HOH 76 376 2083 HOH HOH A . 
C 3 HOH 77 377 2029 HOH HOH A . 
C 3 HOH 78 378 2070 HOH HOH A . 
C 3 HOH 79 379 2012 HOH HOH A . 
C 3 HOH 80 380 2058 HOH HOH A . 
C 3 HOH 81 381 2002 HOH HOH A . 
C 3 HOH 82 382 2071 HOH HOH A . 
C 3 HOH 83 383 2026 HOH HOH A . 
C 3 HOH 84 384 2009 HOH HOH A . 
C 3 HOH 85 385 2044 HOH HOH A . 
C 3 HOH 86 386 2041 HOH HOH A . 
C 3 HOH 87 387 2004 HOH HOH A . 
C 3 HOH 88 388 2019 HOH HOH A . 
C 3 HOH 89 389 2072 HOH HOH A . 
C 3 HOH 90 390 2069 HOH HOH A . 
C 3 HOH 91 391 2010 HOH HOH A . 
C 3 HOH 92 392 2038 HOH HOH A . 
C 3 HOH 93 393 2028 HOH HOH A . 
C 3 HOH 94 394 2003 HOH HOH A . 
C 3 HOH 95 395 2020 HOH HOH A . 
# 
loop_
_pdbx_unobs_or_zero_occ_atoms.id 
_pdbx_unobs_or_zero_occ_atoms.PDB_model_num 
_pdbx_unobs_or_zero_occ_atoms.polymer_flag 
_pdbx_unobs_or_zero_occ_atoms.occupancy_flag 
_pdbx_unobs_or_zero_occ_atoms.auth_asym_id 
_pdbx_unobs_or_zero_occ_atoms.auth_comp_id 
_pdbx_unobs_or_zero_occ_atoms.auth_seq_id 
_pdbx_unobs_or_zero_occ_atoms.PDB_ins_code 
_pdbx_unobs_or_zero_occ_atoms.auth_atom_id 
_pdbx_unobs_or_zero_occ_atoms.label_alt_id 
_pdbx_unobs_or_zero_occ_atoms.label_asym_id 
_pdbx_unobs_or_zero_occ_atoms.label_comp_id 
_pdbx_unobs_or_zero_occ_atoms.label_seq_id 
_pdbx_unobs_or_zero_occ_atoms.label_atom_id 
1  1 Y 0 A LYS 4   ? CD  ? A LYS 4   CD  
2  1 Y 0 A LYS 4   ? CE  ? A LYS 4   CE  
3  1 Y 0 A LYS 4   ? NZ  ? A LYS 4   NZ  
4  1 Y 0 A GLU 13  ? CD  ? A GLU 13  CD  
5  1 Y 0 A GLU 13  ? OE1 ? A GLU 13  OE1 
6  1 Y 0 A GLU 13  ? OE2 ? A GLU 13  OE2 
7  1 Y 0 A GLU 29  ? CD  ? A GLU 29  CD  
8  1 Y 0 A GLU 29  ? OE1 ? A GLU 29  OE1 
9  1 Y 0 A GLU 29  ? OE2 ? A GLU 29  OE2 
10 1 Y 0 A GLN 38  ? CG  ? A GLN 38  CG  
11 1 Y 0 A GLN 38  ? CD  ? A GLN 38  CD  
12 1 Y 0 A GLN 38  ? OE1 ? A GLN 38  OE1 
13 1 Y 0 A GLN 38  ? NE2 ? A GLN 38  NE2 
14 1 Y 0 A GLN 42  ? CD  ? A GLN 42  CD  
15 1 Y 0 A GLN 42  ? OE1 ? A GLN 42  OE1 
16 1 Y 0 A GLN 42  ? NE2 ? A GLN 42  NE2 
17 1 Y 0 A GLU 75  ? CB  ? A GLU 75  CB  
18 1 Y 0 A GLU 75  ? CG  ? A GLU 75  CG  
19 1 Y 0 A GLU 75  ? CD  ? A GLU 75  CD  
20 1 Y 0 A GLU 75  ? OE1 ? A GLU 75  OE1 
21 1 Y 0 A GLU 75  ? OE2 ? A GLU 75  OE2 
22 1 Y 0 A HIS 76  ? CG  ? A HIS 76  CG  
23 1 Y 0 A HIS 76  ? ND1 ? A HIS 76  ND1 
24 1 Y 0 A HIS 76  ? CD2 ? A HIS 76  CD2 
25 1 Y 0 A HIS 76  ? CE1 ? A HIS 76  CE1 
26 1 Y 0 A HIS 76  ? NE2 ? A HIS 76  NE2 
27 1 Y 0 A ASP 90  ? CG  ? A ASP 90  CG  
28 1 Y 0 A ASP 90  ? OD1 ? A ASP 90  OD1 
29 1 Y 0 A ASP 90  ? OD2 ? A ASP 90  OD2 
30 1 Y 0 A LYS 93  ? CE  ? A LYS 93  CE  
31 1 Y 0 A LYS 93  ? NZ  ? A LYS 93  NZ  
32 1 Y 0 A LYS 94  ? CD  ? A LYS 94  CD  
33 1 Y 0 A LYS 94  ? CE  ? A LYS 94  CE  
34 1 Y 0 A LYS 94  ? NZ  ? A LYS 94  NZ  
35 1 Y 0 A GLU 111 ? CG  ? A GLU 111 CG  
36 1 Y 0 A GLU 111 ? CD  ? A GLU 111 CD  
37 1 Y 0 A GLU 111 ? OE1 ? A GLU 111 OE1 
38 1 Y 0 A GLU 111 ? OE2 ? A GLU 111 OE2 
39 1 Y 0 A GLN 119 ? CG  ? A GLN 119 CG  
40 1 Y 0 A GLN 119 ? CD  ? A GLN 119 CD  
41 1 Y 0 A GLN 119 ? OE1 ? A GLN 119 OE1 
42 1 Y 0 A GLN 119 ? NE2 ? A GLN 119 NE2 
43 1 Y 0 A LYS 123 ? CG  ? A LYS 123 CG  
44 1 Y 0 A LYS 123 ? CD  ? A LYS 123 CD  
45 1 Y 0 A LYS 123 ? CE  ? A LYS 123 CE  
46 1 Y 0 A LYS 123 ? NZ  ? A LYS 123 NZ  
# 
loop_
_software.name 
_software.classification 
_software.version 
_software.citation_id 
_software.pdbx_ordinal 
_software.date 
_software.type 
_software.location 
_software.language 
REFMAC    refinement       . ? 1 ? ? ? ? 
DENZO     'data reduction' . ? 2 ? ? ? ? 
SCALEPACK 'data scaling'   . ? 3 ? ? ? ? 
SOLVE     phasing          . ? 4 ? ? ? ? 
# 
_cell.entry_id           1DZ3 
_cell.length_a           59.024 
_cell.length_b           59.024 
_cell.length_c           66.970 
_cell.angle_alpha        90.00 
_cell.angle_beta         90.00 
_cell.angle_gamma        120.00 
_cell.Z_PDB              6 
_cell.pdbx_unique_axis   ? 
# 
_symmetry.entry_id                         1DZ3 
_symmetry.space_group_name_H-M             'P 32 2 1' 
_symmetry.pdbx_full_space_group_name_H-M   ? 
_symmetry.cell_setting                     ? 
_symmetry.Int_Tables_number                154 
# 
_exptl.entry_id          1DZ3 
_exptl.method            'X-RAY DIFFRACTION' 
_exptl.crystals_number   1 
# 
_exptl_crystal.id                    1 
_exptl_crystal.density_meas          ? 
_exptl_crystal.density_Matthews      2.7 
_exptl_crystal.density_percent_sol   50 
_exptl_crystal.description           ? 
_exptl_crystal.preparation           ? 
# 
_exptl_crystal_grow.crystal_id      1 
_exptl_crystal_grow.method          ? 
_exptl_crystal_grow.temp            ? 
_exptl_crystal_grow.temp_details    ? 
_exptl_crystal_grow.pH              4.00 
_exptl_crystal_grow.pdbx_pH_range   ? 
_exptl_crystal_grow.pdbx_details    '10 % PEG 4000, 100 MM LITHIUM SULPHATE 100 MM SODIUM ACETATE, PH 4.0' 
# 
_diffrn.id                     1 
_diffrn.ambient_temp           110.0 
_diffrn.ambient_temp_details   ? 
_diffrn.crystal_id             1 
# 
_diffrn_detector.diffrn_id              1 
_diffrn_detector.detector               CCD 
_diffrn_detector.type                   'ADSC CCD' 
_diffrn_detector.pdbx_collection_date   1998-12-15 
_diffrn_detector.details                ? 
# 
_diffrn_radiation.diffrn_id                        1 
_diffrn_radiation.wavelength_id                    1 
_diffrn_radiation.pdbx_monochromatic_or_laue_m_l   M 
_diffrn_radiation.monochromator                    ? 
_diffrn_radiation.pdbx_diffrn_protocol             'SINGLE WAVELENGTH' 
_diffrn_radiation.pdbx_scattering_type             x-ray 
# 
_diffrn_radiation_wavelength.id           1 
_diffrn_radiation_wavelength.wavelength   0.93 
_diffrn_radiation_wavelength.wt           1.0 
# 
_diffrn_source.diffrn_id                   1 
_diffrn_source.source                      SYNCHROTRON 
_diffrn_source.type                        'ESRF BEAMLINE ID14-4' 
_diffrn_source.pdbx_synchrotron_site       ESRF 
_diffrn_source.pdbx_synchrotron_beamline   ID14-4 
_diffrn_source.pdbx_wavelength             0.93 
_diffrn_source.pdbx_wavelength_list        ? 
# 
_reflns.pdbx_diffrn_id               1 
_reflns.pdbx_ordinal                 1 
_reflns.entry_id                     1DZ3 
_reflns.observed_criterion_sigma_I   ? 
_reflns.observed_criterion_sigma_F   ? 
_reflns.d_resolution_low             28.000 
_reflns.d_resolution_high            1.650 
_reflns.number_obs                   16570 
_reflns.number_all                   ? 
_reflns.percent_possible_obs         99.4 
_reflns.pdbx_Rmerge_I_obs            ? 
_reflns.pdbx_Rsym_value              0.05600 
_reflns.pdbx_netI_over_sigmaI        24.8000 
_reflns.B_iso_Wilson_estimate        29.133 
_reflns.pdbx_redundancy              8.700 
_reflns.pdbx_CC_half                 ? 
_reflns.pdbx_Rpim_I_all              ? 
_reflns.pdbx_Rrim_I_all              ? 
# 
_reflns_shell.pdbx_diffrn_id         1 
_reflns_shell.pdbx_ordinal           1 
_reflns_shell.d_res_high             1.65 
_reflns_shell.d_res_low              1.71 
_reflns_shell.percent_possible_all   99.3 
_reflns_shell.Rmerge_I_obs           ? 
_reflns_shell.pdbx_Rsym_value        0.26800 
_reflns_shell.meanI_over_sigI_obs    3.800 
_reflns_shell.pdbx_redundancy        3.40 
_reflns_shell.number_measured_obs    ? 
_reflns_shell.number_unique_all      ? 
_reflns_shell.number_unique_obs      ? 
_reflns_shell.pdbx_CC_half           ? 
_reflns_shell.pdbx_Rpim_I_all        ? 
_reflns_shell.pdbx_Rrim_I_all        ? 
# 
_refine.pdbx_refine_id                           'X-RAY DIFFRACTION' 
_refine.entry_id                                 1DZ3 
_refine.pdbx_diffrn_id                           1 
_refine.pdbx_TLS_residual_ADP_flag               ? 
_refine.ls_number_reflns_obs                     15811 
_refine.ls_number_reflns_all                     ? 
_refine.pdbx_ls_sigma_I                          ? 
_refine.pdbx_ls_sigma_F                          0.0 
_refine.pdbx_data_cutoff_high_absF               ? 
_refine.pdbx_data_cutoff_low_absF                ? 
_refine.pdbx_data_cutoff_high_rms_absF           ? 
_refine.ls_d_res_low                             28 
_refine.ls_d_res_high                            1.65 
_refine.ls_percent_reflns_obs                    99.4 
_refine.ls_R_factor_obs                          0.23538 
_refine.ls_R_factor_all                          ? 
_refine.ls_R_factor_R_work                       0.20774 
_refine.ls_R_factor_R_free                       0.26593 
_refine.ls_R_factor_R_free_error                 ? 
_refine.ls_R_factor_R_free_error_details         ? 
_refine.ls_percent_reflns_R_free                 5.0 
_refine.ls_number_reflns_R_free                  843 
_refine.ls_number_parameters                     ? 
_refine.ls_number_restraints                     ? 
_refine.occupancy_min                            ? 
_refine.occupancy_max                            ? 
_refine.correlation_coeff_Fo_to_Fc               ? 
_refine.correlation_coeff_Fo_to_Fc_free          ? 
_refine.B_iso_mean                               34.031 
_refine.aniso_B[1][1]                            ? 
_refine.aniso_B[2][2]                            ? 
_refine.aniso_B[3][3]                            ? 
_refine.aniso_B[1][2]                            ? 
_refine.aniso_B[1][3]                            ? 
_refine.aniso_B[2][3]                            ? 
_refine.solvent_model_details                    ? 
_refine.solvent_model_param_ksol                 ? 
_refine.solvent_model_param_bsol                 ? 
_refine.pdbx_solvent_vdw_probe_radii             ? 
_refine.pdbx_solvent_ion_probe_radii             ? 
_refine.pdbx_solvent_shrinkage_radii             ? 
_refine.pdbx_ls_cross_valid_method               THROUGHOUT 
_refine.details                                  ? 
_refine.pdbx_starting_model                      ? 
_refine.pdbx_method_to_determine_struct          MAD 
_refine.pdbx_isotropic_thermal_model             ? 
_refine.pdbx_stereochemistry_target_values       ? 
_refine.pdbx_stereochem_target_val_spec_case     ? 
_refine.pdbx_R_Free_selection_details            RANDOM 
_refine.pdbx_overall_ESU_R                       0.10422 
_refine.pdbx_overall_ESU_R_Free                  0.11453 
_refine.overall_SU_ML                            0.07071 
_refine.pdbx_overall_phase_error                 ? 
_refine.overall_SU_B                             2.04504 
_refine.overall_SU_R_Cruickshank_DPI             ? 
_refine.pdbx_overall_SU_R_free_Cruickshank_DPI   ? 
_refine.pdbx_overall_SU_R_Blow_DPI               ? 
_refine.pdbx_overall_SU_R_free_Blow_DPI          ? 
# 
_refine_hist.pdbx_refine_id                   'X-RAY DIFFRACTION' 
_refine_hist.cycle_id                         LAST 
_refine_hist.pdbx_number_atoms_protein        974 
_refine_hist.pdbx_number_atoms_nucleic_acid   0 
_refine_hist.pdbx_number_atoms_ligand         5 
_refine_hist.number_atoms_solvent             95 
_refine_hist.number_atoms_total               1074 
_refine_hist.d_res_high                       1.65 
_refine_hist.d_res_low                        28 
# 
loop_
_refine_ls_restr.type 
_refine_ls_restr.dev_ideal 
_refine_ls_restr.dev_ideal_target 
_refine_ls_restr.weight 
_refine_ls_restr.number 
_refine_ls_restr.pdbx_refine_id 
_refine_ls_restr.pdbx_restraint_function 
p_bond_d            0.016  0.02  ? ? 'X-RAY DIFFRACTION' ? 
p_angle_d           0.033  0.04  ? ? 'X-RAY DIFFRACTION' ? 
p_angle_deg         ?      ?     ? ? 'X-RAY DIFFRACTION' ? 
p_planar_d          0.042  0.05  ? ? 'X-RAY DIFFRACTION' ? 
p_hb_or_metal_coord ?      ?     ? ? 'X-RAY DIFFRACTION' ? 
p_mcbond_it         2.660  3.000 ? ? 'X-RAY DIFFRACTION' ? 
p_mcangle_it        3.812  5.00  ? ? 'X-RAY DIFFRACTION' ? 
p_scbond_it         4.395  6.000 ? ? 'X-RAY DIFFRACTION' ? 
p_scangle_it        5.607  8.000 ? ? 'X-RAY DIFFRACTION' ? 
p_plane_restr       0.0242 0.03  ? ? 'X-RAY DIFFRACTION' ? 
p_chiral_restr      0.127  0.150 ? ? 'X-RAY DIFFRACTION' ? 
p_singtor_nbd       0.19   0.3   ? ? 'X-RAY DIFFRACTION' ? 
p_multtor_nbd       0.264  0.3   ? ? 'X-RAY DIFFRACTION' ? 
p_xhyhbond_nbd      0      0.3   ? ? 'X-RAY DIFFRACTION' ? 
p_xyhbond_nbd       0.098  0.3   ? ? 'X-RAY DIFFRACTION' ? 
p_planar_tor        4.7    7.0   ? ? 'X-RAY DIFFRACTION' ? 
p_staggered_tor     14.8   15.0  ? ? 'X-RAY DIFFRACTION' ? 
p_orthonormal_tor   ?      ?     ? ? 'X-RAY DIFFRACTION' ? 
p_transverse_tor    16.7   20.0  ? ? 'X-RAY DIFFRACTION' ? 
p_special_tor       0      15    ? ? 'X-RAY DIFFRACTION' ? 
# 
_struct.entry_id                  1DZ3 
_struct.title                     'DOMAIN-SWAPPING IN THE SPORULATION RESPONSE REGULATOR SPO0A' 
_struct.pdbx_model_details        ? 
_struct.pdbx_CASP_flag            ? 
_struct.pdbx_model_type_details   ? 
# 
_struct_keywords.entry_id        1DZ3 
_struct_keywords.pdbx_keywords   'RESPONSE REGULATOR' 
_struct_keywords.text            'RESPONSE REGULATOR, DOMAIN SWAPPING' 
# 
loop_
_struct_asym.id 
_struct_asym.pdbx_blank_PDB_chainid_flag 
_struct_asym.pdbx_modified 
_struct_asym.entity_id 
_struct_asym.details 
A N N 1 ? 
B N N 2 ? 
C N N 3 ? 
# 
_struct_ref.id                         1 
_struct_ref.db_name                    UNP 
_struct_ref.db_code                    SP0A_GEOSE 
_struct_ref.pdbx_db_accession          P52934 
_struct_ref.pdbx_db_isoform            ? 
_struct_ref.entity_id                  1 
_struct_ref.pdbx_seq_one_letter_code   
;MSIKVCIADDNRELVSLLDEYISSQPDMEVIGTAYNGQDCLQMLEEKRPDILLLDIIMPHLDGLAVLERIRAGFEHQPNV
IMLTAFGQEDVTKKAVELGASYFILKPFDMENLAHHIRQVYGKTTPVVRK
;
_struct_ref.pdbx_align_begin           1 
# 
_struct_ref_seq.align_id                      1 
_struct_ref_seq.ref_id                        1 
_struct_ref_seq.pdbx_PDB_id_code              1DZ3 
_struct_ref_seq.pdbx_strand_id                A 
_struct_ref_seq.seq_align_beg                 1 
_struct_ref_seq.pdbx_seq_align_beg_ins_code   ? 
_struct_ref_seq.seq_align_end                 130 
_struct_ref_seq.pdbx_seq_align_end_ins_code   ? 
_struct_ref_seq.pdbx_db_accession             P52934 
_struct_ref_seq.db_align_beg                  1 
_struct_ref_seq.pdbx_db_align_beg_ins_code    ? 
_struct_ref_seq.db_align_end                  130 
_struct_ref_seq.pdbx_db_align_end_ins_code    ? 
_struct_ref_seq.pdbx_auth_seq_align_beg       1 
_struct_ref_seq.pdbx_auth_seq_align_end       130 
# 
_pdbx_struct_assembly.id                   1 
_pdbx_struct_assembly.details              software_defined_assembly 
_pdbx_struct_assembly.method_details       PQS 
_pdbx_struct_assembly.oligomeric_details   dimeric 
_pdbx_struct_assembly.oligomeric_count     2 
# 
loop_
_pdbx_struct_assembly_prop.biol_id 
_pdbx_struct_assembly_prop.type 
_pdbx_struct_assembly_prop.value 
_pdbx_struct_assembly_prop.details 
1 'ABSA (A^2)' 4000  ? 
1 MORE         -39.8 ? 
1 'SSA (A^2)'  15560 ? 
# 
_pdbx_struct_assembly_gen.assembly_id       1 
_pdbx_struct_assembly_gen.oper_expression   1,2 
_pdbx_struct_assembly_gen.asym_id_list      A,B,C 
# 
loop_
_pdbx_struct_oper_list.id 
_pdbx_struct_oper_list.type 
_pdbx_struct_oper_list.name 
_pdbx_struct_oper_list.symmetry_operation 
_pdbx_struct_oper_list.matrix[1][1] 
_pdbx_struct_oper_list.matrix[1][2] 
_pdbx_struct_oper_list.matrix[1][3] 
_pdbx_struct_oper_list.vector[1] 
_pdbx_struct_oper_list.matrix[2][1] 
_pdbx_struct_oper_list.matrix[2][2] 
_pdbx_struct_oper_list.matrix[2][3] 
_pdbx_struct_oper_list.vector[2] 
_pdbx_struct_oper_list.matrix[3][1] 
_pdbx_struct_oper_list.matrix[3][2] 
_pdbx_struct_oper_list.matrix[3][3] 
_pdbx_struct_oper_list.vector[3] 
1 'identity operation'         1_555 x,y,z  1.0000000000  0.0000000000  0.0000000000  0.0000000000  0.0000000000  1.0000000000  0.0000000000 0.0000000000  0.0000000000  0.0000000000 1.0000000000  0.0000000000  
2 'crystal symmetry operation' 4_555 y,x,-z -0.0703090938 -0.9184585034 -0.3892179451 19.8683642835 -0.9184585034 -0.0926381909 0.3845154653 15.5659288881 -0.3892179451 0.3845154653 -0.8370527153 10.7260672226 
# 
_struct_biol.id        1 
_struct_biol.details   
;BIOMOLECULEDIMER CRYSTALLISED AROUND                         
 CRYSTALLOGRAPHIC TWO-FOLDBIOLOGICAL_UNIT: DIMERIC
;
# 
loop_
_struct_conf.conf_type_id 
_struct_conf.id 
_struct_conf.pdbx_PDB_helix_id 
_struct_conf.beg_label_comp_id 
_struct_conf.beg_label_asym_id 
_struct_conf.beg_label_seq_id 
_struct_conf.pdbx_beg_PDB_ins_code 
_struct_conf.end_label_comp_id 
_struct_conf.end_label_asym_id 
_struct_conf.end_label_seq_id 
_struct_conf.pdbx_end_PDB_ins_code 
_struct_conf.beg_auth_comp_id 
_struct_conf.beg_auth_asym_id 
_struct_conf.beg_auth_seq_id 
_struct_conf.end_auth_comp_id 
_struct_conf.end_auth_asym_id 
_struct_conf.end_auth_seq_id 
_struct_conf.pdbx_PDB_helix_class 
_struct_conf.details 
_struct_conf.pdbx_PDB_helix_length 
HELX_P HELX_P1 1 ASN A 11  ? SER A 24  ? ASN A 11  SER A 24  1 ? 14 
HELX_P HELX_P2 2 ASN A 36  ? ARG A 48  ? ASN A 36  ARG A 48  1 ? 13 
HELX_P HELX_P3 3 ASP A 62  ? PHE A 74  ? ASP A 62  PHE A 74  1 ? 13 
HELX_P HELX_P4 4 GLN A 88  ? LEU A 98  ? GLN A 88  LEU A 98  1 ? 11 
HELX_P HELX_P5 5 ASN A 112 ? LYS A 123 ? ASN A 112 LYS A 123 1 ? 12 
# 
_struct_conf_type.id          HELX_P 
_struct_conf_type.criteria    ? 
_struct_conf_type.reference   ? 
# 
_struct_sheet.id               A 
_struct_sheet.type             ? 
_struct_sheet.number_strands   5 
_struct_sheet.details          ? 
# 
loop_
_struct_sheet_order.sheet_id 
_struct_sheet_order.range_id_1 
_struct_sheet_order.range_id_2 
_struct_sheet_order.offset 
_struct_sheet_order.sense 
A 1 2 ? parallel 
A 2 3 ? parallel 
A 3 4 ? parallel 
A 4 5 ? parallel 
# 
loop_
_struct_sheet_range.sheet_id 
_struct_sheet_range.id 
_struct_sheet_range.beg_label_comp_id 
_struct_sheet_range.beg_label_asym_id 
_struct_sheet_range.beg_label_seq_id 
_struct_sheet_range.pdbx_beg_PDB_ins_code 
_struct_sheet_range.end_label_comp_id 
_struct_sheet_range.end_label_asym_id 
_struct_sheet_range.end_label_seq_id 
_struct_sheet_range.pdbx_end_PDB_ins_code 
_struct_sheet_range.beg_auth_comp_id 
_struct_sheet_range.beg_auth_asym_id 
_struct_sheet_range.beg_auth_seq_id 
_struct_sheet_range.end_auth_comp_id 
_struct_sheet_range.end_auth_asym_id 
_struct_sheet_range.end_auth_seq_id 
A 1 SER A 101 ? LEU A 105 ? SER A 101 LEU A 105 
A 2 ASN A 79  ? ALA A 85  ? ASN A 79  ALA A 85  
A 3 ILE A 51  ? ASP A 55  ? ILE A 51  ASP A 55  
A 4 ILE A 3   ? ALA A 8   ? ILE A 3   ALA A 8   
A 5 MET A 28  ? ALA A 34  ? MET A 28  ALA A 34  
# 
loop_
_pdbx_struct_sheet_hbond.sheet_id 
_pdbx_struct_sheet_hbond.range_id_1 
_pdbx_struct_sheet_hbond.range_id_2 
_pdbx_struct_sheet_hbond.range_1_label_atom_id 
_pdbx_struct_sheet_hbond.range_1_label_comp_id 
_pdbx_struct_sheet_hbond.range_1_label_asym_id 
_pdbx_struct_sheet_hbond.range_1_label_seq_id 
_pdbx_struct_sheet_hbond.range_1_PDB_ins_code 
_pdbx_struct_sheet_hbond.range_1_auth_atom_id 
_pdbx_struct_sheet_hbond.range_1_auth_comp_id 
_pdbx_struct_sheet_hbond.range_1_auth_asym_id 
_pdbx_struct_sheet_hbond.range_1_auth_seq_id 
_pdbx_struct_sheet_hbond.range_2_label_atom_id 
_pdbx_struct_sheet_hbond.range_2_label_comp_id 
_pdbx_struct_sheet_hbond.range_2_label_asym_id 
_pdbx_struct_sheet_hbond.range_2_label_seq_id 
_pdbx_struct_sheet_hbond.range_2_PDB_ins_code 
_pdbx_struct_sheet_hbond.range_2_auth_atom_id 
_pdbx_struct_sheet_hbond.range_2_auth_comp_id 
_pdbx_struct_sheet_hbond.range_2_auth_asym_id 
_pdbx_struct_sheet_hbond.range_2_auth_seq_id 
A 1 2 O SER A 101 ? O SER A 101 N MET A 82 ? N MET A 82 
A 2 3 O ASN A 79  ? O ASN A 79  N LEU A 52 ? N LEU A 52 
A 3 4 O ILE A 51  ? O ILE A 51  N CYS A 6  ? N CYS A 6  
A 4 5 O ILE A 3   ? O ILE A 3   N GLU A 29 ? N GLU A 29 
# 
_struct_site.id                   AC1 
_struct_site.pdbx_evidence_code   Software 
_struct_site.pdbx_auth_asym_id    ? 
_struct_site.pdbx_auth_comp_id    ? 
_struct_site.pdbx_auth_seq_id     ? 
_struct_site.pdbx_auth_ins_code   ? 
_struct_site.pdbx_num_residues    7 
_struct_site.details              'BINDING SITE FOR RESIDUE SO4 S 1' 
# 
loop_
_struct_site_gen.id 
_struct_site_gen.site_id 
_struct_site_gen.pdbx_num_res 
_struct_site_gen.label_comp_id 
_struct_site_gen.label_asym_id 
_struct_site_gen.label_seq_id 
_struct_site_gen.pdbx_auth_ins_code 
_struct_site_gen.auth_comp_id 
_struct_site_gen.auth_asym_id 
_struct_site_gen.auth_seq_id 
_struct_site_gen.label_atom_id 
_struct_site_gen.label_alt_id 
_struct_site_gen.symmetry 
_struct_site_gen.details 
1 AC1 7 TYR A 21  ? TYR A 21  . ? 1_555 ? 
2 AC1 7 ASN A 112 ? ASN A 112 . ? 1_555 ? 
3 AC1 7 LEU A 113 ? LEU A 113 . ? 1_555 ? 
4 AC1 7 ALA A 114 ? ALA A 114 . ? 1_555 ? 
5 AC1 7 HIS A 115 ? HIS A 115 . ? 1_555 ? 
6 AC1 7 HOH C .   ? HOH A 334 . ? 1_555 ? 
7 AC1 7 HOH C .   ? HOH A 318 . ? 1_555 ? 
# 
loop_
_pdbx_validate_rmsd_bond.id 
_pdbx_validate_rmsd_bond.PDB_model_num 
_pdbx_validate_rmsd_bond.auth_atom_id_1 
_pdbx_validate_rmsd_bond.auth_asym_id_1 
_pdbx_validate_rmsd_bond.auth_comp_id_1 
_pdbx_validate_rmsd_bond.auth_seq_id_1 
_pdbx_validate_rmsd_bond.PDB_ins_code_1 
_pdbx_validate_rmsd_bond.label_alt_id_1 
_pdbx_validate_rmsd_bond.auth_atom_id_2 
_pdbx_validate_rmsd_bond.auth_asym_id_2 
_pdbx_validate_rmsd_bond.auth_comp_id_2 
_pdbx_validate_rmsd_bond.auth_seq_id_2 
_pdbx_validate_rmsd_bond.PDB_ins_code_2 
_pdbx_validate_rmsd_bond.label_alt_id_2 
_pdbx_validate_rmsd_bond.bond_value 
_pdbx_validate_rmsd_bond.bond_target_value 
_pdbx_validate_rmsd_bond.bond_deviation 
_pdbx_validate_rmsd_bond.bond_standard_deviation 
_pdbx_validate_rmsd_bond.linker_flag 
1 1 CG A GLU 13  ? ? CD A GLU 13  ? ? 1.768 1.515 0.253  0.015 N 
2 1 CG A GLU 29  ? ? CD A GLU 29  ? ? 1.272 1.515 -0.243 0.015 N 
3 1 CB A ASP 90  ? ? CG A ASP 90  ? ? 1.381 1.513 -0.132 0.021 N 
4 1 CB A LYS 123 ? ? CG A LYS 123 ? ? 1.193 1.521 -0.328 0.027 N 
# 
loop_
_pdbx_validate_rmsd_angle.id 
_pdbx_validate_rmsd_angle.PDB_model_num 
_pdbx_validate_rmsd_angle.auth_atom_id_1 
_pdbx_validate_rmsd_angle.auth_asym_id_1 
_pdbx_validate_rmsd_angle.auth_comp_id_1 
_pdbx_validate_rmsd_angle.auth_seq_id_1 
_pdbx_validate_rmsd_angle.PDB_ins_code_1 
_pdbx_validate_rmsd_angle.label_alt_id_1 
_pdbx_validate_rmsd_angle.auth_atom_id_2 
_pdbx_validate_rmsd_angle.auth_asym_id_2 
_pdbx_validate_rmsd_angle.auth_comp_id_2 
_pdbx_validate_rmsd_angle.auth_seq_id_2 
_pdbx_validate_rmsd_angle.PDB_ins_code_2 
_pdbx_validate_rmsd_angle.label_alt_id_2 
_pdbx_validate_rmsd_angle.auth_atom_id_3 
_pdbx_validate_rmsd_angle.auth_asym_id_3 
_pdbx_validate_rmsd_angle.auth_comp_id_3 
_pdbx_validate_rmsd_angle.auth_seq_id_3 
_pdbx_validate_rmsd_angle.PDB_ins_code_3 
_pdbx_validate_rmsd_angle.label_alt_id_3 
_pdbx_validate_rmsd_angle.angle_value 
_pdbx_validate_rmsd_angle.angle_target_value 
_pdbx_validate_rmsd_angle.angle_deviation 
_pdbx_validate_rmsd_angle.angle_standard_deviation 
_pdbx_validate_rmsd_angle.linker_flag 
1  1 CB A GLU 13  ? ? CG A GLU 13  ? ? CD  A GLU 13  ? ? 88.55  114.20 -25.65 2.70 N 
2  1 CG A GLU 13  ? ? CD A GLU 13  ? ? OE1 A GLU 13  ? ? 133.14 118.30 14.84  2.00 N 
3  1 CG A GLU 13  ? ? CD A GLU 13  ? ? OE2 A GLU 13  ? ? 103.68 118.30 -14.62 2.00 N 
4  1 CB A ASP 19  ? ? CG A ASP 19  ? ? OD1 A ASP 19  ? ? 124.35 118.30 6.05   0.90 N 
5  1 CB A ASP 19  ? ? CG A ASP 19  ? ? OD2 A ASP 19  ? ? 112.34 118.30 -5.96  0.90 N 
6  1 CA A MET 43  ? ? CB A MET 43  ? ? CG  A MET 43  ? A 125.44 113.30 12.14  1.70 N 
7  1 CB A ASP 50  ? ? CG A ASP 50  ? ? OD2 A ASP 50  ? ? 124.52 118.30 6.22   0.90 N 
8  1 CA A MET 82  ? ? CB A MET 82  ? ? CG  A MET 82  ? A 126.31 113.30 13.01  1.70 N 
9  1 CB A ASP 90  ? ? CG A ASP 90  ? ? OD1 A ASP 90  ? ? 107.80 118.30 -10.50 0.90 N 
10 1 CB A ASP 90  ? ? CG A ASP 90  ? ? OD2 A ASP 90  ? ? 128.69 118.30 10.39  0.90 N 
11 1 CB A PHE 103 ? ? CG A PHE 103 ? ? CD1 A PHE 103 ? ? 116.34 120.80 -4.46  0.70 N 
12 1 NE A ARG 118 ? ? CZ A ARG 118 ? ? NH1 A ARG 118 ? ? 123.32 120.30 3.02   0.50 N 
13 1 CA A LYS 123 ? ? CB A LYS 123 ? ? CG  A LYS 123 ? ? 137.14 113.40 23.74  2.20 N 
# 
loop_
_pdbx_validate_torsion.id 
_pdbx_validate_torsion.PDB_model_num 
_pdbx_validate_torsion.auth_comp_id 
_pdbx_validate_torsion.auth_asym_id 
_pdbx_validate_torsion.auth_seq_id 
_pdbx_validate_torsion.PDB_ins_code 
_pdbx_validate_torsion.label_alt_id 
_pdbx_validate_torsion.phi 
_pdbx_validate_torsion.psi 
1 1 ARG A 48  ? ? 38.99 67.11  
2 1 HIS A 60  ? ? 69.97 -57.09 
3 1 ASN A 112 ? ? 80.07 2.32   
# 
_pdbx_entry_details.entry_id                 1DZ3 
_pdbx_entry_details.compound_details         ? 
_pdbx_entry_details.source_details           ? 
_pdbx_entry_details.nonpolymer_details       ? 
_pdbx_entry_details.sequence_details         'N-TERMINAL DOMAIN ONLY, RESIDUES 1 - 130' 
_pdbx_entry_details.has_ligand_of_interest   ? 
# 
loop_
_pdbx_unobs_or_zero_occ_residues.id 
_pdbx_unobs_or_zero_occ_residues.PDB_model_num 
_pdbx_unobs_or_zero_occ_residues.polymer_flag 
_pdbx_unobs_or_zero_occ_residues.occupancy_flag 
_pdbx_unobs_or_zero_occ_residues.auth_asym_id 
_pdbx_unobs_or_zero_occ_residues.auth_comp_id 
_pdbx_unobs_or_zero_occ_residues.auth_seq_id 
_pdbx_unobs_or_zero_occ_residues.PDB_ins_code 
_pdbx_unobs_or_zero_occ_residues.label_asym_id 
_pdbx_unobs_or_zero_occ_residues.label_comp_id 
_pdbx_unobs_or_zero_occ_residues.label_seq_id 
1 1 Y 1 A MET 1   ? A MET 1   
2 1 Y 1 A THR 125 ? A THR 125 
3 1 Y 1 A PRO 126 ? A PRO 126 
4 1 Y 1 A VAL 127 ? A VAL 127 
5 1 Y 1 A VAL 128 ? A VAL 128 
6 1 Y 1 A ARG 129 ? A ARG 129 
7 1 Y 1 A LYS 130 ? A LYS 130 
# 
loop_
_chem_comp_atom.comp_id 
_chem_comp_atom.atom_id 
_chem_comp_atom.type_symbol 
_chem_comp_atom.pdbx_aromatic_flag 
_chem_comp_atom.pdbx_stereo_config 
_chem_comp_atom.pdbx_ordinal 
ALA N    N N N 1   
ALA CA   C N S 2   
ALA C    C N N 3   
ALA O    O N N 4   
ALA CB   C N N 5   
ALA OXT  O N N 6   
ALA H    H N N 7   
ALA H2   H N N 8   
ALA HA   H N N 9   
ALA HB1  H N N 10  
ALA HB2  H N N 11  
ALA HB3  H N N 12  
ALA HXT  H N N 13  
ARG N    N N N 14  
ARG CA   C N S 15  
ARG C    C N N 16  
ARG O    O N N 17  
ARG CB   C N N 18  
ARG CG   C N N 19  
ARG CD   C N N 20  
ARG NE   N N N 21  
ARG CZ   C N N 22  
ARG NH1  N N N 23  
ARG NH2  N N N 24  
ARG OXT  O N N 25  
ARG H    H N N 26  
ARG H2   H N N 27  
ARG HA   H N N 28  
ARG HB2  H N N 29  
ARG HB3  H N N 30  
ARG HG2  H N N 31  
ARG HG3  H N N 32  
ARG HD2  H N N 33  
ARG HD3  H N N 34  
ARG HE   H N N 35  
ARG HH11 H N N 36  
ARG HH12 H N N 37  
ARG HH21 H N N 38  
ARG HH22 H N N 39  
ARG HXT  H N N 40  
ASN N    N N N 41  
ASN CA   C N S 42  
ASN C    C N N 43  
ASN O    O N N 44  
ASN CB   C N N 45  
ASN CG   C N N 46  
ASN OD1  O N N 47  
ASN ND2  N N N 48  
ASN OXT  O N N 49  
ASN H    H N N 50  
ASN H2   H N N 51  
ASN HA   H N N 52  
ASN HB2  H N N 53  
ASN HB3  H N N 54  
ASN HD21 H N N 55  
ASN HD22 H N N 56  
ASN HXT  H N N 57  
ASP N    N N N 58  
ASP CA   C N S 59  
ASP C    C N N 60  
ASP O    O N N 61  
ASP CB   C N N 62  
ASP CG   C N N 63  
ASP OD1  O N N 64  
ASP OD2  O N N 65  
ASP OXT  O N N 66  
ASP H    H N N 67  
ASP H2   H N N 68  
ASP HA   H N N 69  
ASP HB2  H N N 70  
ASP HB3  H N N 71  
ASP HD2  H N N 72  
ASP HXT  H N N 73  
CYS N    N N N 74  
CYS CA   C N R 75  
CYS C    C N N 76  
CYS O    O N N 77  
CYS CB   C N N 78  
CYS SG   S N N 79  
CYS OXT  O N N 80  
CYS H    H N N 81  
CYS H2   H N N 82  
CYS HA   H N N 83  
CYS HB2  H N N 84  
CYS HB3  H N N 85  
CYS HG   H N N 86  
CYS HXT  H N N 87  
GLN N    N N N 88  
GLN CA   C N S 89  
GLN C    C N N 90  
GLN O    O N N 91  
GLN CB   C N N 92  
GLN CG   C N N 93  
GLN CD   C N N 94  
GLN OE1  O N N 95  
GLN NE2  N N N 96  
GLN OXT  O N N 97  
GLN H    H N N 98  
GLN H2   H N N 99  
GLN HA   H N N 100 
GLN HB2  H N N 101 
GLN HB3  H N N 102 
GLN HG2  H N N 103 
GLN HG3  H N N 104 
GLN HE21 H N N 105 
GLN HE22 H N N 106 
GLN HXT  H N N 107 
GLU N    N N N 108 
GLU CA   C N S 109 
GLU C    C N N 110 
GLU O    O N N 111 
GLU CB   C N N 112 
GLU CG   C N N 113 
GLU CD   C N N 114 
GLU OE1  O N N 115 
GLU OE2  O N N 116 
GLU OXT  O N N 117 
GLU H    H N N 118 
GLU H2   H N N 119 
GLU HA   H N N 120 
GLU HB2  H N N 121 
GLU HB3  H N N 122 
GLU HG2  H N N 123 
GLU HG3  H N N 124 
GLU HE2  H N N 125 
GLU HXT  H N N 126 
GLY N    N N N 127 
GLY CA   C N N 128 
GLY C    C N N 129 
GLY O    O N N 130 
GLY OXT  O N N 131 
GLY H    H N N 132 
GLY H2   H N N 133 
GLY HA2  H N N 134 
GLY HA3  H N N 135 
GLY HXT  H N N 136 
HIS N    N N N 137 
HIS CA   C N S 138 
HIS C    C N N 139 
HIS O    O N N 140 
HIS CB   C N N 141 
HIS CG   C Y N 142 
HIS ND1  N Y N 143 
HIS CD2  C Y N 144 
HIS CE1  C Y N 145 
HIS NE2  N Y N 146 
HIS OXT  O N N 147 
HIS H    H N N 148 
HIS H2   H N N 149 
HIS HA   H N N 150 
HIS HB2  H N N 151 
HIS HB3  H N N 152 
HIS HD1  H N N 153 
HIS HD2  H N N 154 
HIS HE1  H N N 155 
HIS HE2  H N N 156 
HIS HXT  H N N 157 
HOH O    O N N 158 
HOH H1   H N N 159 
HOH H2   H N N 160 
ILE N    N N N 161 
ILE CA   C N S 162 
ILE C    C N N 163 
ILE O    O N N 164 
ILE CB   C N S 165 
ILE CG1  C N N 166 
ILE CG2  C N N 167 
ILE CD1  C N N 168 
ILE OXT  O N N 169 
ILE H    H N N 170 
ILE H2   H N N 171 
ILE HA   H N N 172 
ILE HB   H N N 173 
ILE HG12 H N N 174 
ILE HG13 H N N 175 
ILE HG21 H N N 176 
ILE HG22 H N N 177 
ILE HG23 H N N 178 
ILE HD11 H N N 179 
ILE HD12 H N N 180 
ILE HD13 H N N 181 
ILE HXT  H N N 182 
LEU N    N N N 183 
LEU CA   C N S 184 
LEU C    C N N 185 
LEU O    O N N 186 
LEU CB   C N N 187 
LEU CG   C N N 188 
LEU CD1  C N N 189 
LEU CD2  C N N 190 
LEU OXT  O N N 191 
LEU H    H N N 192 
LEU H2   H N N 193 
LEU HA   H N N 194 
LEU HB2  H N N 195 
LEU HB3  H N N 196 
LEU HG   H N N 197 
LEU HD11 H N N 198 
LEU HD12 H N N 199 
LEU HD13 H N N 200 
LEU HD21 H N N 201 
LEU HD22 H N N 202 
LEU HD23 H N N 203 
LEU HXT  H N N 204 
LYS N    N N N 205 
LYS CA   C N S 206 
LYS C    C N N 207 
LYS O    O N N 208 
LYS CB   C N N 209 
LYS CG   C N N 210 
LYS CD   C N N 211 
LYS CE   C N N 212 
LYS NZ   N N N 213 
LYS OXT  O N N 214 
LYS H    H N N 215 
LYS H2   H N N 216 
LYS HA   H N N 217 
LYS HB2  H N N 218 
LYS HB3  H N N 219 
LYS HG2  H N N 220 
LYS HG3  H N N 221 
LYS HD2  H N N 222 
LYS HD3  H N N 223 
LYS HE2  H N N 224 
LYS HE3  H N N 225 
LYS HZ1  H N N 226 
LYS HZ2  H N N 227 
LYS HZ3  H N N 228 
LYS HXT  H N N 229 
MET N    N N N 230 
MET CA   C N S 231 
MET C    C N N 232 
MET O    O N N 233 
MET CB   C N N 234 
MET CG   C N N 235 
MET SD   S N N 236 
MET CE   C N N 237 
MET OXT  O N N 238 
MET H    H N N 239 
MET H2   H N N 240 
MET HA   H N N 241 
MET HB2  H N N 242 
MET HB3  H N N 243 
MET HG2  H N N 244 
MET HG3  H N N 245 
MET HE1  H N N 246 
MET HE2  H N N 247 
MET HE3  H N N 248 
MET HXT  H N N 249 
PHE N    N N N 250 
PHE CA   C N S 251 
PHE C    C N N 252 
PHE O    O N N 253 
PHE CB   C N N 254 
PHE CG   C Y N 255 
PHE CD1  C Y N 256 
PHE CD2  C Y N 257 
PHE CE1  C Y N 258 
PHE CE2  C Y N 259 
PHE CZ   C Y N 260 
PHE OXT  O N N 261 
PHE H    H N N 262 
PHE H2   H N N 263 
PHE HA   H N N 264 
PHE HB2  H N N 265 
PHE HB3  H N N 266 
PHE HD1  H N N 267 
PHE HD2  H N N 268 
PHE HE1  H N N 269 
PHE HE2  H N N 270 
PHE HZ   H N N 271 
PHE HXT  H N N 272 
PRO N    N N N 273 
PRO CA   C N S 274 
PRO C    C N N 275 
PRO O    O N N 276 
PRO CB   C N N 277 
PRO CG   C N N 278 
PRO CD   C N N 279 
PRO OXT  O N N 280 
PRO H    H N N 281 
PRO HA   H N N 282 
PRO HB2  H N N 283 
PRO HB3  H N N 284 
PRO HG2  H N N 285 
PRO HG3  H N N 286 
PRO HD2  H N N 287 
PRO HD3  H N N 288 
PRO HXT  H N N 289 
SER N    N N N 290 
SER CA   C N S 291 
SER C    C N N 292 
SER O    O N N 293 
SER CB   C N N 294 
SER OG   O N N 295 
SER OXT  O N N 296 
SER H    H N N 297 
SER H2   H N N 298 
SER HA   H N N 299 
SER HB2  H N N 300 
SER HB3  H N N 301 
SER HG   H N N 302 
SER HXT  H N N 303 
SO4 S    S N N 304 
SO4 O1   O N N 305 
SO4 O2   O N N 306 
SO4 O3   O N N 307 
SO4 O4   O N N 308 
THR N    N N N 309 
THR CA   C N S 310 
THR C    C N N 311 
THR O    O N N 312 
THR CB   C N R 313 
THR OG1  O N N 314 
THR CG2  C N N 315 
THR OXT  O N N 316 
THR H    H N N 317 
THR H2   H N N 318 
THR HA   H N N 319 
THR HB   H N N 320 
THR HG1  H N N 321 
THR HG21 H N N 322 
THR HG22 H N N 323 
THR HG23 H N N 324 
THR HXT  H N N 325 
TYR N    N N N 326 
TYR CA   C N S 327 
TYR C    C N N 328 
TYR O    O N N 329 
TYR CB   C N N 330 
TYR CG   C Y N 331 
TYR CD1  C Y N 332 
TYR CD2  C Y N 333 
TYR CE1  C Y N 334 
TYR CE2  C Y N 335 
TYR CZ   C Y N 336 
TYR OH   O N N 337 
TYR OXT  O N N 338 
TYR H    H N N 339 
TYR H2   H N N 340 
TYR HA   H N N 341 
TYR HB2  H N N 342 
TYR HB3  H N N 343 
TYR HD1  H N N 344 
TYR HD2  H N N 345 
TYR HE1  H N N 346 
TYR HE2  H N N 347 
TYR HH   H N N 348 
TYR HXT  H N N 349 
VAL N    N N N 350 
VAL CA   C N S 351 
VAL C    C N N 352 
VAL O    O N N 353 
VAL CB   C N N 354 
VAL CG1  C N N 355 
VAL CG2  C N N 356 
VAL OXT  O N N 357 
VAL H    H N N 358 
VAL H2   H N N 359 
VAL HA   H N N 360 
VAL HB   H N N 361 
VAL HG11 H N N 362 
VAL HG12 H N N 363 
VAL HG13 H N N 364 
VAL HG21 H N N 365 
VAL HG22 H N N 366 
VAL HG23 H N N 367 
VAL HXT  H N N 368 
# 
loop_
_chem_comp_bond.comp_id 
_chem_comp_bond.atom_id_1 
_chem_comp_bond.atom_id_2 
_chem_comp_bond.value_order 
_chem_comp_bond.pdbx_aromatic_flag 
_chem_comp_bond.pdbx_stereo_config 
_chem_comp_bond.pdbx_ordinal 
ALA N   CA   sing N N 1   
ALA N   H    sing N N 2   
ALA N   H2   sing N N 3   
ALA CA  C    sing N N 4   
ALA CA  CB   sing N N 5   
ALA CA  HA   sing N N 6   
ALA C   O    doub N N 7   
ALA C   OXT  sing N N 8   
ALA CB  HB1  sing N N 9   
ALA CB  HB2  sing N N 10  
ALA CB  HB3  sing N N 11  
ALA OXT HXT  sing N N 12  
ARG N   CA   sing N N 13  
ARG N   H    sing N N 14  
ARG N   H2   sing N N 15  
ARG CA  C    sing N N 16  
ARG CA  CB   sing N N 17  
ARG CA  HA   sing N N 18  
ARG C   O    doub N N 19  
ARG C   OXT  sing N N 20  
ARG CB  CG   sing N N 21  
ARG CB  HB2  sing N N 22  
ARG CB  HB3  sing N N 23  
ARG CG  CD   sing N N 24  
ARG CG  HG2  sing N N 25  
ARG CG  HG3  sing N N 26  
ARG CD  NE   sing N N 27  
ARG CD  HD2  sing N N 28  
ARG CD  HD3  sing N N 29  
ARG NE  CZ   sing N N 30  
ARG NE  HE   sing N N 31  
ARG CZ  NH1  sing N N 32  
ARG CZ  NH2  doub N N 33  
ARG NH1 HH11 sing N N 34  
ARG NH1 HH12 sing N N 35  
ARG NH2 HH21 sing N N 36  
ARG NH2 HH22 sing N N 37  
ARG OXT HXT  sing N N 38  
ASN N   CA   sing N N 39  
ASN N   H    sing N N 40  
ASN N   H2   sing N N 41  
ASN CA  C    sing N N 42  
ASN CA  CB   sing N N 43  
ASN CA  HA   sing N N 44  
ASN C   O    doub N N 45  
ASN C   OXT  sing N N 46  
ASN CB  CG   sing N N 47  
ASN CB  HB2  sing N N 48  
ASN CB  HB3  sing N N 49  
ASN CG  OD1  doub N N 50  
ASN CG  ND2  sing N N 51  
ASN ND2 HD21 sing N N 52  
ASN ND2 HD22 sing N N 53  
ASN OXT HXT  sing N N 54  
ASP N   CA   sing N N 55  
ASP N   H    sing N N 56  
ASP N   H2   sing N N 57  
ASP CA  C    sing N N 58  
ASP CA  CB   sing N N 59  
ASP CA  HA   sing N N 60  
ASP C   O    doub N N 61  
ASP C   OXT  sing N N 62  
ASP CB  CG   sing N N 63  
ASP CB  HB2  sing N N 64  
ASP CB  HB3  sing N N 65  
ASP CG  OD1  doub N N 66  
ASP CG  OD2  sing N N 67  
ASP OD2 HD2  sing N N 68  
ASP OXT HXT  sing N N 69  
CYS N   CA   sing N N 70  
CYS N   H    sing N N 71  
CYS N   H2   sing N N 72  
CYS CA  C    sing N N 73  
CYS CA  CB   sing N N 74  
CYS CA  HA   sing N N 75  
CYS C   O    doub N N 76  
CYS C   OXT  sing N N 77  
CYS CB  SG   sing N N 78  
CYS CB  HB2  sing N N 79  
CYS CB  HB3  sing N N 80  
CYS SG  HG   sing N N 81  
CYS OXT HXT  sing N N 82  
GLN N   CA   sing N N 83  
GLN N   H    sing N N 84  
GLN N   H2   sing N N 85  
GLN CA  C    sing N N 86  
GLN CA  CB   sing N N 87  
GLN CA  HA   sing N N 88  
GLN C   O    doub N N 89  
GLN C   OXT  sing N N 90  
GLN CB  CG   sing N N 91  
GLN CB  HB2  sing N N 92  
GLN CB  HB3  sing N N 93  
GLN CG  CD   sing N N 94  
GLN CG  HG2  sing N N 95  
GLN CG  HG3  sing N N 96  
GLN CD  OE1  doub N N 97  
GLN CD  NE2  sing N N 98  
GLN NE2 HE21 sing N N 99  
GLN NE2 HE22 sing N N 100 
GLN OXT HXT  sing N N 101 
GLU N   CA   sing N N 102 
GLU N   H    sing N N 103 
GLU N   H2   sing N N 104 
GLU CA  C    sing N N 105 
GLU CA  CB   sing N N 106 
GLU CA  HA   sing N N 107 
GLU C   O    doub N N 108 
GLU C   OXT  sing N N 109 
GLU CB  CG   sing N N 110 
GLU CB  HB2  sing N N 111 
GLU CB  HB3  sing N N 112 
GLU CG  CD   sing N N 113 
GLU CG  HG2  sing N N 114 
GLU CG  HG3  sing N N 115 
GLU CD  OE1  doub N N 116 
GLU CD  OE2  sing N N 117 
GLU OE2 HE2  sing N N 118 
GLU OXT HXT  sing N N 119 
GLY N   CA   sing N N 120 
GLY N   H    sing N N 121 
GLY N   H2   sing N N 122 
GLY CA  C    sing N N 123 
GLY CA  HA2  sing N N 124 
GLY CA  HA3  sing N N 125 
GLY C   O    doub N N 126 
GLY C   OXT  sing N N 127 
GLY OXT HXT  sing N N 128 
HIS N   CA   sing N N 129 
HIS N   H    sing N N 130 
HIS N   H2   sing N N 131 
HIS CA  C    sing N N 132 
HIS CA  CB   sing N N 133 
HIS CA  HA   sing N N 134 
HIS C   O    doub N N 135 
HIS C   OXT  sing N N 136 
HIS CB  CG   sing N N 137 
HIS CB  HB2  sing N N 138 
HIS CB  HB3  sing N N 139 
HIS CG  ND1  sing Y N 140 
HIS CG  CD2  doub Y N 141 
HIS ND1 CE1  doub Y N 142 
HIS ND1 HD1  sing N N 143 
HIS CD2 NE2  sing Y N 144 
HIS CD2 HD2  sing N N 145 
HIS CE1 NE2  sing Y N 146 
HIS CE1 HE1  sing N N 147 
HIS NE2 HE2  sing N N 148 
HIS OXT HXT  sing N N 149 
HOH O   H1   sing N N 150 
HOH O   H2   sing N N 151 
ILE N   CA   sing N N 152 
ILE N   H    sing N N 153 
ILE N   H2   sing N N 154 
ILE CA  C    sing N N 155 
ILE CA  CB   sing N N 156 
ILE CA  HA   sing N N 157 
ILE C   O    doub N N 158 
ILE C   OXT  sing N N 159 
ILE CB  CG1  sing N N 160 
ILE CB  CG2  sing N N 161 
ILE CB  HB   sing N N 162 
ILE CG1 CD1  sing N N 163 
ILE CG1 HG12 sing N N 164 
ILE CG1 HG13 sing N N 165 
ILE CG2 HG21 sing N N 166 
ILE CG2 HG22 sing N N 167 
ILE CG2 HG23 sing N N 168 
ILE CD1 HD11 sing N N 169 
ILE CD1 HD12 sing N N 170 
ILE CD1 HD13 sing N N 171 
ILE OXT HXT  sing N N 172 
LEU N   CA   sing N N 173 
LEU N   H    sing N N 174 
LEU N   H2   sing N N 175 
LEU CA  C    sing N N 176 
LEU CA  CB   sing N N 177 
LEU CA  HA   sing N N 178 
LEU C   O    doub N N 179 
LEU C   OXT  sing N N 180 
LEU CB  CG   sing N N 181 
LEU CB  HB2  sing N N 182 
LEU CB  HB3  sing N N 183 
LEU CG  CD1  sing N N 184 
LEU CG  CD2  sing N N 185 
LEU CG  HG   sing N N 186 
LEU CD1 HD11 sing N N 187 
LEU CD1 HD12 sing N N 188 
LEU CD1 HD13 sing N N 189 
LEU CD2 HD21 sing N N 190 
LEU CD2 HD22 sing N N 191 
LEU CD2 HD23 sing N N 192 
LEU OXT HXT  sing N N 193 
LYS N   CA   sing N N 194 
LYS N   H    sing N N 195 
LYS N   H2   sing N N 196 
LYS CA  C    sing N N 197 
LYS CA  CB   sing N N 198 
LYS CA  HA   sing N N 199 
LYS C   O    doub N N 200 
LYS C   OXT  sing N N 201 
LYS CB  CG   sing N N 202 
LYS CB  HB2  sing N N 203 
LYS CB  HB3  sing N N 204 
LYS CG  CD   sing N N 205 
LYS CG  HG2  sing N N 206 
LYS CG  HG3  sing N N 207 
LYS CD  CE   sing N N 208 
LYS CD  HD2  sing N N 209 
LYS CD  HD3  sing N N 210 
LYS CE  NZ   sing N N 211 
LYS CE  HE2  sing N N 212 
LYS CE  HE3  sing N N 213 
LYS NZ  HZ1  sing N N 214 
LYS NZ  HZ2  sing N N 215 
LYS NZ  HZ3  sing N N 216 
LYS OXT HXT  sing N N 217 
MET N   CA   sing N N 218 
MET N   H    sing N N 219 
MET N   H2   sing N N 220 
MET CA  C    sing N N 221 
MET CA  CB   sing N N 222 
MET CA  HA   sing N N 223 
MET C   O    doub N N 224 
MET C   OXT  sing N N 225 
MET CB  CG   sing N N 226 
MET CB  HB2  sing N N 227 
MET CB  HB3  sing N N 228 
MET CG  SD   sing N N 229 
MET CG  HG2  sing N N 230 
MET CG  HG3  sing N N 231 
MET SD  CE   sing N N 232 
MET CE  HE1  sing N N 233 
MET CE  HE2  sing N N 234 
MET CE  HE3  sing N N 235 
MET OXT HXT  sing N N 236 
PHE N   CA   sing N N 237 
PHE N   H    sing N N 238 
PHE N   H2   sing N N 239 
PHE CA  C    sing N N 240 
PHE CA  CB   sing N N 241 
PHE CA  HA   sing N N 242 
PHE C   O    doub N N 243 
PHE C   OXT  sing N N 244 
PHE CB  CG   sing N N 245 
PHE CB  HB2  sing N N 246 
PHE CB  HB3  sing N N 247 
PHE CG  CD1  doub Y N 248 
PHE CG  CD2  sing Y N 249 
PHE CD1 CE1  sing Y N 250 
PHE CD1 HD1  sing N N 251 
PHE CD2 CE2  doub Y N 252 
PHE CD2 HD2  sing N N 253 
PHE CE1 CZ   doub Y N 254 
PHE CE1 HE1  sing N N 255 
PHE CE2 CZ   sing Y N 256 
PHE CE2 HE2  sing N N 257 
PHE CZ  HZ   sing N N 258 
PHE OXT HXT  sing N N 259 
PRO N   CA   sing N N 260 
PRO N   CD   sing N N 261 
PRO N   H    sing N N 262 
PRO CA  C    sing N N 263 
PRO CA  CB   sing N N 264 
PRO CA  HA   sing N N 265 
PRO C   O    doub N N 266 
PRO C   OXT  sing N N 267 
PRO CB  CG   sing N N 268 
PRO CB  HB2  sing N N 269 
PRO CB  HB3  sing N N 270 
PRO CG  CD   sing N N 271 
PRO CG  HG2  sing N N 272 
PRO CG  HG3  sing N N 273 
PRO CD  HD2  sing N N 274 
PRO CD  HD3  sing N N 275 
PRO OXT HXT  sing N N 276 
SER N   CA   sing N N 277 
SER N   H    sing N N 278 
SER N   H2   sing N N 279 
SER CA  C    sing N N 280 
SER CA  CB   sing N N 281 
SER CA  HA   sing N N 282 
SER C   O    doub N N 283 
SER C   OXT  sing N N 284 
SER CB  OG   sing N N 285 
SER CB  HB2  sing N N 286 
SER CB  HB3  sing N N 287 
SER OG  HG   sing N N 288 
SER OXT HXT  sing N N 289 
SO4 S   O1   doub N N 290 
SO4 S   O2   doub N N 291 
SO4 S   O3   sing N N 292 
SO4 S   O4   sing N N 293 
THR N   CA   sing N N 294 
THR N   H    sing N N 295 
THR N   H2   sing N N 296 
THR CA  C    sing N N 297 
THR CA  CB   sing N N 298 
THR CA  HA   sing N N 299 
THR C   O    doub N N 300 
THR C   OXT  sing N N 301 
THR CB  OG1  sing N N 302 
THR CB  CG2  sing N N 303 
THR CB  HB   sing N N 304 
THR OG1 HG1  sing N N 305 
THR CG2 HG21 sing N N 306 
THR CG2 HG22 sing N N 307 
THR CG2 HG23 sing N N 308 
THR OXT HXT  sing N N 309 
TYR N   CA   sing N N 310 
TYR N   H    sing N N 311 
TYR N   H2   sing N N 312 
TYR CA  C    sing N N 313 
TYR CA  CB   sing N N 314 
TYR CA  HA   sing N N 315 
TYR C   O    doub N N 316 
TYR C   OXT  sing N N 317 
TYR CB  CG   sing N N 318 
TYR CB  HB2  sing N N 319 
TYR CB  HB3  sing N N 320 
TYR CG  CD1  doub Y N 321 
TYR CG  CD2  sing Y N 322 
TYR CD1 CE1  sing Y N 323 
TYR CD1 HD1  sing N N 324 
TYR CD2 CE2  doub Y N 325 
TYR CD2 HD2  sing N N 326 
TYR CE1 CZ   doub Y N 327 
TYR CE1 HE1  sing N N 328 
TYR CE2 CZ   sing Y N 329 
TYR CE2 HE2  sing N N 330 
TYR CZ  OH   sing N N 331 
TYR OH  HH   sing N N 332 
TYR OXT HXT  sing N N 333 
VAL N   CA   sing N N 334 
VAL N   H    sing N N 335 
VAL N   H2   sing N N 336 
VAL CA  C    sing N N 337 
VAL CA  CB   sing N N 338 
VAL CA  HA   sing N N 339 
VAL C   O    doub N N 340 
VAL C   OXT  sing N N 341 
VAL CB  CG1  sing N N 342 
VAL CB  CG2  sing N N 343 
VAL CB  HB   sing N N 344 
VAL CG1 HG11 sing N N 345 
VAL CG1 HG12 sing N N 346 
VAL CG1 HG13 sing N N 347 
VAL CG2 HG21 sing N N 348 
VAL CG2 HG22 sing N N 349 
VAL CG2 HG23 sing N N 350 
VAL OXT HXT  sing N N 351 
# 
_atom_sites.entry_id                    1DZ3 
_atom_sites.fract_transf_matrix[1][1]   0.01078965 
_atom_sites.fract_transf_matrix[1][2]   -0.00827055 
_atom_sites.fract_transf_matrix[1][3]   -0.01406771 
_atom_sites.fract_transf_matrix[2][1]   0.01231270 
_atom_sites.fract_transf_matrix[2][2]   -0.01455275 
_atom_sites.fract_transf_matrix[2][3]   0.00439614 
_atom_sites.fract_transf_matrix[3][1]   -0.01086133 
_atom_sites.fract_transf_matrix[3][2]   -0.00994055 
_atom_sites.fract_transf_matrix[3][3]   -0.00248627 
_atom_sites.fract_transf_vector[1]      0.484384 
_atom_sites.fract_transf_vector[2]      0.419115 
_atom_sites.fract_transf_vector[3]      0.198599 
# 
loop_
_atom_type.symbol 
C 
N 
O 
S 
# 
loop_
_atom_site.group_PDB 
_atom_site.id 
_atom_site.type_symbol 
_atom_site.label_atom_id 
_atom_site.label_alt_id 
_atom_site.label_comp_id 
_atom_site.label_asym_id 
_atom_site.label_entity_id 
_atom_site.label_seq_id 
_atom_site.pdbx_PDB_ins_code 
_atom_site.Cartn_x 
_atom_site.Cartn_y 
_atom_site.Cartn_z 
_atom_site.occupancy 
_atom_site.B_iso_or_equiv 
_atom_site.pdbx_formal_charge 
_atom_site.auth_seq_id 
_atom_site.auth_comp_id 
_atom_site.auth_asym_id 
_atom_site.auth_atom_id 
_atom_site.pdbx_PDB_model_num 
ATOM   1    N N   . SER A 1 2   ? -15.213 2.583   9.940   1.00   52.54 ? 2   SER A N   1 
ATOM   2    C CA  . SER A 1 2   ? -13.932 1.816   9.929   1.00   50.00 ? 2   SER A CA  1 
ATOM   3    C C   . SER A 1 2   ? -13.508 1.381   8.527   1.00   49.27 ? 2   SER A C   1 
ATOM   4    O O   . SER A 1 2   ? -14.040 0.416   7.971   1.00   48.25 ? 2   SER A O   1 
ATOM   5    C CB  . SER A 1 2   ? -14.056 0.610   10.857  1.00   55.72 ? 2   SER A CB  1 
ATOM   6    O OG  . SER A 1 2   ? -12.997 -0.313  10.673  1.00   62.39 ? 2   SER A OG  1 
ATOM   7    N N   . ILE A 1 3   ? -12.553 2.099   7.954   1.00   42.88 ? 3   ILE A N   1 
ATOM   8    C CA  . ILE A 1 3   ? -11.997 1.748   6.638   1.00   40.02 ? 3   ILE A CA  1 
ATOM   9    C C   . ILE A 1 3   ? -11.136 0.496   6.791   1.00   35.22 ? 3   ILE A C   1 
ATOM   10   O O   . ILE A 1 3   ? -10.160 0.510   7.554   1.00   36.46 ? 3   ILE A O   1 
ATOM   11   C CB  . ILE A 1 3   ? -11.160 2.919   6.075   1.00   35.82 ? 3   ILE A CB  1 
ATOM   12   C CG1 . ILE A 1 3   ? -11.975 4.201   5.915   1.00   36.33 ? 3   ILE A CG1 1 
ATOM   13   C CG2 . ILE A 1 3   ? -10.551 2.503   4.734   1.00   34.22 ? 3   ILE A CG2 1 
ATOM   14   C CD1 . ILE A 1 3   ? -11.269 5.372   5.262   1.00   42.29 ? 3   ILE A CD1 1 
ATOM   15   N N   . LYS A 1 4   ? -11.474 -0.579  6.086   1.00   33.36 ? 4   LYS A N   1 
ATOM   16   C CA  . LYS A 1 4   ? -10.728 -1.831  6.219   1.00   33.66 ? 4   LYS A CA  1 
ATOM   17   C C   . LYS A 1 4   ? -9.621  -1.901  5.141   1.00   32.73 ? 4   LYS A C   1 
ATOM   18   O O   . LYS A 1 4   ? -9.917  -1.814  3.950   1.00   32.36 ? 4   LYS A O   1 
ATOM   19   C CB  . LYS A 1 4   ? -11.654 -3.028  6.124   1.00   42.41 ? 4   LYS A CB  1 
ATOM   20   C CG  . LYS A 1 4   ? -12.719 -3.091  7.225   1.00   41.92 ? 4   LYS A CG  1 
ATOM   21   C CD  . LYS A 1 4   ? -13.320 -4.600  6.980   0.0000 20.00 ? 4   LYS A CD  1 
ATOM   22   C CE  . LYS A 1 4   ? -13.323 -5.343  8.321   0.0000 20.00 ? 4   LYS A CE  1 
ATOM   23   N NZ  . LYS A 1 4   ? -13.841 -6.697  8.134   0.0000 20.00 ? 4   LYS A NZ  1 
ATOM   24   N N   . VAL A 1 5   ? -8.401  -2.061  5.595   1.00   32.54 ? 5   VAL A N   1 
ATOM   25   C CA  . VAL A 1 5   ? -7.206  -2.051  4.756   1.00   31.00 ? 5   VAL A CA  1 
ATOM   26   C C   . VAL A 1 5   ? -6.450  -3.357  4.730   1.00   30.91 ? 5   VAL A C   1 
ATOM   27   O O   . VAL A 1 5   ? -6.218  -3.980  5.799   1.00   30.93 ? 5   VAL A O   1 
ATOM   28   C CB  . VAL A 1 5   ? -6.262  -0.911  5.289   1.00   25.45 ? 5   VAL A CB  1 
ATOM   29   C CG1 . VAL A 1 5   ? -5.011  -0.888  4.418   1.00   26.92 ? 5   VAL A CG1 1 
ATOM   30   C CG2 . VAL A 1 5   ? -6.972  0.434   5.358   1.00   25.86 ? 5   VAL A CG2 1 
ATOM   31   N N   . CYS A 1 6   ? -5.998  -3.871  3.577   1.00   27.49 ? 6   CYS A N   1 
ATOM   32   C CA  . CYS A 1 6   ? -5.098  -4.997  3.412   1.00   22.58 ? 6   CYS A CA  1 
ATOM   33   C C   . CYS A 1 6   ? -3.771  -4.482  2.760   1.00   24.02 ? 6   CYS A C   1 
ATOM   34   O O   . CYS A 1 6   ? -3.886  -3.450  2.095   1.00   26.33 ? 6   CYS A O   1 
ATOM   35   C CB  . CYS A 1 6   ? -5.581  -6.040  2.392   1.00   22.45 ? 6   CYS A CB  1 
ATOM   36   S SG  . CYS A 1 6   ? -6.798  -7.146  3.208   1.00   32.65 ? 6   CYS A SG  1 
ATOM   37   N N   . ILE A 1 7   ? -2.660  -5.042  3.182   1.00   23.05 ? 7   ILE A N   1 
ATOM   38   C CA  . ILE A 1 7   ? -1.327  -4.632  2.716   1.00   24.06 ? 7   ILE A CA  1 
ATOM   39   C C   . ILE A 1 7   ? -0.699  -5.789  2.001   1.00   24.91 ? 7   ILE A C   1 
ATOM   40   O O   . ILE A 1 7   ? -0.601  -6.911  2.519   1.00   29.78 ? 7   ILE A O   1 
ATOM   41   C CB  . ILE A 1 7   ? -0.414  -4.168  3.925   1.00   19.66 ? 7   ILE A CB  1 
ATOM   42   C CG1 . ILE A 1 7   ? -1.135  -2.994  4.568   1.00   25.42 ? 7   ILE A CG1 1 
ATOM   43   C CG2 . ILE A 1 7   ? 0.956   -3.842  3.434   1.00   24.93 ? 7   ILE A CG2 1 
ATOM   44   C CD1 . ILE A 1 7   ? -0.653  -2.771  6.004   1.00   28.89 ? 7   ILE A CD1 1 
ATOM   45   N N   . ALA A 1 8   ? -0.096  -5.582  0.828   1.00   22.70 ? 8   ALA A N   1 
ATOM   46   C CA  . ALA A 1 8   ? 0.611   -6.634  0.118   1.00   19.35 ? 8   ALA A CA  1 
ATOM   47   C C   . ALA A 1 8   ? 1.887   -6.036  -0.482  1.00   21.66 ? 8   ALA A C   1 
ATOM   48   O O   . ALA A 1 8   ? 1.849   -5.192  -1.380  1.00   22.97 ? 8   ALA A O   1 
ATOM   49   C CB  . ALA A 1 8   ? -0.321  -7.147  -0.988  1.00   21.65 ? 8   ALA A CB  1 
ATOM   50   N N   . ASP A 1 9   ? 3.056   -6.467  0.040   1.00   23.64 ? 9   ASP A N   1 
ATOM   51   C CA  . ASP A 1 9   ? 4.342   -5.916  -0.434  1.00   21.08 ? 9   ASP A CA  1 
ATOM   52   C C   . ASP A 1 9   ? 5.451   -6.902  -0.030  1.00   24.39 ? 9   ASP A C   1 
ATOM   53   O O   . ASP A 1 9   ? 5.305   -7.527  1.006   1.00   25.81 ? 9   ASP A O   1 
ATOM   54   C CB  . ASP A 1 9   ? 4.570   -4.534  0.175   1.00   24.33 ? 9   ASP A CB  1 
ATOM   55   C CG  . ASP A 1 9   ? 5.675   -3.706  -0.382  1.00   26.41 ? 9   ASP A CG  1 
ATOM   56   O OD1 . ASP A 1 9   ? 6.862   -4.065  -0.148  1.00   27.27 ? 9   ASP A OD1 1 
ATOM   57   O OD2 . ASP A 1 9   ? 5.413   -2.717  -1.130  1.00   26.12 ? 9   ASP A OD2 1 
ATOM   58   N N   . ASP A 1 10  ? 6.540   -7.015  -0.779  1.00   26.85 ? 10  ASP A N   1 
ATOM   59   C CA  . ASP A 1 10  ? 7.525   -8.014  -0.351  1.00   28.84 ? 10  ASP A CA  1 
ATOM   60   C C   . ASP A 1 10  ? 8.648   -7.455  0.518   1.00   30.91 ? 10  ASP A C   1 
ATOM   61   O O   . ASP A 1 10  ? 9.487   -8.270  0.931   1.00   32.06 ? 10  ASP A O   1 
ATOM   62   C CB  . ASP A 1 10  ? 8.109   -8.766  -1.547  1.00   33.84 ? 10  ASP A CB  1 
ATOM   63   C CG  . ASP A 1 10  ? 8.847   -7.882  -2.496  1.00   36.37 ? 10  ASP A CG  1 
ATOM   64   O OD1 . ASP A 1 10  ? 9.163   -6.702  -2.227  1.00   38.84 ? 10  ASP A OD1 1 
ATOM   65   O OD2 . ASP A 1 10  ? 9.155   -8.396  -3.609  1.00   46.71 ? 10  ASP A OD2 1 
ATOM   66   N N   . ASN A 1 11  ? 8.541   -6.176  0.867   1.00   26.32 ? 11  ASN A N   1 
ATOM   67   C CA  . ASN A 1 11  ? 9.517   -5.620  1.820   1.00   29.42 ? 11  ASN A CA  1 
ATOM   68   C C   . ASN A 1 11  ? 8.921   -5.728  3.218   1.00   30.35 ? 11  ASN A C   1 
ATOM   69   O O   . ASN A 1 11  ? 7.925   -5.078  3.576   1.00   27.15 ? 11  ASN A O   1 
ATOM   70   C CB  . ASN A 1 11  ? 9.838   -4.186  1.416   1.00   27.25 ? 11  ASN A CB  1 
ATOM   71   C CG  . ASN A 1 11  ? 10.883  -3.573  2.362   1.00   32.03 ? 11  ASN A CG  1 
ATOM   72   O OD1 . ASN A 1 11  ? 10.797  -3.681  3.574   1.00   30.82 ? 11  ASN A OD1 1 
ATOM   73   N ND2 . ASN A 1 11  ? 11.905  -2.954  1.792   1.00   37.69 ? 11  ASN A ND2 1 
ATOM   74   N N   . ARG A 1 12  ? 9.502   -6.665  3.987   1.00   33.11 ? 12  ARG A N   1 
ATOM   75   C CA  . ARG A 1 12  ? 8.948   -6.965  5.313   1.00   31.11 ? 12  ARG A CA  1 
ATOM   76   C C   . ARG A 1 12  ? 9.000   -5.768  6.261   1.00   29.86 ? 12  ARG A C   1 
ATOM   77   O O   . ARG A 1 12  ? 8.049   -5.623  7.050   1.00   31.08 ? 12  ARG A O   1 
ATOM   78   C CB  . ARG A 1 12  ? 9.728   -8.135  5.941   1.00   35.01 ? 12  ARG A CB  1 
ATOM   79   C CG  . ARG A 1 12  ? 9.606   -9.452  5.197   1.00   40.38 ? 12  ARG A CG  1 
ATOM   80   C CD  . ARG A 1 12  ? 10.054  -10.643 6.053   1.00   40.68 ? 12  ARG A CD  1 
ATOM   81   N NE  . ARG A 1 12  ? 9.148   -10.850 7.174   1.00   47.96 ? 12  ARG A NE  1 
ATOM   82   C CZ  . ARG A 1 12  ? 7.987   -11.490 7.139   1.00   49.75 ? 12  ARG A CZ  1 
ATOM   83   N NH1 . ARG A 1 12  ? 7.558   -12.023 5.997   1.00   48.84 ? 12  ARG A NH1 1 
ATOM   84   N NH2 . ARG A 1 12  ? 7.238   -11.607 8.232   1.00   52.91 ? 12  ARG A NH2 1 
ATOM   85   N N   . GLU A 1 13  ? 10.077  -5.019  6.187   1.00   29.86 ? 13  GLU A N   1 
ATOM   86   C CA  . GLU A 1 13  ? 10.165  -3.797  6.998   1.00   31.33 ? 13  GLU A CA  1 
ATOM   87   C C   . GLU A 1 13  ? 9.047   -2.816  6.658   1.00   33.77 ? 13  GLU A C   1 
ATOM   88   O O   . GLU A 1 13  ? 8.445   -2.170  7.521   1.00   31.21 ? 13  GLU A O   1 
ATOM   89   C CB  . GLU A 1 13  ? 11.523  -3.155  6.839   1.00   36.03 ? 13  GLU A CB  1 
ATOM   90   C CG  . GLU A 1 13  ? 11.673  -1.748  7.404   1.00   44.12 ? 13  GLU A CG  1 
ATOM   91   C CD  . GLU A 1 13  ? 11.217  -2.384  8.989   0.0000 20.00 ? 13  GLU A CD  1 
ATOM   92   O OE1 . GLU A 1 13  ? 11.484  -3.419  9.584   0.0000 20.00 ? 13  GLU A OE1 1 
ATOM   93   O OE2 . GLU A 1 13  ? 10.444  -1.535  9.432   0.0000 20.00 ? 13  GLU A OE2 1 
ATOM   94   N N   . LEU A 1 14  ? 8.780   -2.624  5.354   1.00   30.05 ? 14  LEU A N   1 
ATOM   95   C CA  . LEU A 1 14  ? 7.723   -1.710  4.940   1.00   26.03 ? 14  LEU A CA  1 
ATOM   96   C C   . LEU A 1 14  ? 6.368   -2.198  5.368   1.00   23.65 ? 14  LEU A C   1 
ATOM   97   O O   . LEU A 1 14  ? 5.512   -1.420  5.790   1.00   24.56 ? 14  LEU A O   1 
ATOM   98   C CB  . LEU A 1 14  ? 7.737   -1.551  3.409   1.00   26.19 ? 14  LEU A CB  1 
ATOM   99   C CG  . LEU A 1 14  ? 6.629   -0.742  2.775   1.00   25.05 ? 14  LEU A CG  1 
ATOM   100  C CD1 . LEU A 1 14  ? 6.604   0.685   3.339   1.00   24.35 ? 14  LEU A CD1 1 
ATOM   101  C CD2 . LEU A 1 14  ? 6.873   -0.695  1.262   1.00   26.33 ? 14  LEU A CD2 1 
ATOM   102  N N   . VAL A 1 15  ? 6.058   -3.511  5.258   1.00   22.59 ? 15  VAL A N   1 
ATOM   103  C CA  . VAL A 1 15  ? 4.773   -4.023  5.648   1.00   24.46 ? 15  VAL A CA  1 
ATOM   104  C C   . VAL A 1 15  ? 4.502   -3.776  7.141   1.00   25.03 ? 15  VAL A C   1 
ATOM   105  O O   . VAL A 1 15  ? 3.395   -3.435  7.567   1.00   26.79 ? 15  VAL A O   1 
ATOM   106  C CB  . VAL A 1 15  ? 4.700   -5.523  5.293   1.00   29.73 ? 15  VAL A CB  1 
ATOM   107  C CG1 . VAL A 1 15  ? 3.451   -6.096  5.918   1.00   26.34 ? 15  VAL A CG1 1 
ATOM   108  C CG2 . VAL A 1 15  ? 4.666   -5.694  3.760   1.00   27.94 ? 15  VAL A CG2 1 
ATOM   109  N N   . SER A 1 16  ? 5.564   -3.962  7.916   1.00   28.66 ? 16  SER A N   1 
ATOM   110  C CA  . SER A 1 16  ? 5.480   -3.731  9.364   1.00   28.54 ? 16  SER A CA  1 
ATOM   111  C C   . SER A 1 16  ? 5.188   -2.290  9.719   1.00   26.83 ? 16  SER A C   1 
ATOM   112  O O   . SER A 1 16  ? 4.264   -2.040  10.520  1.00   28.56 ? 16  SER A O   1 
ATOM   113  C CB  . SER A 1 16  ? 6.804   -4.200  9.989   1.00   28.23 ? 16  SER A CB  1 
ATOM   114  O OG  A SER A 1 16  ? 6.812   -4.016  11.393  0.50   29.72 ? 16  SER A OG  1 
ATOM   115  O OG  B SER A 1 16  ? 6.941   -5.596  9.989   0.50   36.07 ? 16  SER A OG  1 
ATOM   116  N N   . LEU A 1 17  ? 5.861   -1.372  9.053   1.00   24.51 ? 17  LEU A N   1 
ATOM   117  C CA  . LEU A 1 17  ? 5.596   0.061   9.274   1.00   23.86 ? 17  LEU A CA  1 
ATOM   118  C C   . LEU A 1 17  ? 4.196   0.452   8.860   1.00   23.49 ? 17  LEU A C   1 
ATOM   119  O O   . LEU A 1 17  ? 3.508   1.210   9.551   1.00   25.89 ? 17  LEU A O   1 
ATOM   120  C CB  . LEU A 1 17  ? 6.681   0.878   8.588   1.00   27.05 ? 17  LEU A CB  1 
ATOM   121  C CG  . LEU A 1 17  ? 7.944   0.710   9.472   1.00   39.25 ? 17  LEU A CG  1 
ATOM   122  C CD1 . LEU A 1 17  ? 9.108   0.452   8.555   1.00   39.35 ? 17  LEU A CD1 1 
ATOM   123  C CD2 . LEU A 1 17  ? 8.012   1.910   10.396  1.00   42.79 ? 17  LEU A CD2 1 
ATOM   124  N N   . LEU A 1 18  ? 3.813   -0.009  7.636   1.00   22.95 ? 18  LEU A N   1 
ATOM   125  C CA  . LEU A 1 18  ? 2.443   0.289   7.182   1.00   20.90 ? 18  LEU A CA  1 
ATOM   126  C C   . LEU A 1 18  ? 1.352   -0.197  8.119   1.00   19.11 ? 18  LEU A C   1 
ATOM   127  O O   . LEU A 1 18  ? 0.379   0.460   8.423   1.00   24.77 ? 18  LEU A O   1 
ATOM   128  C CB  . LEU A 1 18  ? 2.217   -0.365  5.780   1.00   22.51 ? 18  LEU A CB  1 
ATOM   129  C CG  . LEU A 1 18  ? 2.948   0.359   4.649   1.00   25.65 ? 18  LEU A CG  1 
ATOM   130  C CD1 . LEU A 1 18  ? 2.897   -0.507  3.367   1.00   24.41 ? 18  LEU A CD1 1 
ATOM   131  C CD2 . LEU A 1 18  ? 2.312   1.727   4.377   1.00   26.29 ? 18  LEU A CD2 1 
ATOM   132  N N   . ASP A 1 19  ? 1.526   -1.437  8.628   1.00   23.34 ? 19  ASP A N   1 
ATOM   133  C CA  . ASP A 1 19  ? 0.582   -1.985  9.574   1.00   23.56 ? 19  ASP A CA  1 
ATOM   134  C C   . ASP A 1 19  ? 0.504   -1.104  10.831  1.00   25.33 ? 19  ASP A C   1 
ATOM   135  O O   . ASP A 1 19  ? -0.610  -0.734  11.245  1.00   25.77 ? 19  ASP A O   1 
ATOM   136  C CB  . ASP A 1 19  ? 1.050   -3.406  9.948   1.00   28.68 ? 19  ASP A CB  1 
ATOM   137  C CG  . ASP A 1 19  ? 0.030   -4.103  10.831  1.00   33.37 ? 19  ASP A CG  1 
ATOM   138  O OD1 . ASP A 1 19  ? -1.086  -3.649  11.099  1.00   33.76 ? 19  ASP A OD1 1 
ATOM   139  O OD2 . ASP A 1 19  ? 0.426   -5.241  11.219  1.00   39.38 ? 19  ASP A OD2 1 
ATOM   140  N N   . GLU A 1 20  ? 1.668   -0.729  11.326  1.00   27.18 ? 20  GLU A N   1 
ATOM   141  C CA  . GLU A 1 20  ? 1.677   0.141   12.512  1.00   25.75 ? 20  GLU A CA  1 
ATOM   142  C C   . GLU A 1 20  ? 1.016   1.478   12.256  1.00   25.52 ? 20  GLU A C   1 
ATOM   143  O O   . GLU A 1 20  ? 0.134   1.966   12.967  1.00   27.05 ? 20  GLU A O   1 
ATOM   144  C CB  . GLU A 1 20  ? 3.134   0.216   12.989  1.00   25.59 ? 20  GLU A CB  1 
ATOM   145  C CG  . GLU A 1 20  ? 3.308   1.235   14.123  1.00   26.18 ? 20  GLU A CG  1 
ATOM   146  C CD  . GLU A 1 20  ? 4.771   1.456   14.453  1.00   34.51 ? 20  GLU A CD  1 
ATOM   147  O OE1 . GLU A 1 20  ? 5.676   0.980   13.729  1.00   35.76 ? 20  GLU A OE1 1 
ATOM   148  O OE2 . GLU A 1 20  ? 5.018   2.191   15.439  1.00   33.73 ? 20  GLU A OE2 1 
ATOM   149  N N   . TYR A 1 21  ? 1.366   2.141   11.144  1.00   26.20 ? 21  TYR A N   1 
ATOM   150  C CA  . TYR A 1 21  ? 0.827   3.455   10.809  1.00   24.36 ? 21  TYR A CA  1 
ATOM   151  C C   . TYR A 1 21  ? -0.662  3.458   10.605  1.00   25.97 ? 21  TYR A C   1 
ATOM   152  O O   . TYR A 1 21  ? -1.467  4.302   11.040  1.00   26.89 ? 21  TYR A O   1 
ATOM   153  C CB  . TYR A 1 21  ? 1.511   3.887   9.503   1.00   26.23 ? 21  TYR A CB  1 
ATOM   154  C CG  . TYR A 1 21  ? 0.872   5.135   8.892   1.00   28.28 ? 21  TYR A CG  1 
ATOM   155  C CD1 . TYR A 1 21  ? 1.164   6.387   9.391   1.00   33.22 ? 21  TYR A CD1 1 
ATOM   156  C CD2 . TYR A 1 21  ? 0.023   5.027   7.812   1.00   32.03 ? 21  TYR A CD2 1 
ATOM   157  C CE1 . TYR A 1 21  ? 0.635   7.524   8.789   1.00   30.28 ? 21  TYR A CE1 1 
ATOM   158  C CE2 . TYR A 1 21  ? -0.527  6.142   7.216   1.00   30.27 ? 21  TYR A CE2 1 
ATOM   159  C CZ  . TYR A 1 21  ? -0.215  7.384   7.714   1.00   34.51 ? 21  TYR A CZ  1 
ATOM   160  O OH  . TYR A 1 21  ? -0.774  8.495   7.110   1.00   33.55 ? 21  TYR A OH  1 
ATOM   161  N N   . ILE A 1 22  ? -1.162  2.544   9.717   1.00   25.36 ? 22  ILE A N   1 
ATOM   162  C CA  . ILE A 1 22  ? -2.584  2.428   9.456   1.00   25.88 ? 22  ILE A CA  1 
ATOM   163  C C   . ILE A 1 22  ? -3.351  2.031   10.720  1.00   28.39 ? 22  ILE A C   1 
ATOM   164  O O   . ILE A 1 22  ? -4.397  2.643   10.950  1.00   31.20 ? 22  ILE A O   1 
ATOM   165  C CB  . ILE A 1 22  ? -2.878  1.360   8.373   1.00   30.57 ? 22  ILE A CB  1 
ATOM   166  C CG1 . ILE A 1 22  ? -2.185  1.800   7.095   1.00   28.38 ? 22  ILE A CG1 1 
ATOM   167  C CG2 . ILE A 1 22  ? -4.364  1.139   8.188   1.00   32.56 ? 22  ILE A CG2 1 
ATOM   168  C CD1 . ILE A 1 22  ? -2.763  3.014   6.411   1.00   33.22 ? 22  ILE A CD1 1 
ATOM   169  N N   . SER A 1 23  ? -2.763  1.158   11.525  1.00   28.26 ? 23  SER A N   1 
ATOM   170  C CA  . SER A 1 23  ? -3.497  0.765   12.751  1.00   31.31 ? 23  SER A CA  1 
ATOM   171  C C   . SER A 1 23  ? -3.602  1.936   13.722  1.00   32.95 ? 23  SER A C   1 
ATOM   172  O O   . SER A 1 23  ? -4.653  2.032   14.365  1.00   34.77 ? 23  SER A O   1 
ATOM   173  C CB  . SER A 1 23  ? -2.818  -0.388  13.462  1.00   38.85 ? 23  SER A CB  1 
ATOM   174  O OG  . SER A 1 23  ? -2.783  -1.592  12.733  1.00   36.56 ? 23  SER A OG  1 
ATOM   175  N N   . SER A 1 24  ? -2.625  2.840   13.732  1.00   30.86 ? 24  SER A N   1 
ATOM   176  C CA  . SER A 1 24  ? -2.762  3.999   14.623  1.00   29.74 ? 24  SER A CA  1 
ATOM   177  C C   . SER A 1 24  ? -3.848  4.972   14.205  1.00   33.16 ? 24  SER A C   1 
ATOM   178  O O   . SER A 1 24  ? -4.177  5.912   14.961  1.00   33.31 ? 24  SER A O   1 
ATOM   179  C CB  . SER A 1 24  ? -1.420  4.722   14.677  1.00   32.14 ? 24  SER A CB  1 
ATOM   180  O OG  . SER A 1 24  ? -1.181  5.451   13.481  1.00   34.62 ? 24  SER A OG  1 
ATOM   181  N N   . GLN A 1 25  ? -4.404  4.912   12.980  1.00   30.15 ? 25  GLN A N   1 
ATOM   182  C CA  . GLN A 1 25  ? -5.430  5.856   12.571  1.00   33.52 ? 25  GLN A CA  1 
ATOM   183  C C   . GLN A 1 25  ? -6.746  5.448   13.220  1.00   39.34 ? 25  GLN A C   1 
ATOM   184  O O   . GLN A 1 25  ? -7.100  4.267   13.206  1.00   37.12 ? 25  GLN A O   1 
ATOM   185  C CB  . GLN A 1 25  ? -5.679  5.822   11.041  1.00   31.08 ? 25  GLN A CB  1 
ATOM   186  C CG  . GLN A 1 25  ? -4.412  6.053   10.263  1.00   33.12 ? 25  GLN A CG  1 
ATOM   187  C CD  . GLN A 1 25  ? -3.762  7.391   10.503  1.00   35.33 ? 25  GLN A CD  1 
ATOM   188  O OE1 . GLN A 1 25  ? -4.407  8.441   10.651  1.00   35.23 ? 25  GLN A OE1 1 
ATOM   189  N NE2 . GLN A 1 25  ? -2.424  7.389   10.511  1.00   32.35 ? 25  GLN A NE2 1 
ATOM   190  N N   . PRO A 1 26  ? -7.467  6.384   13.816  1.00   41.36 ? 26  PRO A N   1 
ATOM   191  C CA  . PRO A 1 26  ? -8.713  6.072   14.488  1.00   44.05 ? 26  PRO A CA  1 
ATOM   192  C C   . PRO A 1 26  ? -9.849  5.558   13.621  1.00   47.41 ? 26  PRO A C   1 
ATOM   193  O O   . PRO A 1 26  ? -10.735 4.846   14.113  1.00   46.38 ? 26  PRO A O   1 
ATOM   194  C CB  . PRO A 1 26  ? -9.120  7.401   15.138  1.00   47.06 ? 26  PRO A CB  1 
ATOM   195  C CG  . PRO A 1 26  ? -7.961  8.320   15.034  1.00   47.79 ? 26  PRO A CG  1 
ATOM   196  C CD  . PRO A 1 26  ? -7.103  7.815   13.900  1.00   44.15 ? 26  PRO A CD  1 
ATOM   197  N N   . ASP A 1 27  ? -9.860  5.888   12.335  1.00   43.86 ? 27  ASP A N   1 
ATOM   198  C CA  . ASP A 1 27  ? -10.905 5.503   11.402  1.00   41.74 ? 27  ASP A CA  1 
ATOM   199  C C   . ASP A 1 27  ? -10.558 4.340   10.489  1.00   42.27 ? 27  ASP A C   1 
ATOM   200  O O   . ASP A 1 27  ? -11.296 4.042   9.553   1.00   44.17 ? 27  ASP A O   1 
ATOM   201  C CB  . ASP A 1 27  ? -11.268 6.757   10.581  1.00   38.55 ? 27  ASP A CB  1 
ATOM   202  C CG  . ASP A 1 27  ? -10.122 7.382   9.829   1.00   42.11 ? 27  ASP A CG  1 
ATOM   203  O OD1 . ASP A 1 27  ? -8.939  7.144   10.164  1.00   41.21 ? 27  ASP A OD1 1 
ATOM   204  O OD2 . ASP A 1 27  ? -10.374 8.186   8.895   1.00   45.70 ? 27  ASP A OD2 1 
ATOM   205  N N   . MET A 1 28  ? -9.380  3.741   10.687  1.00   41.03 ? 28  MET A N   1 
ATOM   206  C CA  . MET A 1 28  ? -8.963  2.639   9.825   1.00   39.44 ? 28  MET A CA  1 
ATOM   207  C C   . MET A 1 28  ? -8.554  1.423   10.615  1.00   39.48 ? 28  MET A C   1 
ATOM   208  O O   . MET A 1 28  ? -8.096  1.551   11.750  1.00   41.15 ? 28  MET A O   1 
ATOM   209  C CB  . MET A 1 28  ? -7.700  3.049   9.031   1.00   35.05 ? 28  MET A CB  1 
ATOM   210  C CG  . MET A 1 28  ? -7.972  4.285   8.207   1.00   34.21 ? 28  MET A CG  1 
ATOM   211  S SD  . MET A 1 28  ? -6.455  4.693   7.088   1.00   35.12 ? 28  MET A SD  1 
ATOM   212  C CE  . MET A 1 28  ? -7.175  6.329   6.384   1.00   38.32 ? 28  MET A CE  1 
ATOM   213  N N   . GLU A 1 29  ? -8.609  0.268   10.005  1.00   33.71 ? 29  GLU A N   1 
ATOM   214  C CA  . GLU A 1 29  ? -8.202  -0.991  10.561  1.00   35.16 ? 29  GLU A CA  1 
ATOM   215  C C   . GLU A 1 29  ? -7.448  -1.861  9.537   1.00   33.72 ? 29  GLU A C   1 
ATOM   216  O O   . GLU A 1 29  ? -7.936  -1.985  8.394   1.00   34.60 ? 29  GLU A O   1 
ATOM   217  C CB  . GLU A 1 29  ? -9.408  -1.819  11.028  1.00   42.97 ? 29  GLU A CB  1 
ATOM   218  C CG  . GLU A 1 29  ? -10.337 -1.169  12.026  1.00   44.90 ? 29  GLU A CG  1 
ATOM   219  C CD  . GLU A 1 29  ? -11.298 -1.673  12.690  0.0000 20.00 ? 29  GLU A CD  1 
ATOM   220  O OE1 . GLU A 1 29  ? -11.097 -2.875  12.792  0.0000 20.00 ? 29  GLU A OE1 1 
ATOM   221  O OE2 . GLU A 1 29  ? -12.309 -1.123  13.123  0.0000 20.00 ? 29  GLU A OE2 1 
ATOM   222  N N   . VAL A 1 30  ? -6.397  -2.488  10.010  1.00   29.94 ? 30  VAL A N   1 
ATOM   223  C CA  . VAL A 1 30  ? -5.683  -3.476  9.183   1.00   34.40 ? 30  VAL A CA  1 
ATOM   224  C C   . VAL A 1 30  ? -6.259  -4.876  9.346   1.00   37.64 ? 30  VAL A C   1 
ATOM   225  O O   . VAL A 1 30  ? -6.225  -5.441  10.441  1.00   39.57 ? 30  VAL A O   1 
ATOM   226  C CB  . VAL A 1 30  ? -4.163  -3.540  9.420   1.00   35.67 ? 30  VAL A CB  1 
ATOM   227  C CG1 . VAL A 1 30  ? -3.544  -4.542  8.461   1.00   33.25 ? 30  VAL A CG1 1 
ATOM   228  C CG2 . VAL A 1 30  ? -3.570  -2.145  9.265   1.00   33.04 ? 30  VAL A CG2 1 
ATOM   229  N N   . ILE A 1 31  ? -6.768  -5.438  8.231   1.00   31.92 ? 31  ILE A N   1 
ATOM   230  C CA  . ILE A 1 31  ? -7.350  -6.807  8.379   1.00   32.37 ? 31  ILE A CA  1 
ATOM   231  C C   . ILE A 1 31  ? -6.584  -7.928  7.736   1.00   36.77 ? 31  ILE A C   1 
ATOM   232  O O   . ILE A 1 31  ? -6.895  -9.140  7.729   1.00   36.08 ? 31  ILE A O   1 
ATOM   233  C CB  . ILE A 1 31  ? -8.806  -6.749  7.906   1.00   37.84 ? 31  ILE A CB  1 
ATOM   234  C CG1 . ILE A 1 31  ? -8.813  -6.422  6.402   1.00   38.32 ? 31  ILE A CG1 1 
ATOM   235  C CG2 . ILE A 1 31  ? -9.663  -5.774  8.684   1.00   40.24 ? 31  ILE A CG2 1 
ATOM   236  C CD1 . ILE A 1 31  ? -10.177 -6.613  5.785   1.00   42.54 ? 31  ILE A CD1 1 
ATOM   237  N N   . GLY A 1 32  ? -5.504  -7.596  7.005   1.00   33.60 ? 32  GLY A N   1 
ATOM   238  C CA  . GLY A 1 32  ? -4.589  -8.625  6.560   1.00   27.61 ? 32  GLY A CA  1 
ATOM   239  C C   . GLY A 1 32  ? -3.350  -8.096  5.866   1.00   31.01 ? 32  GLY A C   1 
ATOM   240  O O   . GLY A 1 32  ? -3.390  -6.936  5.410   1.00   30.06 ? 32  GLY A O   1 
ATOM   241  N N   . THR A 1 33  ? -2.351  -8.913  5.774   1.00   29.28 ? 33  THR A N   1 
ATOM   242  C CA  . THR A 1 33  ? -1.098  -8.549  5.105   1.00   31.52 ? 33  THR A CA  1 
ATOM   243  C C   . THR A 1 33  ? -0.558  -9.734  4.321   1.00   31.59 ? 33  THR A C   1 
ATOM   244  O O   . THR A 1 33  ? -0.868  -10.908 4.645   1.00   36.58 ? 33  THR A O   1 
ATOM   245  C CB  . THR A 1 33  ? -0.002  -8.082  6.062   1.00   30.59 ? 33  THR A CB  1 
ATOM   246  O OG1 . THR A 1 33  ? 0.453   -9.216  6.840   1.00   34.89 ? 33  THR A OG1 1 
ATOM   247  C CG2 . THR A 1 33  ? -0.379  -6.974  7.035   1.00   32.32 ? 33  THR A CG2 1 
ATOM   248  N N   . ALA A 1 34  ? 0.162   -9.518  3.224   1.00   27.04 ? 34  ALA A N   1 
ATOM   249  C CA  . ALA A 1 34  ? 0.773   -10.503 2.386   1.00   24.06 ? 34  ALA A CA  1 
ATOM   250  C C   . ALA A 1 34  ? 2.105   -10.053 1.812   1.00   29.73 ? 34  ALA A C   1 
ATOM   251  O O   . ALA A 1 34  ? 2.295   -8.847  1.631   1.00   30.88 ? 34  ALA A O   1 
ATOM   252  C CB  . ALA A 1 34  ? -0.161  -10.800 1.207   1.00   27.38 ? 34  ALA A CB  1 
ATOM   253  N N   . TYR A 1 35  ? 2.993   -10.999 1.511   1.00   27.73 ? 35  TYR A N   1 
ATOM   254  C CA  . TYR A 1 35  ? 4.316   -10.705 1.026   1.00   27.53 ? 35  TYR A CA  1 
ATOM   255  C C   . TYR A 1 35  ? 4.578   -11.089 -0.423  1.00   27.02 ? 35  TYR A C   1 
ATOM   256  O O   . TYR A 1 35  ? 5.695   -10.811 -0.890  1.00   30.02 ? 35  TYR A O   1 
ATOM   257  C CB  . TYR A 1 35  ? 5.444   -11.302 1.905   1.00   31.38 ? 35  TYR A CB  1 
ATOM   258  C CG  . TYR A 1 35  ? 5.289   -10.828 3.347   1.00   33.36 ? 35  TYR A CG  1 
ATOM   259  C CD1 . TYR A 1 35  ? 5.823   -9.609  3.726   1.00   32.65 ? 35  TYR A CD1 1 
ATOM   260  C CD2 . TYR A 1 35  ? 4.545   -11.533 4.273   1.00   38.18 ? 35  TYR A CD2 1 
ATOM   261  C CE1 . TYR A 1 35  ? 5.706   -9.110  5.015   1.00   31.43 ? 35  TYR A CE1 1 
ATOM   262  C CE2 . TYR A 1 35  ? 4.405   -11.047 5.563   1.00   39.76 ? 35  TYR A CE2 1 
ATOM   263  C CZ  . TYR A 1 35  ? 4.971   -9.842  5.915   1.00   37.32 ? 35  TYR A CZ  1 
ATOM   264  O OH  . TYR A 1 35  ? 4.850   -9.372  7.218   1.00   41.89 ? 35  TYR A OH  1 
ATOM   265  N N   . ASN A 1 36  ? 3.533   -11.526 -1.126  1.00   29.71 ? 36  ASN A N   1 
ATOM   266  C CA  . ASN A 1 36  ? 3.721   -11.827 -2.559  1.00   28.88 ? 36  ASN A CA  1 
ATOM   267  C C   . ASN A 1 36  ? 2.360   -11.829 -3.185  1.00   26.87 ? 36  ASN A C   1 
ATOM   268  O O   . ASN A 1 36  ? 1.278   -11.769 -2.525  1.00   29.76 ? 36  ASN A O   1 
ATOM   269  C CB  . ASN A 1 36  ? 4.484   -13.138 -2.794  1.00   30.96 ? 36  ASN A CB  1 
ATOM   270  C CG  . ASN A 1 36  ? 3.667   -14.283 -2.178  1.00   34.14 ? 36  ASN A CG  1 
ATOM   271  O OD1 . ASN A 1 36  ? 2.545   -14.583 -2.520  1.00   35.51 ? 36  ASN A OD1 1 
ATOM   272  N ND2 . ASN A 1 36  ? 4.301   -14.920 -1.182  1.00   40.85 ? 36  ASN A ND2 1 
ATOM   273  N N   . GLY A 1 37  ? 2.280   -11.784 -4.543  1.00   28.12 ? 37  GLY A N   1 
ATOM   274  C CA  . GLY A 1 37  ? 1.003   -11.676 -5.190  1.00   27.66 ? 37  GLY A CA  1 
ATOM   275  C C   . GLY A 1 37  ? -0.009  -12.786 -4.978  1.00   26.28 ? 37  GLY A C   1 
ATOM   276  O O   . GLY A 1 37  ? -1.216  -12.608 -4.923  1.00   26.62 ? 37  GLY A O   1 
ATOM   277  N N   . GLN A 1 38  ? 0.542   -14.004 -5.028  1.00   30.69 ? 38  GLN A N   1 
ATOM   278  C CA  . GLN A 1 38  ? -0.345  -15.181 -4.887  1.00   31.81 ? 38  GLN A CA  1 
ATOM   279  C C   . GLN A 1 38  ? -1.020  -15.185 -3.526  1.00   31.11 ? 38  GLN A C   1 
ATOM   280  O O   . GLN A 1 38  ? -2.229  -15.370 -3.381  1.00   33.06 ? 38  GLN A O   1 
ATOM   281  C CB  . GLN A 1 38  ? 0.472   -16.450 -5.147  1.00   37.49 ? 38  GLN A CB  1 
ATOM   282  C CG  . GLN A 1 38  ? 1.308   -16.634 -4.054  0.0000 20.00 ? 38  GLN A CG  1 
ATOM   283  C CD  . GLN A 1 38  ? 2.292   -17.712 -4.443  0.0000 20.00 ? 38  GLN A CD  1 
ATOM   284  O OE1 . GLN A 1 38  ? 1.950   -18.818 -4.827  0.0000 20.00 ? 38  GLN A OE1 1 
ATOM   285  N NE2 . GLN A 1 38  ? 3.581   -17.332 -4.339  0.0000 20.00 ? 38  GLN A NE2 1 
ATOM   286  N N   . ASP A 1 39  ? -0.239  -14.857 -2.483  1.00   33.49 ? 39  ASP A N   1 
ATOM   287  C CA  . ASP A 1 39  ? -0.881  -14.784 -1.149  1.00   30.85 ? 39  ASP A CA  1 
ATOM   288  C C   . ASP A 1 39  ? -1.829  -13.611 -1.067  1.00   29.96 ? 39  ASP A C   1 
ATOM   289  O O   . ASP A 1 39  ? -2.809  -13.628 -0.336  1.00   29.24 ? 39  ASP A O   1 
ATOM   290  C CB  . ASP A 1 39  ? 0.164   -14.678 -0.041  1.00   33.89 ? 39  ASP A CB  1 
ATOM   291  C CG  . ASP A 1 39  ? 0.961   -15.953 0.156   1.00   36.58 ? 39  ASP A CG  1 
ATOM   292  O OD1 . ASP A 1 39  ? 0.495   -16.987 -0.379  1.00   40.05 ? 39  ASP A OD1 1 
ATOM   293  O OD2 . ASP A 1 39  ? 2.031   -15.966 0.791   1.00   43.77 ? 39  ASP A OD2 1 
ATOM   294  N N   . CYS A 1 40  ? -1.540  -12.426 -1.710  1.00   24.79 ? 40  CYS A N   1 
ATOM   295  C CA  . CYS A 1 40  ? -2.518  -11.352 -1.733  1.00   25.01 ? 40  CYS A CA  1 
ATOM   296  C C   . CYS A 1 40  ? -3.876  -11.768 -2.330  1.00   23.86 ? 40  CYS A C   1 
ATOM   297  O O   . CYS A 1 40  ? -4.941  -11.424 -1.777  1.00   27.72 ? 40  CYS A O   1 
ATOM   298  C CB  . CYS A 1 40  ? -1.869  -10.217 -2.591  1.00   25.39 ? 40  CYS A CB  1 
ATOM   299  S SG  . CYS A 1 40  ? -2.876  -8.775  -2.761  1.00   25.46 ? 40  CYS A SG  1 
ATOM   300  N N   . LEU A 1 41  ? -3.836  -12.481 -3.451  1.00   27.77 ? 41  LEU A N   1 
ATOM   301  C CA  . LEU A 1 41  ? -5.107  -12.893 -4.113  1.00   31.55 ? 41  LEU A CA  1 
ATOM   302  C C   . LEU A 1 41  ? -5.910  -13.879 -3.246  1.00   28.66 ? 41  LEU A C   1 
ATOM   303  O O   . LEU A 1 41  ? -7.090  -13.630 -3.074  1.00   33.57 ? 41  LEU A O   1 
ATOM   304  C CB  . LEU A 1 41  ? -4.793  -13.491 -5.474  1.00   30.78 ? 41  LEU A CB  1 
ATOM   305  C CG  . LEU A 1 41  ? -4.256  -12.458 -6.513  1.00   32.21 ? 41  LEU A CG  1 
ATOM   306  C CD1 . LEU A 1 41  ? -3.497  -13.186 -7.601  1.00   32.60 ? 41  LEU A CD1 1 
ATOM   307  C CD2 . LEU A 1 41  ? -5.373  -11.559 -6.959  1.00   30.21 ? 41  LEU A CD2 1 
ATOM   308  N N   . GLN A 1 42  ? -5.166  -14.728 -2.575  1.00   32.91 ? 42  GLN A N   1 
ATOM   309  C CA  . GLN A 1 42  ? -5.812  -15.619 -1.591  1.00   35.77 ? 42  GLN A CA  1 
ATOM   310  C C   . GLN A 1 42  ? -6.445  -14.832 -0.458  1.00   36.19 ? 42  GLN A C   1 
ATOM   311  O O   . GLN A 1 42  ? -7.591  -15.026 -0.077  1.00   37.75 ? 42  GLN A O   1 
ATOM   312  C CB  . GLN A 1 42  ? -4.799  -16.617 -1.040  1.00   34.76 ? 42  GLN A CB  1 
ATOM   313  C CG  . GLN A 1 42  ? -5.543  -17.697 -0.233  1.00   45.13 ? 42  GLN A CG  1 
ATOM   314  C CD  . GLN A 1 42  ? -4.339  -18.395 0.418   0.0000 20.00 ? 42  GLN A CD  1 
ATOM   315  O OE1 . GLN A 1 42  ? -4.277  -18.616 1.616   0.0000 20.00 ? 42  GLN A OE1 1 
ATOM   316  N NE2 . GLN A 1 42  ? -3.443  -18.872 -0.469  0.0000 20.00 ? 42  GLN A NE2 1 
ATOM   317  N N   . MET A 1 43  ? -5.751  -13.818 0.100   1.00   34.35 ? 43  MET A N   1 
ATOM   318  C CA  . MET A 1 43  ? -6.325  -12.971 1.148   1.00   33.74 ? 43  MET A CA  1 
ATOM   319  C C   . MET A 1 43  ? -7.594  -12.250 0.793   1.00   32.78 ? 43  MET A C   1 
ATOM   320  O O   . MET A 1 43  ? -8.567  -12.023 1.550   1.00   34.58 ? 43  MET A O   1 
ATOM   321  C CB  . MET A 1 43  ? -5.223  -11.952 1.545   1.00   31.85 ? 43  MET A CB  1 
ATOM   322  C CG  A MET A 1 43  ? -5.370  -10.871 2.564   0.50   32.05 ? 43  MET A CG  1 
ATOM   323  C CG  B MET A 1 43  ? -5.811  -10.704 2.261   0.50   33.02 ? 43  MET A CG  1 
ATOM   324  S SD  A MET A 1 43  ? -3.773  -9.755  2.634   0.50   31.04 ? 43  MET A SD  1 
ATOM   325  S SD  B MET A 1 43  ? -4.448  -9.409  2.804   0.50   38.98 ? 43  MET A SD  1 
ATOM   326  C CE  A MET A 1 43  ? -4.013  -8.752  1.018   0.50   22.13 ? 43  MET A CE  1 
ATOM   327  C CE  B MET A 1 43  ? -3.050  -10.680 2.545   0.50   31.04 ? 43  MET A CE  1 
ATOM   328  N N   . LEU A 1 44  ? -7.682  -11.673 -0.437  1.00   31.63 ? 44  LEU A N   1 
ATOM   329  C CA  . LEU A 1 44  ? -8.790  -10.880 -0.876  1.00   29.06 ? 44  LEU A CA  1 
ATOM   330  C C   . LEU A 1 44  ? -10.090 -11.715 -1.060  1.00   37.27 ? 44  LEU A C   1 
ATOM   331  O O   . LEU A 1 44  ? -11.168 -11.123 -1.006  1.00   39.32 ? 44  LEU A O   1 
ATOM   332  C CB  . LEU A 1 44  ? -8.487  -10.257 -2.252  1.00   34.21 ? 44  LEU A CB  1 
ATOM   333  C CG  . LEU A 1 44  ? -7.398  -9.159  -2.151  1.00   29.54 ? 44  LEU A CG  1 
ATOM   334  C CD1 . LEU A 1 44  ? -7.169  -8.538  -3.521  1.00   32.18 ? 44  LEU A CD1 1 
ATOM   335  C CD2 . LEU A 1 44  ? -7.832  -8.070  -1.177  1.00   34.33 ? 44  LEU A CD2 1 
ATOM   336  N N   . GLU A 1 45  ? -9.853  -12.963 -1.392  1.00   37.26 ? 45  GLU A N   1 
ATOM   337  C CA  . GLU A 1 45  ? -11.008 -13.875 -1.491  1.00   44.95 ? 45  GLU A CA  1 
ATOM   338  C C   . GLU A 1 45  ? -11.691 -14.060 -0.142  1.00   49.35 ? 45  GLU A C   1 
ATOM   339  O O   . GLU A 1 45  ? -12.903 -14.287 -0.096  1.00   53.88 ? 45  GLU A O   1 
ATOM   340  C CB  . GLU A 1 45  ? -10.580 -15.229 -2.030  1.00   51.82 ? 45  GLU A CB  1 
ATOM   341  C CG  . GLU A 1 45  ? -10.341 -15.311 -3.520  1.00   55.13 ? 45  GLU A CG  1 
ATOM   342  C CD  . GLU A 1 45  ? -9.664  -16.607 -3.920  1.00   66.69 ? 45  GLU A CD  1 
ATOM   343  O OE1 . GLU A 1 45  ? -9.185  -17.351 -3.032  1.00   67.59 ? 45  GLU A OE1 1 
ATOM   344  O OE2 . GLU A 1 45  ? -9.599  -16.877 -5.141  1.00   70.38 ? 45  GLU A OE2 1 
ATOM   345  N N   . GLU A 1 46  ? -10.991 -14.002 0.970   1.00   48.80 ? 46  GLU A N   1 
ATOM   346  C CA  . GLU A 1 46  ? -11.598 -14.152 2.280   1.00   50.98 ? 46  GLU A CA  1 
ATOM   347  C C   . GLU A 1 46  ? -12.004 -12.853 2.939   1.00   53.80 ? 46  GLU A C   1 
ATOM   348  O O   . GLU A 1 46  ? -13.057 -12.834 3.600   1.00   53.75 ? 46  GLU A O   1 
ATOM   349  C CB  . GLU A 1 46  ? -10.571 -14.877 3.171   1.00   54.06 ? 46  GLU A CB  1 
ATOM   350  C CG  . GLU A 1 46  ? -10.017 -16.116 2.497   1.00   56.32 ? 46  GLU A CG  1 
ATOM   351  C CD  . GLU A 1 46  ? -8.712  -16.602 3.068   1.00   61.04 ? 46  GLU A CD  1 
ATOM   352  O OE1 . GLU A 1 46  ? -8.048  -15.821 3.787   1.00   64.61 ? 46  GLU A OE1 1 
ATOM   353  O OE2 . GLU A 1 46  ? -8.271  -17.743 2.783   1.00   63.85 ? 46  GLU A OE2 1 
ATOM   354  N N   . LYS A 1 47  ? -11.195 -11.784 2.791   1.00   47.99 ? 47  LYS A N   1 
ATOM   355  C CA  . LYS A 1 47  ? -11.400 -10.644 3.685   1.00   48.20 ? 47  LYS A CA  1 
ATOM   356  C C   . LYS A 1 47  ? -12.152 -9.466  3.129   1.00   47.75 ? 47  LYS A C   1 
ATOM   357  O O   . LYS A 1 47  ? -12.585 -8.558  3.862   1.00   51.78 ? 47  LYS A O   1 
ATOM   358  C CB  . LYS A 1 47  ? -10.024 -10.243 4.268   1.00   49.36 ? 47  LYS A CB  1 
ATOM   359  C CG  . LYS A 1 47  ? -9.215  -11.468 4.669   1.00   48.43 ? 47  LYS A CG  1 
ATOM   360  C CD  . LYS A 1 47  ? -8.620  -11.417 6.049   1.00   48.51 ? 47  LYS A CD  1 
ATOM   361  C CE  . LYS A 1 47  ? -7.419  -12.358 6.137   1.00   52.06 ? 47  LYS A CE  1 
ATOM   362  N NZ  . LYS A 1 47  ? -6.569  -12.023 7.317   1.00   55.32 ? 47  LYS A NZ  1 
ATOM   363  N N   . ARG A 1 48  ? -12.326 -9.353  1.827   1.00   44.63 ? 48  ARG A N   1 
ATOM   364  C CA  . ARG A 1 48  ? -13.038 -8.199  1.259   1.00   46.00 ? 48  ARG A CA  1 
ATOM   365  C C   . ARG A 1 48  ? -12.733 -6.876  1.946   1.00   42.43 ? 48  ARG A C   1 
ATOM   366  O O   . ARG A 1 48  ? -13.608 -6.158  2.440   1.00   46.78 ? 48  ARG A O   1 
ATOM   367  C CB  . ARG A 1 48  ? -14.555 -8.429  1.285   1.00   48.67 ? 48  ARG A CB  1 
ATOM   368  C CG  . ARG A 1 48  ? -15.010 -9.629  0.460   1.00   48.38 ? 48  ARG A CG  1 
ATOM   369  C CD  . ARG A 1 48  ? -16.480 -9.489  0.094   1.00   48.58 ? 48  ARG A CD  1 
ATOM   370  N NE  . ARG A 1 48  ? -16.987 -10.665 -0.607  1.00   51.25 ? 48  ARG A NE  1 
ATOM   371  C CZ  . ARG A 1 48  ? -18.285 -10.826 -0.889  1.00   51.27 ? 48  ARG A CZ  1 
ATOM   372  N NH1 . ARG A 1 48  ? -19.156 -9.893  -0.554  1.00   52.42 ? 48  ARG A NH1 1 
ATOM   373  N NH2 . ARG A 1 48  ? -18.676 -11.926 -1.508  1.00   55.59 ? 48  ARG A NH2 1 
ATOM   374  N N   . PRO A 1 49  ? -11.496 -6.363  1.835   1.00   38.06 ? 49  PRO A N   1 
ATOM   375  C CA  . PRO A 1 49  ? -11.153 -5.050  2.357   1.00   34.62 ? 49  PRO A CA  1 
ATOM   376  C C   . PRO A 1 49  ? -11.723 -3.915  1.529   1.00   33.76 ? 49  PRO A C   1 
ATOM   377  O O   . PRO A 1 49  ? -12.036 -4.179  0.361   1.00   34.24 ? 49  PRO A O   1 
ATOM   378  C CB  . PRO A 1 49  ? -9.604  -5.066  2.253   1.00   31.84 ? 49  PRO A CB  1 
ATOM   379  C CG  . PRO A 1 49  ? -9.365  -5.918  1.039   1.00   32.91 ? 49  PRO A CG  1 
ATOM   380  C CD  . PRO A 1 49  ? -10.361 -7.070  1.204   1.00   38.88 ? 49  PRO A CD  1 
ATOM   381  N N   . ASP A 1 50  ? -11.846 -2.698  2.015   1.00   30.43 ? 50  ASP A N   1 
ATOM   382  C CA  . ASP A 1 50  ? -12.226 -1.516  1.295   1.00   32.22 ? 50  ASP A CA  1 
ATOM   383  C C   . ASP A 1 50  ? -11.069 -0.977  0.423   1.00   29.95 ? 50  ASP A C   1 
ATOM   384  O O   . ASP A 1 50  ? -11.256 -0.327  -0.595  1.00   30.87 ? 50  ASP A O   1 
ATOM   385  C CB  . ASP A 1 50  ? -12.562 -0.342  2.243   1.00   35.97 ? 50  ASP A CB  1 
ATOM   386  C CG  . ASP A 1 50  ? -13.709 -0.695  3.183   1.00   45.36 ? 50  ASP A CG  1 
ATOM   387  O OD1 . ASP A 1 50  ? -14.782 -1.021  2.621   1.00   51.89 ? 50  ASP A OD1 1 
ATOM   388  O OD2 . ASP A 1 50  ? -13.632 -0.682  4.430   1.00   41.46 ? 50  ASP A OD2 1 
ATOM   389  N N   . ILE A 1 51  ? -9.859  -1.129  0.975   1.00   28.87 ? 51  ILE A N   1 
ATOM   390  C CA  . ILE A 1 51  ? -8.634  -0.623  0.431   1.00   28.52 ? 51  ILE A CA  1 
ATOM   391  C C   . ILE A 1 51  ? -7.531  -1.703  0.474   1.00   26.21 ? 51  ILE A C   1 
ATOM   392  O O   . ILE A 1 51  ? -7.297  -2.373  1.496   1.00   28.30 ? 51  ILE A O   1 
ATOM   393  C CB  . ILE A 1 51  ? -8.153  0.562   1.307   1.00   30.18 ? 51  ILE A CB  1 
ATOM   394  C CG1 . ILE A 1 51  ? -9.095  1.780   1.329   1.00   31.52 ? 51  ILE A CG1 1 
ATOM   395  C CG2 . ILE A 1 51  ? -6.745  1.032   0.940   1.00   30.15 ? 51  ILE A CG2 1 
ATOM   396  C CD1 . ILE A 1 51  ? -9.130  2.565   0.038   1.00   32.95 ? 51  ILE A CD1 1 
ATOM   397  N N   . LEU A 1 52  ? -6.861  -1.807  -0.666  1.00   22.15 ? 52  LEU A N   1 
ATOM   398  C CA  . LEU A 1 52  ? -5.646  -2.626  -0.752  1.00   24.42 ? 52  LEU A CA  1 
ATOM   399  C C   . LEU A 1 52  ? -4.410  -1.786  -1.087  1.00   24.84 ? 52  LEU A C   1 
ATOM   400  O O   . LEU A 1 52  ? -4.431  -1.096  -2.103  1.00   23.59 ? 52  LEU A O   1 
ATOM   401  C CB  . LEU A 1 52  ? -5.814  -3.678  -1.893  1.00   21.37 ? 52  LEU A CB  1 
ATOM   402  C CG  . LEU A 1 52  ? -4.558  -4.461  -2.206  1.00   22.61 ? 52  LEU A CG  1 
ATOM   403  C CD1 . LEU A 1 52  ? -4.160  -5.347  -1.010  1.00   24.38 ? 52  LEU A CD1 1 
ATOM   404  C CD2 . LEU A 1 52  ? -4.658  -5.367  -3.438  1.00   23.94 ? 52  LEU A CD2 1 
ATOM   405  N N   . LEU A 1 53  ? -3.365  -1.816  -0.248  1.00   22.01 ? 53  LEU A N   1 
ATOM   406  C CA  . LEU A 1 53  ? -2.098  -1.125  -0.558  1.00   19.94 ? 53  LEU A CA  1 
ATOM   407  C C   . LEU A 1 53  ? -1.232  -2.152  -1.252  1.00   23.00 ? 53  LEU A C   1 
ATOM   408  O O   . LEU A 1 53  ? -0.959  -3.190  -0.615  1.00   23.70 ? 53  LEU A O   1 
ATOM   409  C CB  . LEU A 1 53  ? -1.490  -0.639  0.780   1.00   19.66 ? 53  LEU A CB  1 
ATOM   410  C CG  . LEU A 1 53  ? -2.397  0.298   1.583   1.00   22.75 ? 53  LEU A CG  1 
ATOM   411  C CD1 . LEU A 1 53  ? -1.579  0.833   2.767   1.00   22.99 ? 53  LEU A CD1 1 
ATOM   412  C CD2 . LEU A 1 53  ? -2.960  1.458   0.796   1.00   25.44 ? 53  LEU A CD2 1 
ATOM   413  N N   . LEU A 1 54  ? -0.873  -1.968  -2.522  1.00   21.45 ? 54  LEU A N   1 
ATOM   414  C CA  . LEU A 1 54  ? -0.216  -3.053  -3.275  1.00   20.98 ? 54  LEU A CA  1 
ATOM   415  C C   . LEU A 1 54  ? 1.077   -2.603  -3.888  1.00   19.81 ? 54  LEU A C   1 
ATOM   416  O O   . LEU A 1 54  ? 1.126   -1.632  -4.648  1.00   23.56 ? 54  LEU A O   1 
ATOM   417  C CB  . LEU A 1 54  ? -1.235  -3.467  -4.382  1.00   19.13 ? 54  LEU A CB  1 
ATOM   418  C CG  . LEU A 1 54  ? -0.772  -4.505  -5.423  1.00   22.39 ? 54  LEU A CG  1 
ATOM   419  C CD1 . LEU A 1 54  ? -0.423  -5.826  -4.713  1.00   25.66 ? 54  LEU A CD1 1 
ATOM   420  C CD2 . LEU A 1 54  ? -1.864  -4.666  -6.471  1.00   22.42 ? 54  LEU A CD2 1 
ATOM   421  N N   . ASP A 1 55  ? 2.132   -3.366  -3.717  1.00   19.81 ? 55  ASP A N   1 
ATOM   422  C CA  . ASP A 1 55  ? 3.439   -3.048  -4.308  1.00   20.26 ? 55  ASP A CA  1 
ATOM   423  C C   . ASP A 1 55  ? 3.382   -3.149  -5.827  1.00   22.55 ? 55  ASP A C   1 
ATOM   424  O O   . ASP A 1 55  ? 2.959   -4.218  -6.319  1.00   23.92 ? 55  ASP A O   1 
ATOM   425  C CB  . ASP A 1 55  ? 4.352   -4.128  -3.713  1.00   24.96 ? 55  ASP A CB  1 
ATOM   426  C CG  . ASP A 1 55  ? 5.824   -3.925  -3.945  1.00   28.60 ? 55  ASP A CG  1 
ATOM   427  O OD1 . ASP A 1 55  ? 6.207   -3.028  -4.735  1.00   29.53 ? 55  ASP A OD1 1 
ATOM   428  O OD2 . ASP A 1 55  ? 6.623   -4.696  -3.328  1.00   31.21 ? 55  ASP A OD2 1 
ATOM   429  N N   . ILE A 1 56  ? 3.805   -2.097  -6.513  1.00   22.73 ? 56  ILE A N   1 
ATOM   430  C CA  . ILE A 1 56  ? 3.708   -2.191  -7.989  1.00   24.16 ? 56  ILE A CA  1 
ATOM   431  C C   . ILE A 1 56  ? 4.597   -3.227  -8.628  1.00   24.22 ? 56  ILE A C   1 
ATOM   432  O O   . ILE A 1 56  ? 4.168   -3.877  -9.610  1.00   24.08 ? 56  ILE A O   1 
ATOM   433  C CB  . ILE A 1 56  ? 3.903   -0.774  -8.581  1.00   23.87 ? 56  ILE A CB  1 
ATOM   434  C CG1 . ILE A 1 56  ? 3.669   -0.749  -10.107 1.00   33.91 ? 56  ILE A CG1 1 
ATOM   435  C CG2 . ILE A 1 56  ? 5.298   -0.263  -8.300  1.00   27.63 ? 56  ILE A CG2 1 
ATOM   436  C CD1 . ILE A 1 56  ? 2.283   -0.973  -10.609 1.00   25.61 ? 56  ILE A CD1 1 
ATOM   437  N N   . ILE A 1 57  ? 5.819   -3.429  -8.144  1.00   23.99 ? 57  ILE A N   1 
ATOM   438  C CA  . ILE A 1 57  ? 6.731   -4.379  -8.771  1.00   25.24 ? 57  ILE A CA  1 
ATOM   439  C C   . ILE A 1 57  ? 7.167   -5.438  -7.778  1.00   26.97 ? 57  ILE A C   1 
ATOM   440  O O   . ILE A 1 57  ? 7.633   -5.083  -6.689  1.00   25.89 ? 57  ILE A O   1 
ATOM   441  C CB  . ILE A 1 57  ? 8.002   -3.665  -9.307  1.00   26.06 ? 57  ILE A CB  1 
ATOM   442  C CG1 . ILE A 1 57  ? 7.597   -2.775  -10.489 1.00   26.49 ? 57  ILE A CG1 1 
ATOM   443  C CG2 . ILE A 1 57  ? 9.052   -4.682  -9.732  1.00   28.48 ? 57  ILE A CG2 1 
ATOM   444  C CD1 . ILE A 1 57  ? 7.125   -3.503  -11.736 1.00   30.12 ? 57  ILE A CD1 1 
ATOM   445  N N   . MET A 1 58  ? 6.999   -6.709  -8.062  1.00   25.87 ? 58  MET A N   1 
ATOM   446  C CA  . MET A 1 58  ? 7.416   -7.861  -7.223  1.00   24.73 ? 58  MET A CA  1 
ATOM   447  C C   . MET A 1 58  ? 7.834   -8.928  -8.261  1.00   28.11 ? 58  MET A C   1 
ATOM   448  O O   . MET A 1 58  ? 7.274   -8.961  -9.370  1.00   27.49 ? 58  MET A O   1 
ATOM   449  C CB  . MET A 1 58  ? 6.270   -8.420  -6.375  1.00   27.54 ? 58  MET A CB  1 
ATOM   450  C CG  . MET A 1 58  ? 5.780   -7.426  -5.319  1.00   27.30 ? 58  MET A CG  1 
ATOM   451  S SD  . MET A 1 58  ? 4.362   -8.150  -4.220  1.00   29.47 ? 58  MET A SD  1 
ATOM   452  C CE  . MET A 1 58  ? 2.988   -8.008  -5.525  1.00   30.62 ? 58  MET A CE  1 
ATOM   453  N N   . PRO A 1 59  ? 8.797   -9.772  -7.926  1.00   26.77 ? 59  PRO A N   1 
ATOM   454  C CA  . PRO A 1 59  ? 9.196   -10.827 -8.856  1.00   31.25 ? 59  PRO A CA  1 
ATOM   455  C C   . PRO A 1 59  ? 8.050   -11.737 -9.178  1.00   30.30 ? 59  PRO A C   1 
ATOM   456  O O   . PRO A 1 59  ? 7.234   -12.072 -8.332  1.00   28.06 ? 59  PRO A O   1 
ATOM   457  C CB  . PRO A 1 59  ? 10.313  -11.560 -8.121  1.00   33.64 ? 59  PRO A CB  1 
ATOM   458  C CG  . PRO A 1 59  ? 10.472  -10.954 -6.784  1.00   35.23 ? 59  PRO A CG  1 
ATOM   459  C CD  . PRO A 1 59  ? 9.581   -9.744  -6.678  1.00   32.29 ? 59  PRO A CD  1 
ATOM   460  N N   . HIS A 1 60  ? 8.020   -12.372 -10.374 1.00   33.26 ? 60  HIS A N   1 
ATOM   461  C CA  . HIS A 1 60  ? 7.103   -13.373 -10.826 1.00   32.48 ? 60  HIS A CA  1 
ATOM   462  C C   . HIS A 1 60  ? 5.671   -12.943 -11.105 1.00   33.83 ? 60  HIS A C   1 
ATOM   463  O O   . HIS A 1 60  ? 5.133   -13.224 -12.174 1.00   34.24 ? 60  HIS A O   1 
ATOM   464  C CB  . HIS A 1 60  ? 7.024   -14.597 -9.854  1.00   36.67 ? 60  HIS A CB  1 
ATOM   465  C CG  A HIS A 1 60  ? 8.406   -15.031 -9.445  0.50   37.47 ? 60  HIS A CG  1 
ATOM   466  C CG  B HIS A 1 60  ? 6.336   -15.791 -10.439 0.50   40.55 ? 60  HIS A CG  1 
ATOM   467  N ND1 A HIS A 1 60  ? 9.405   -15.239 -10.365 0.50   35.35 ? 60  HIS A ND1 1 
ATOM   468  N ND1 B HIS A 1 60  ? 6.864   -16.511 -11.496 0.50   44.00 ? 60  HIS A ND1 1 
ATOM   469  C CD2 A HIS A 1 60  ? 8.960   -15.209 -8.223  0.50   36.46 ? 60  HIS A CD2 1 
ATOM   470  C CD2 B HIS A 1 60  ? 5.187   -16.423 -10.087 0.50   46.31 ? 60  HIS A CD2 1 
ATOM   471  C CE1 A HIS A 1 60  ? 10.515  -15.575 -9.733  0.50   35.31 ? 60  HIS A CE1 1 
ATOM   472  C CE1 B HIS A 1 60  ? 6.052   -17.519 -11.775 0.50   46.40 ? 60  HIS A CE1 1 
ATOM   473  N NE2 A HIS A 1 60  ? 10.270  -15.558 -8.435  0.50   36.86 ? 60  HIS A NE2 1 
ATOM   474  N NE2 B HIS A 1 60  ? 5.020   -17.480 -10.956 0.50   45.13 ? 60  HIS A NE2 1 
ATOM   475  N N   . LEU A 1 61  ? 4.996   -12.369 -10.113 1.00   29.60 ? 61  LEU A N   1 
ATOM   476  C CA  . LEU A 1 61  ? 3.653   -11.841 -10.189 1.00   26.16 ? 61  LEU A CA  1 
ATOM   477  C C   . LEU A 1 61  ? 3.680   -10.425 -9.570  1.00   25.74 ? 61  LEU A C   1 
ATOM   478  O O   . LEU A 1 61  ? 3.811   -10.283 -8.355  1.00   26.81 ? 61  LEU A O   1 
ATOM   479  C CB  . LEU A 1 61  ? 2.681   -12.732 -9.445  1.00   28.51 ? 61  LEU A CB  1 
ATOM   480  C CG  . LEU A 1 61  ? 1.197   -12.625 -9.749  1.00   35.44 ? 61  LEU A CG  1 
ATOM   481  C CD1 . LEU A 1 61  ? 0.921   -12.980 -11.206 1.00   31.80 ? 61  LEU A CD1 1 
ATOM   482  C CD2 . LEU A 1 61  ? 0.434   -13.592 -8.822  1.00   37.47 ? 61  LEU A CD2 1 
ATOM   483  N N   . ASP A 1 62  ? 3.718   -9.428  -10.442 1.00   25.75 ? 62  ASP A N   1 
ATOM   484  C CA  . ASP A 1 62  ? 3.866   -8.038  -9.927  1.00   23.48 ? 62  ASP A CA  1 
ATOM   485  C C   . ASP A 1 62  ? 2.511   -7.470  -9.642  1.00   24.11 ? 62  ASP A C   1 
ATOM   486  O O   . ASP A 1 62  ? 1.425   -8.075  -9.692  1.00   23.33 ? 62  ASP A O   1 
ATOM   487  C CB  . ASP A 1 62  ? 4.738   -7.231  -10.896 1.00   30.24 ? 62  ASP A CB  1 
ATOM   488  C CG  . ASP A 1 62  ? 4.086   -6.912  -12.218 1.00   26.94 ? 62  ASP A CG  1 
ATOM   489  O OD1 . ASP A 1 62  ? 2.883   -7.144  -12.413 1.00   28.90 ? 62  ASP A OD1 1 
ATOM   490  O OD2 . ASP A 1 62  ? 4.774   -6.371  -13.116 1.00   30.31 ? 62  ASP A OD2 1 
ATOM   491  N N   . GLY A 1 63  ? 2.486   -6.181  -9.185  1.00   22.49 ? 63  GLY A N   1 
ATOM   492  C CA  . GLY A 1 63  ? 1.273   -5.537  -8.750  1.00   23.07 ? 63  GLY A CA  1 
ATOM   493  C C   . GLY A 1 63  ? 0.317   -5.363  -9.934  1.00   20.49 ? 63  GLY A C   1 
ATOM   494  O O   . GLY A 1 63  ? -0.876  -5.462  -9.685  1.00   21.34 ? 63  GLY A O   1 
ATOM   495  N N   . LEU A 1 64  ? 0.820   -5.114  -11.133 1.00   22.50 ? 64  LEU A N   1 
ATOM   496  C CA  . LEU A 1 64  ? -0.106  -4.997  -12.263 1.00   24.00 ? 64  LEU A CA  1 
ATOM   497  C C   . LEU A 1 64  ? -0.724  -6.360  -12.589 1.00   23.35 ? 64  LEU A C   1 
ATOM   498  O O   . LEU A 1 64  ? -1.928  -6.347  -12.798 1.00   24.24 ? 64  LEU A O   1 
ATOM   499  C CB  . LEU A 1 64  ? 0.697   -4.508  -13.485 1.00   30.83 ? 64  LEU A CB  1 
ATOM   500  C CG  . LEU A 1 64  ? -0.153  -4.247  -14.727 1.00   37.20 ? 64  LEU A CG  1 
ATOM   501  C CD1 . LEU A 1 64  ? -1.232  -3.208  -14.422 1.00   37.52 ? 64  LEU A CD1 1 
ATOM   502  C CD2 . LEU A 1 64  ? 0.739   -3.738  -15.858 1.00   33.95 ? 64  LEU A CD2 1 
ATOM   503  N N   . ALA A 1 65  ? 0.032   -7.448  -12.439 1.00   22.95 ? 65  ALA A N   1 
ATOM   504  C CA  . ALA A 1 65  ? -0.570  -8.784  -12.699 1.00   25.18 ? 65  ALA A CA  1 
ATOM   505  C C   . ALA A 1 65  ? -1.587  -9.081  -11.644 1.00   25.63 ? 65  ALA A C   1 
ATOM   506  O O   . ALA A 1 65  ? -2.719  -9.559  -11.894 1.00   26.74 ? 65  ALA A O   1 
ATOM   507  C CB  . ALA A 1 65  ? 0.562   -9.813  -12.716 1.00   28.24 ? 65  ALA A CB  1 
ATOM   508  N N   . VAL A 1 66  ? -1.321  -8.716  -10.352 1.00   23.65 ? 66  VAL A N   1 
ATOM   509  C CA  . VAL A 1 66  ? -2.348  -8.885  -9.335  1.00   23.34 ? 66  VAL A CA  1 
ATOM   510  C C   . VAL A 1 66  ? -3.578  -8.081  -9.641  1.00   23.28 ? 66  VAL A C   1 
ATOM   511  O O   . VAL A 1 66  ? -4.706  -8.496  -9.422  1.00   24.55 ? 66  VAL A O   1 
ATOM   512  C CB  . VAL A 1 66  ? -1.797  -8.498  -7.917  1.00   20.66 ? 66  VAL A CB  1 
ATOM   513  C CG1 . VAL A 1 66  ? -2.959  -8.459  -6.918  1.00   21.07 ? 66  VAL A CG1 1 
ATOM   514  C CG2 . VAL A 1 66  ? -0.731  -9.536  -7.586  1.00   25.45 ? 66  VAL A CG2 1 
ATOM   515  N N   . LEU A 1 67  ? -3.422  -6.785  -10.040 1.00   20.98 ? 67  LEU A N   1 
ATOM   516  C CA  . LEU A 1 67  ? -4.604  -5.961  -10.285 1.00   20.82 ? 67  LEU A CA  1 
ATOM   517  C C   . LEU A 1 67  ? -5.483  -6.557  -11.431 1.00   22.97 ? 67  LEU A C   1 
ATOM   518  O O   . LEU A 1 67  ? -6.702  -6.469  -11.335 1.00   24.84 ? 67  LEU A O   1 
ATOM   519  C CB  . LEU A 1 67  ? -4.186  -4.532  -10.648 1.00   22.19 ? 67  LEU A CB  1 
ATOM   520  C CG  . LEU A 1 67  ? -5.269  -3.533  -11.028 1.00   23.34 ? 67  LEU A CG  1 
ATOM   521  C CD1 . LEU A 1 67  ? -6.266  -3.288  -9.883  1.00   24.50 ? 67  LEU A CD1 1 
ATOM   522  C CD2 . LEU A 1 67  ? -4.580  -2.208  -11.437 1.00   26.59 ? 67  LEU A CD2 1 
ATOM   523  N N   . GLU A 1 68  ? -4.821  -7.024  -12.458 1.00   24.00 ? 68  GLU A N   1 
ATOM   524  C CA  . GLU A 1 68  ? -5.546  -7.640  -13.618 1.00   22.99 ? 68  GLU A CA  1 
ATOM   525  C C   . GLU A 1 68  ? -6.350  -8.859  -13.148 1.00   25.36 ? 68  GLU A C   1 
ATOM   526  O O   . GLU A 1 68  ? -7.536  -9.010  -13.544 1.00   26.88 ? 68  GLU A O   1 
ATOM   527  C CB  . GLU A 1 68  ? -4.496  -8.106  -14.628 1.00   23.69 ? 68  GLU A CB  1 
ATOM   528  C CG  . GLU A 1 68  ? -3.924  -6.873  -15.314 1.00   27.50 ? 68  GLU A CG  1 
ATOM   529  C CD  . GLU A 1 68  ? -3.260  -7.160  -16.635 1.00   44.35 ? 68  GLU A CD  1 
ATOM   530  O OE1 . GLU A 1 68  ? -2.096  -7.589  -16.573 1.00   42.08 ? 68  GLU A OE1 1 
ATOM   531  O OE2 . GLU A 1 68  ? -3.936  -6.941  -17.662 1.00   40.66 ? 68  GLU A OE2 1 
ATOM   532  N N   . ARG A 1 69  ? -5.757  -9.623  -12.229 1.00   25.55 ? 69  ARG A N   1 
ATOM   533  C CA  . ARG A 1 69  ? -6.529  -10.773 -11.715 1.00   27.23 ? 69  ARG A CA  1 
ATOM   534  C C   . ARG A 1 69  ? -7.692  -10.362 -10.857 1.00   28.89 ? 69  ARG A C   1 
ATOM   535  O O   . ARG A 1 69  ? -8.818  -10.912 -10.811 1.00   28.27 ? 69  ARG A O   1 
ATOM   536  C CB  . ARG A 1 69  ? -5.593  -11.714 -10.968 1.00   26.37 ? 69  ARG A CB  1 
ATOM   537  C CG  . ARG A 1 69  ? -4.631  -12.404 -11.925 1.00   28.46 ? 69  ARG A CG  1 
ATOM   538  C CD  . ARG A 1 69  ? -3.829  -13.474 -11.201 1.00   34.02 ? 69  ARG A CD  1 
ATOM   539  N NE  . ARG A 1 69  ? -2.785  -14.012 -12.077 1.00   32.29 ? 69  ARG A NE  1 
ATOM   540  C CZ  . ARG A 1 69  ? -2.217  -15.198 -11.879 1.00   38.47 ? 69  ARG A CZ  1 
ATOM   541  N NH1 . ARG A 1 69  ? -2.644  -15.959 -10.878 1.00   45.55 ? 69  ARG A NH1 1 
ATOM   542  N NH2 . ARG A 1 69  ? -1.256  -15.598 -12.698 1.00   39.75 ? 69  ARG A NH2 1 
ATOM   543  N N   . ILE A 1 70  ? -7.505  -9.277  -10.083 1.00   26.59 ? 70  ILE A N   1 
ATOM   544  C CA  . ILE A 1 70  ? -8.595  -8.743  -9.286  1.00   27.60 ? 70  ILE A CA  1 
ATOM   545  C C   . ILE A 1 70  ? -9.734  -8.276  -10.192 1.00   27.41 ? 70  ILE A C   1 
ATOM   546  O O   . ILE A 1 70  ? -10.929 -8.601  -9.910  1.00   30.29 ? 70  ILE A O   1 
ATOM   547  C CB  . ILE A 1 70  ? -8.118  -7.531  -8.434  1.00   24.98 ? 70  ILE A CB  1 
ATOM   548  C CG1 . ILE A 1 70  ? -7.206  -8.073  -7.333  1.00   24.93 ? 70  ILE A CG1 1 
ATOM   549  C CG2 . ILE A 1 70  ? -9.306  -6.750  -7.903  1.00   28.54 ? 70  ILE A CG2 1 
ATOM   550  C CD1 . ILE A 1 70  ? -6.592  -6.902  -6.527  1.00   25.73 ? 70  ILE A CD1 1 
ATOM   551  N N   . ARG A 1 71  ? -9.440  -7.580  -11.274 1.00   25.91 ? 71  ARG A N   1 
ATOM   552  C CA  . ARG A 1 71  ? -10.502 -7.075  -12.139 1.00   28.09 ? 71  ARG A CA  1 
ATOM   553  C C   . ARG A 1 71  ? -11.109 -8.220  -12.977 1.00   30.56 ? 71  ARG A C   1 
ATOM   554  O O   . ARG A 1 71  ? -12.265 -8.044  -13.381 1.00   31.74 ? 71  ARG A O   1 
ATOM   555  C CB  . ARG A 1 71  ? -9.970  -6.037  -13.114 1.00   26.15 ? 71  ARG A CB  1 
ATOM   556  C CG  . ARG A 1 71  ? -9.372  -4.769  -12.477 1.00   32.47 ? 71  ARG A CG  1 
ATOM   557  C CD  . ARG A 1 71  ? -10.486 -3.821  -12.033 1.00   35.73 ? 71  ARG A CD  1 
ATOM   558  N NE  . ARG A 1 71  ? -9.894  -2.515  -11.706 1.00   38.31 ? 71  ARG A NE  1 
ATOM   559  C CZ  . ARG A 1 71  ? -9.805  -2.033  -10.465 1.00   45.15 ? 71  ARG A CZ  1 
ATOM   560  N NH1 . ARG A 1 71  ? -10.267 -2.727  -9.432  1.00   45.74 ? 71  ARG A NH1 1 
ATOM   561  N NH2 . ARG A 1 71  ? -9.257  -0.828  -10.274 1.00   39.53 ? 71  ARG A NH2 1 
ATOM   562  N N   . ALA A 1 72  ? -10.345 -9.225  -13.357 1.00   27.35 ? 72  ALA A N   1 
ATOM   563  C CA  . ALA A 1 72  ? -10.943 -10.279 -14.209 1.00   27.12 ? 72  ALA A CA  1 
ATOM   564  C C   . ALA A 1 72  ? -11.600 -11.400 -13.481 1.00   33.70 ? 72  ALA A C   1 
ATOM   565  O O   . ALA A 1 72  ? -12.429 -12.104 -14.130 1.00   31.40 ? 72  ALA A O   1 
ATOM   566  C CB  . ALA A 1 72  ? -9.818  -10.825 -15.104 1.00   30.91 ? 72  ALA A CB  1 
ATOM   567  N N   . GLY A 1 73  ? -11.298 -11.635 -12.198 1.00   33.90 ? 73  GLY A N   1 
ATOM   568  C CA  . GLY A 1 73  ? -11.908 -12.743 -11.499 1.00   39.25 ? 73  GLY A CA  1 
ATOM   569  C C   . GLY A 1 73  ? -12.644 -12.492 -10.213 1.00   39.55 ? 73  GLY A C   1 
ATOM   570  O O   . GLY A 1 73  ? -13.217 -13.458 -9.672  1.00   45.64 ? 73  GLY A O   1 
ATOM   571  N N   . PHE A 1 74  ? -12.654 -11.290 -9.673  1.00   32.55 ? 74  PHE A N   1 
ATOM   572  C CA  . PHE A 1 74  ? -13.307 -11.041 -8.388  1.00   35.42 ? 74  PHE A CA  1 
ATOM   573  C C   . PHE A 1 74  ? -14.583 -10.257 -8.543  1.00   35.49 ? 74  PHE A C   1 
ATOM   574  O O   . PHE A 1 74  ? -14.655 -9.259  -9.256  1.00   37.58 ? 74  PHE A O   1 
ATOM   575  C CB  . PHE A 1 74  ? -12.391 -10.242 -7.433  1.00   31.96 ? 74  PHE A CB  1 
ATOM   576  C CG  . PHE A 1 74  ? -11.290 -11.070 -6.845  1.00   29.50 ? 74  PHE A CG  1 
ATOM   577  C CD1 . PHE A 1 74  ? -10.247 -11.520 -7.635  1.00   29.99 ? 74  PHE A CD1 1 
ATOM   578  C CD2 . PHE A 1 74  ? -11.223 -11.270 -5.473  1.00   39.64 ? 74  PHE A CD2 1 
ATOM   579  C CE1 . PHE A 1 74  ? -9.219  -12.268 -7.098  1.00   33.42 ? 74  PHE A CE1 1 
ATOM   580  C CE2 . PHE A 1 74  ? -10.178 -11.992 -4.916  1.00   38.83 ? 74  PHE A CE2 1 
ATOM   581  C CZ  . PHE A 1 74  ? -9.187  -12.505 -5.723  1.00   39.04 ? 74  PHE A CZ  1 
ATOM   582  N N   . GLU A 1 75  ? -15.600 -10.679 -7.751  1.00   42.15 ? 75  GLU A N   1 
ATOM   583  C CA  . GLU A 1 75  ? -16.883 -9.976  -7.877  1.00   46.47 ? 75  GLU A CA  1 
ATOM   584  C C   . GLU A 1 75  ? -16.828 -8.718  -7.021  1.00   46.64 ? 75  GLU A C   1 
ATOM   585  O O   . GLU A 1 75  ? -17.298 -7.644  -7.380  1.00   53.17 ? 75  GLU A O   1 
ATOM   586  C CB  . GLU A 1 75  ? -17.901 -11.045 -7.389  0.0000 20.00 ? 75  GLU A CB  1 
ATOM   587  C CG  . GLU A 1 75  ? -19.250 -10.374 -7.126  0.0000 20.00 ? 75  GLU A CG  1 
ATOM   588  C CD  . GLU A 1 75  ? -20.201 -11.380 -6.519  0.0000 20.00 ? 75  GLU A CD  1 
ATOM   589  O OE1 . GLU A 1 75  ? -19.759 -12.482 -6.197  0.0000 20.00 ? 75  GLU A OE1 1 
ATOM   590  O OE2 . GLU A 1 75  ? -21.374 -11.064 -6.370  0.0000 20.00 ? 75  GLU A OE2 1 
ATOM   591  N N   . HIS A 1 76  ? -16.186 -8.886  -5.872  1.00   46.42 ? 76  HIS A N   1 
ATOM   592  C CA  . HIS A 1 76  ? -16.034 -7.782  -4.930  1.00   42.52 ? 76  HIS A CA  1 
ATOM   593  C C   . HIS A 1 76  ? -14.577 -7.315  -4.998  1.00   39.60 ? 76  HIS A C   1 
ATOM   594  O O   . HIS A 1 76  ? -13.641 -8.126  -4.919  1.00   37.53 ? 76  HIS A O   1 
ATOM   595  C CB  . HIS A 1 76  ? -16.417 -8.196  -3.518  1.00   49.13 ? 76  HIS A CB  1 
ATOM   596  C CG  . HIS A 1 76  ? -17.826 -7.596  -3.296  0.0000 20.00 ? 76  HIS A CG  1 
ATOM   597  N ND1 . HIS A 1 76  ? -18.019 -6.393  -2.699  0.0000 20.00 ? 76  HIS A ND1 1 
ATOM   598  C CD2 . HIS A 1 76  ? -19.076 -8.144  -3.600  0.0000 20.00 ? 76  HIS A CD2 1 
ATOM   599  C CE1 . HIS A 1 76  ? -19.354 -6.221  -2.649  0.0000 20.00 ? 76  HIS A CE1 1 
ATOM   600  N NE2 . HIS A 1 76  ? -20.012 -7.254  -3.181  0.0000 20.00 ? 76  HIS A NE2 1 
ATOM   601  N N   . GLN A 1 77  ? -14.450 -6.038  -5.340  1.00   33.99 ? 77  GLN A N   1 
ATOM   602  C CA  . GLN A 1 77  ? -13.061 -5.547  -5.545  1.00   35.12 ? 77  GLN A CA  1 
ATOM   603  C C   . GLN A 1 77  ? -12.813 -4.391  -4.600  1.00   29.78 ? 77  GLN A C   1 
ATOM   604  O O   . GLN A 1 77  ? -13.510 -3.390  -4.603  1.00   33.81 ? 77  GLN A O   1 
ATOM   605  C CB  . GLN A 1 77  ? -12.939 -5.165  -7.007  1.00   37.65 ? 77  GLN A CB  1 
ATOM   606  C CG  . GLN A 1 77  ? -12.989 -6.346  -7.994  1.00   35.24 ? 77  GLN A CG  1 
ATOM   607  C CD  . GLN A 1 77  ? -13.007 -5.811  -9.399  1.00   40.29 ? 77  GLN A CD  1 
ATOM   608  O OE1 . GLN A 1 77  ? -12.545 -4.695  -9.610  1.00   40.67 ? 77  GLN A OE1 1 
ATOM   609  N NE2 . GLN A 1 77  ? -13.551 -6.594  -10.325 1.00   35.22 ? 77  GLN A NE2 1 
ATOM   610  N N   . PRO A 1 78  ? -11.644 -4.366  -3.948  1.00   31.18 ? 78  PRO A N   1 
ATOM   611  C CA  . PRO A 1 78  ? -11.244 -3.211  -3.171  1.00   29.05 ? 78  PRO A CA  1 
ATOM   612  C C   . PRO A 1 78  ? -10.739 -2.067  -4.046  1.00   30.65 ? 78  PRO A C   1 
ATOM   613  O O   . PRO A 1 78  ? -10.395 -2.325  -5.198  1.00   30.62 ? 78  PRO A O   1 
ATOM   614  C CB  . PRO A 1 78  ? -10.048 -3.758  -2.392  1.00   31.60 ? 78  PRO A CB  1 
ATOM   615  C CG  . PRO A 1 78  ? -9.434  -4.724  -3.336  1.00   32.80 ? 78  PRO A CG  1 
ATOM   616  C CD  . PRO A 1 78  ? -10.624 -5.456  -3.973  1.00   33.13 ? 78  PRO A CD  1 
ATOM   617  N N   . ASN A 1 79  ? -10.750 -0.851  -3.537  1.00   26.99 ? 79  ASN A N   1 
ATOM   618  C CA  . ASN A 1 79  ? -10.103 0.259   -4.226  1.00   26.79 ? 79  ASN A CA  1 
ATOM   619  C C   . ASN A 1 79  ? -8.599  -0.029  -3.999  1.00   28.67 ? 79  ASN A C   1 
ATOM   620  O O   . ASN A 1 79  ? -8.205  -0.280  -2.861  1.00   30.88 ? 79  ASN A O   1 
ATOM   621  C CB  . ASN A 1 79  ? -10.458 1.612   -3.581  1.00   33.52 ? 79  ASN A CB  1 
ATOM   622  C CG  . ASN A 1 79  ? -11.813 2.075   -4.106  1.00   39.77 ? 79  ASN A CG  1 
ATOM   623  O OD1 . ASN A 1 79  ? -12.043 2.017   -5.313  1.00   50.38 ? 79  ASN A OD1 1 
ATOM   624  N ND2 . ASN A 1 79  ? -12.722 2.505   -3.251  1.00   45.92 ? 79  ASN A ND2 1 
ATOM   625  N N   . VAL A 1 80  ? -7.865  -0.070  -5.082  1.00   25.04 ? 80  VAL A N   1 
ATOM   626  C CA  . VAL A 1 80  ? -6.452  -0.403  -4.998  1.00   23.14 ? 80  VAL A CA  1 
ATOM   627  C C   . VAL A 1 80  ? -5.580  0.831   -5.101  1.00   22.91 ? 80  VAL A C   1 
ATOM   628  O O   . VAL A 1 80  ? -5.708  1.684   -5.968  1.00   23.99 ? 80  VAL A O   1 
ATOM   629  C CB  . VAL A 1 80  ? -6.133  -1.371  -6.137  1.00   25.78 ? 80  VAL A CB  1 
ATOM   630  C CG1 . VAL A 1 80  ? -4.682  -1.803  -6.131  1.00   23.51 ? 80  VAL A CG1 1 
ATOM   631  C CG2 . VAL A 1 80  ? -7.016  -2.643  -6.004  1.00   25.18 ? 80  VAL A CG2 1 
ATOM   632  N N   . ILE A 1 81  ? -4.618  0.945   -4.178  1.00   20.30 ? 81  ILE A N   1 
ATOM   633  C CA  . ILE A 1 81  ? -3.634  2.055   -4.177  1.00   21.09 ? 81  ILE A CA  1 
ATOM   634  C C   . ILE A 1 81  ? -2.268  1.409   -4.360  1.00   19.87 ? 81  ILE A C   1 
ATOM   635  O O   . ILE A 1 81  ? -1.764  0.660   -3.490  1.00   22.75 ? 81  ILE A O   1 
ATOM   636  C CB  . ILE A 1 81  ? -3.646  2.819   -2.835  1.00   22.83 ? 81  ILE A CB  1 
ATOM   637  C CG1 . ILE A 1 81  ? -5.074  3.421   -2.649  1.00   23.96 ? 81  ILE A CG1 1 
ATOM   638  C CG2 . ILE A 1 81  ? -2.545  3.890   -2.854  1.00   21.89 ? 81  ILE A CG2 1 
ATOM   639  C CD1 . ILE A 1 81  ? -5.134  4.013   -1.216  1.00   27.59 ? 81  ILE A CD1 1 
ATOM   640  N N   . MET A 1 82  ? -1.578  1.699   -5.476  1.00   20.53 ? 82  MET A N   1 
ATOM   641  C CA  . MET A 1 82  ? -0.261  1.120   -5.716  1.00   19.98 ? 82  MET A CA  1 
ATOM   642  C C   . MET A 1 82  ? 0.765   1.822   -4.806  1.00   24.93 ? 82  MET A C   1 
ATOM   643  O O   . MET A 1 82  ? 0.744   3.052   -4.782  1.00   25.29 ? 82  MET A O   1 
ATOM   644  C CB  . MET A 1 82  ? 0.127   1.259   -7.180  1.00   23.79 ? 82  MET A CB  1 
ATOM   645  C CG  A MET A 1 82  ? -0.309  0.389   -8.283  0.50   21.73 ? 82  MET A CG  1 
ATOM   646  C CG  B MET A 1 82  ? -1.085  0.866   -8.065  0.50   17.11 ? 82  MET A CG  1 
ATOM   647  S SD  A MET A 1 82  ? -0.495  -1.446  -7.655  0.50   23.96 ? 82  MET A SD  1 
ATOM   648  S SD  B MET A 1 82  ? -1.716  -0.962  -7.904  0.50   23.81 ? 82  MET A SD  1 
ATOM   649  C CE  A MET A 1 82  ? -1.239  -2.095  -9.298  0.50   25.33 ? 82  MET A CE  1 
ATOM   650  C CE  B MET A 1 82  ? 0.020   -1.818  -7.945  0.50   14.66 ? 82  MET A CE  1 
ATOM   651  N N   . LEU A 1 83  ? 1.688   1.099   -4.225  1.00   22.02 ? 83  LEU A N   1 
ATOM   652  C CA  . LEU A 1 83  ? 2.867   1.703   -3.574  1.00   22.85 ? 83  LEU A CA  1 
ATOM   653  C C   . LEU A 1 83  ? 3.980   1.862   -4.586  1.00   22.32 ? 83  LEU A C   1 
ATOM   654  O O   . LEU A 1 83  ? 4.402   0.820   -5.106  1.00   23.75 ? 83  LEU A O   1 
ATOM   655  C CB  . LEU A 1 83  ? 3.291   0.688   -2.480  1.00   24.42 ? 83  LEU A CB  1 
ATOM   656  C CG  . LEU A 1 83  ? 2.197   0.564   -1.421  1.00   21.98 ? 83  LEU A CG  1 
ATOM   657  C CD1 . LEU A 1 83  ? 2.610   -0.611  -0.535  1.00   26.05 ? 83  LEU A CD1 1 
ATOM   658  C CD2 . LEU A 1 83  ? 2.019   1.831   -0.558  1.00   25.57 ? 83  LEU A CD2 1 
ATOM   659  N N   . THR A 1 84  ? 4.302   3.102   -4.954  1.00   21.48 ? 84  THR A N   1 
ATOM   660  C CA  . THR A 1 84  ? 5.210   3.386   -6.066  1.00   24.66 ? 84  THR A CA  1 
ATOM   661  C C   . THR A 1 84  ? 6.465   4.073   -5.566  1.00   25.26 ? 84  THR A C   1 
ATOM   662  O O   . THR A 1 84  ? 6.360   5.215   -5.121  1.00   29.09 ? 84  THR A O   1 
ATOM   663  C CB  . THR A 1 84  ? 4.474   4.359   -7.002  1.00   26.76 ? 84  THR A CB  1 
ATOM   664  O OG1 . THR A 1 84  ? 3.280   3.673   -7.441  1.00   28.91 ? 84  THR A OG1 1 
ATOM   665  C CG2 . THR A 1 84  ? 5.272   4.752   -8.255  1.00   27.04 ? 84  THR A CG2 1 
ATOM   666  N N   . ALA A 1 85  ? 7.634   3.546   -5.881  1.00   26.47 ? 85  ALA A N   1 
ATOM   667  C CA  . ALA A 1 85  ? 8.858   4.251   -5.477  1.00   26.34 ? 85  ALA A CA  1 
ATOM   668  C C   . ALA A 1 85  ? 9.435   4.972   -6.722  1.00   27.19 ? 85  ALA A C   1 
ATOM   669  O O   . ALA A 1 85  ? 9.015   4.795   -7.852  1.00   27.81 ? 85  ALA A O   1 
ATOM   670  C CB  . ALA A 1 85  ? 9.819   3.285   -4.858  1.00   33.28 ? 85  ALA A CB  1 
ATOM   671  N N   . PHE A 1 86  ? 10.402  5.849   -6.373  1.00   31.67 ? 86  PHE A N   1 
ATOM   672  C CA  . PHE A 1 86  ? 11.051  6.657   -7.437  1.00   31.60 ? 86  PHE A CA  1 
ATOM   673  C C   . PHE A 1 86  ? 11.507  5.798   -8.572  1.00   28.72 ? 86  PHE A C   1 
ATOM   674  O O   . PHE A 1 86  ? 12.143  4.767   -8.312  1.00   35.09 ? 86  PHE A O   1 
ATOM   675  C CB  . PHE A 1 86  ? 12.185  7.430   -6.736  1.00   31.91 ? 86  PHE A CB  1 
ATOM   676  C CG  . PHE A 1 86  ? 12.987  8.320   -7.695  1.00   32.65 ? 86  PHE A CG  1 
ATOM   677  C CD1 . PHE A 1 86  ? 14.090  7.815   -8.344  1.00   36.02 ? 86  PHE A CD1 1 
ATOM   678  C CD2 . PHE A 1 86  ? 12.654  9.645   -7.812  1.00   35.33 ? 86  PHE A CD2 1 
ATOM   679  C CE1 . PHE A 1 86  ? 14.820  8.617   -9.217  1.00   35.71 ? 86  PHE A CE1 1 
ATOM   680  C CE2 . PHE A 1 86  ? 13.364  10.465  -8.697  1.00   37.18 ? 86  PHE A CE2 1 
ATOM   681  C CZ  . PHE A 1 86  ? 14.447  9.947   -9.386  1.00   32.69 ? 86  PHE A CZ  1 
ATOM   682  N N   . GLY A 1 87  ? 11.289  6.114   -9.830  1.00   31.19 ? 87  GLY A N   1 
ATOM   683  C CA  . GLY A 1 87  ? 11.743  5.262   -10.934 1.00   31.60 ? 87  GLY A CA  1 
ATOM   684  C C   . GLY A 1 87  ? 10.697  4.254   -11.356 1.00   31.16 ? 87  GLY A C   1 
ATOM   685  O O   . GLY A 1 87  ? 10.785  3.693   -12.474 1.00   38.25 ? 87  GLY A O   1 
ATOM   686  N N   . GLN A 1 88  ? 9.629   4.035   -10.583 1.00   30.79 ? 88  GLN A N   1 
ATOM   687  C CA  . GLN A 1 88  ? 8.604   3.077   -10.926 1.00   30.32 ? 88  GLN A CA  1 
ATOM   688  C C   . GLN A 1 88  ? 7.331   3.701   -11.454 1.00   32.86 ? 88  GLN A C   1 
ATOM   689  O O   . GLN A 1 88  ? 6.273   3.107   -11.615 1.00   30.24 ? 88  GLN A O   1 
ATOM   690  C CB  . GLN A 1 88  ? 8.193   2.176   -9.723  1.00   27.69 ? 88  GLN A CB  1 
ATOM   691  C CG  . GLN A 1 88  ? 9.428   1.480   -9.131  1.00   31.73 ? 88  GLN A CG  1 
ATOM   692  C CD  . GLN A 1 88  ? 9.020   0.614   -7.948  1.00   33.28 ? 88  GLN A CD  1 
ATOM   693  O OE1 . GLN A 1 88  ? 8.213   1.035   -7.107  1.00   30.94 ? 88  GLN A OE1 1 
ATOM   694  N NE2 . GLN A 1 88  ? 9.592   -0.584  -7.845  1.00   33.24 ? 88  GLN A NE2 1 
ATOM   695  N N   . GLU A 1 89  ? 7.412   5.026   -11.740 1.00   34.61 ? 89  GLU A N   1 
ATOM   696  C CA  . GLU A 1 89  ? 6.242   5.757   -12.162 1.00   34.26 ? 89  GLU A CA  1 
ATOM   697  C C   . GLU A 1 89  ? 5.687   5.262   -13.474 1.00   30.06 ? 89  GLU A C   1 
ATOM   698  O O   . GLU A 1 89  ? 4.475   5.131   -13.630 1.00   30.37 ? 89  GLU A O   1 
ATOM   699  C CB  . GLU A 1 89  ? 6.515   7.270   -12.218 1.00   37.36 ? 89  GLU A CB  1 
ATOM   700  C CG  . GLU A 1 89  ? 7.172   7.870   -10.993 1.00   33.68 ? 89  GLU A CG  1 
ATOM   701  C CD  . GLU A 1 89  ? 8.689   7.619   -10.963 1.00   32.11 ? 89  GLU A CD  1 
ATOM   702  O OE1 . GLU A 1 89  ? 9.201   7.007   -11.928 1.00   37.00 ? 89  GLU A OE1 1 
ATOM   703  O OE2 . GLU A 1 89  ? 9.250   8.050   -9.964  1.00   36.18 ? 89  GLU A OE2 1 
ATOM   704  N N   . ASP A 1 90  ? 6.555   5.003   -14.480 1.00   37.45 ? 90  ASP A N   1 
ATOM   705  C CA  . ASP A 1 90  ? 6.041   4.538   -15.771 1.00   40.02 ? 90  ASP A CA  1 
ATOM   706  C C   . ASP A 1 90  ? 5.235   3.265   -15.693 1.00   40.68 ? 90  ASP A C   1 
ATOM   707  O O   . ASP A 1 90  ? 4.169   3.043   -16.297 1.00   39.16 ? 90  ASP A O   1 
ATOM   708  C CB  . ASP A 1 90  ? 7.222   4.381   -16.756 1.00   44.63 ? 90  ASP A CB  1 
ATOM   709  C CG  . ASP A 1 90  ? 7.943   5.488   -17.157 0.0000 20.00 ? 90  ASP A CG  1 
ATOM   710  O OD1 . ASP A 1 90  ? 7.239   6.135   -17.934 0.0000 20.00 ? 90  ASP A OD1 1 
ATOM   711  O OD2 . ASP A 1 90  ? 9.073   5.829   -16.823 0.0000 20.00 ? 90  ASP A OD2 1 
ATOM   712  N N   . VAL A 1 91  ? 5.666   2.291   -14.862 1.00   42.93 ? 91  VAL A N   1 
ATOM   713  C CA  . VAL A 1 91  ? 4.910   1.054   -14.685 1.00   42.27 ? 91  VAL A CA  1 
ATOM   714  C C   . VAL A 1 91  ? 3.604   1.201   -13.938 1.00   37.11 ? 91  VAL A C   1 
ATOM   715  O O   . VAL A 1 91  ? 2.516   0.691   -14.176 1.00   39.25 ? 91  VAL A O   1 
ATOM   716  C CB  . VAL A 1 91  ? 5.777   0.007   -13.922 1.00   44.29 ? 91  VAL A CB  1 
ATOM   717  C CG1 . VAL A 1 91  ? 5.011   -1.296  -13.821 1.00   48.74 ? 91  VAL A CG1 1 
ATOM   718  C CG2 . VAL A 1 91  ? 7.133   -0.197  -14.582 1.00   50.17 ? 91  VAL A CG2 1 
ATOM   719  N N   . THR A 1 92  ? 3.572   2.161   -12.974 1.00   30.65 ? 92  THR A N   1 
ATOM   720  C CA  . THR A 1 92  ? 2.359   2.535   -12.281 1.00   26.52 ? 92  THR A CA  1 
ATOM   721  C C   . THR A 1 92  ? 1.274   3.066   -13.174 1.00   25.87 ? 92  THR A C   1 
ATOM   722  O O   . THR A 1 92  ? 0.079   3.008   -12.924 1.00   25.09 ? 92  THR A O   1 
ATOM   723  C CB  . THR A 1 92  ? 2.690   3.584   -11.163 1.00   26.56 ? 92  THR A CB  1 
ATOM   724  O OG1 . THR A 1 92  ? 3.567   2.925   -10.237 1.00   27.88 ? 92  THR A OG1 1 
ATOM   725  C CG2 . THR A 1 92  ? 1.437   4.065   -10.440 1.00   27.14 ? 92  THR A CG2 1 
ATOM   726  N N   . LYS A 1 93  ? 1.686   3.833   -14.237 1.00   27.76 ? 93  LYS A N   1 
ATOM   727  C CA  . LYS A 1 93  ? 0.737   4.422   -15.144 1.00   27.83 ? 93  LYS A CA  1 
ATOM   728  C C   . LYS A 1 93  ? -0.168  3.375   -15.830 1.00   29.92 ? 93  LYS A C   1 
ATOM   729  O O   . LYS A 1 93  ? -1.380  3.570   -15.822 1.00   28.21 ? 93  LYS A O   1 
ATOM   730  C CB  . LYS A 1 93  ? 1.505   5.290   -16.171 1.00   33.85 ? 93  LYS A CB  1 
ATOM   731  C CG  . LYS A 1 93  ? 0.485   5.986   -17.083 1.00   34.92 ? 93  LYS A CG  1 
ATOM   732  C CD  . LYS A 1 93  ? 1.206   6.979   -18.007 1.00   40.69 ? 93  LYS A CD  1 
ATOM   733  C CE  . LYS A 1 93  ? 2.557   6.423   -18.669 0.0000 20.00 ? 93  LYS A CE  1 
ATOM   734  N NZ  . LYS A 1 93  ? 2.966   7.312   -19.754 0.0000 20.00 ? 93  LYS A NZ  1 
ATOM   735  N N   . LYS A 1 94  ? 0.326   2.164   -16.091 1.00   28.45 ? 94  LYS A N   1 
ATOM   736  C CA  . LYS A 1 94  ? -0.559  1.087   -16.614 1.00   29.49 ? 94  LYS A CA  1 
ATOM   737  C C   . LYS A 1 94  ? -1.617  0.692   -15.620 1.00   26.69 ? 94  LYS A C   1 
ATOM   738  O O   . LYS A 1 94  ? -2.822  0.488   -15.801 1.00   28.25 ? 94  LYS A O   1 
ATOM   739  C CB  . LYS A 1 94  ? 0.338   -0.108  -16.955 1.00   38.01 ? 94  LYS A CB  1 
ATOM   740  C CG  . LYS A 1 94  ? 1.316   0.089   -18.098 1.00   43.18 ? 94  LYS A CG  1 
ATOM   741  C CD  . LYS A 1 94  ? 1.524   -1.229  -18.852 0.0000 20.00 ? 94  LYS A CD  1 
ATOM   742  C CE  . LYS A 1 94  ? 0.307   -2.159  -18.898 0.0000 20.00 ? 94  LYS A CE  1 
ATOM   743  N NZ  . LYS A 1 94  ? 0.123   -2.662  -20.257 0.0000 20.00 ? 94  LYS A NZ  1 
ATOM   744  N N   . ALA A 1 95  ? -1.176  0.602   -14.301 1.00   25.51 ? 95  ALA A N   1 
ATOM   745  C CA  . ALA A 1 95  ? -2.186  0.357   -13.277 1.00   24.27 ? 95  ALA A CA  1 
ATOM   746  C C   . ALA A 1 95  ? -3.210  1.447   -13.075 1.00   25.72 ? 95  ALA A C   1 
ATOM   747  O O   . ALA A 1 95  ? -4.361  1.257   -12.770 1.00   25.99 ? 95  ALA A O   1 
ATOM   748  C CB  . ALA A 1 95  ? -1.520  0.075   -11.915 1.00   26.96 ? 95  ALA A CB  1 
ATOM   749  N N   . VAL A 1 96  ? -2.849  2.745   -13.234 1.00   24.70 ? 96  VAL A N   1 
ATOM   750  C CA  . VAL A 1 96  ? -3.830  3.818   -13.174 1.00   24.46 ? 96  VAL A CA  1 
ATOM   751  C C   . VAL A 1 96  ? -4.810  3.753   -14.367 1.00   24.86 ? 96  VAL A C   1 
ATOM   752  O O   . VAL A 1 96  ? -5.997  4.003   -14.204 1.00   26.23 ? 96  VAL A O   1 
ATOM   753  C CB  . VAL A 1 96  ? -3.068  5.170   -13.221 1.00   32.38 ? 96  VAL A CB  1 
ATOM   754  C CG1 . VAL A 1 96  ? -4.060  6.311   -13.402 1.00   30.66 ? 96  VAL A CG1 1 
ATOM   755  C CG2 . VAL A 1 96  ? -2.192  5.352   -11.962 1.00   30.25 ? 96  VAL A CG2 1 
ATOM   756  N N   . GLU A 1 97  ? -4.323  3.257   -15.488 1.00   30.73 ? 97  GLU A N   1 
ATOM   757  C CA  . GLU A 1 97  ? -5.194  3.031   -16.651 1.00   29.24 ? 97  GLU A CA  1 
ATOM   758  C C   . GLU A 1 97  ? -6.242  1.987   -16.346 1.00   31.71 ? 97  GLU A C   1 
ATOM   759  O O   . GLU A 1 97  ? -7.373  2.050   -16.849 1.00   34.65 ? 97  GLU A O   1 
ATOM   760  C CB  . GLU A 1 97  ? -4.353  2.632   -17.854 1.00   35.32 ? 97  GLU A CB  1 
ATOM   761  C CG  . GLU A 1 97  ? -3.393  3.722   -18.284 1.00   38.49 ? 97  GLU A CG  1 
ATOM   762  C CD  . GLU A 1 97  ? -2.617  3.369   -19.534 1.00   36.52 ? 97  GLU A CD  1 
ATOM   763  O OE1 . GLU A 1 97  ? -2.768  2.237   -20.042 1.00   46.54 ? 97  GLU A OE1 1 
ATOM   764  O OE2 . GLU A 1 97  ? -1.816  4.224   -19.994 1.00   49.05 ? 97  GLU A OE2 1 
ATOM   765  N N   . LEU A 1 98  ? -5.968  1.034   -15.439 1.00   30.35 ? 98  LEU A N   1 
ATOM   766  C CA  . LEU A 1 98  ? -6.941  0.074   -14.962 1.00   32.44 ? 98  LEU A CA  1 
ATOM   767  C C   . LEU A 1 98  ? -7.679  0.520   -13.726 1.00   31.53 ? 98  LEU A C   1 
ATOM   768  O O   . LEU A 1 98  ? -8.361  -0.287  -13.057 1.00   35.61 ? 98  LEU A O   1 
ATOM   769  C CB  . LEU A 1 98  ? -6.380  -1.329  -14.676 1.00   35.70 ? 98  LEU A CB  1 
ATOM   770  C CG  . LEU A 1 98  ? -5.737  -2.075  -15.844 1.00   42.70 ? 98  LEU A CG  1 
ATOM   771  C CD1 . LEU A 1 98  ? -5.156  -3.413  -15.418 1.00   36.03 ? 98  LEU A CD1 1 
ATOM   772  C CD2 . LEU A 1 98  ? -6.798  -2.271  -16.937 1.00   42.96 ? 98  LEU A CD2 1 
ATOM   773  N N   . GLY A 1 99  ? -7.542  1.793   -13.322 1.00   28.53 ? 99  GLY A N   1 
ATOM   774  C CA  . GLY A 1 99  ? -8.409  2.318   -12.300 1.00   29.57 ? 99  GLY A CA  1 
ATOM   775  C C   . GLY A 1 99  ? -7.847  2.408   -10.895 1.00   28.36 ? 99  GLY A C   1 
ATOM   776  O O   . GLY A 1 99  ? -8.565  2.785   -9.960  1.00   32.71 ? 99  GLY A O   1 
ATOM   777  N N   . ALA A 1 100 ? -6.634  1.923   -10.759 1.00   25.76 ? 100 ALA A N   1 
ATOM   778  C CA  . ALA A 1 100 ? -6.005  1.996   -9.424  1.00   24.61 ? 100 ALA A CA  1 
ATOM   779  C C   . ALA A 1 100 ? -5.547  3.433   -9.212  1.00   24.82 ? 100 ALA A C   1 
ATOM   780  O O   . ALA A 1 100 ? -5.378  4.235   -10.115 1.00   27.57 ? 100 ALA A O   1 
ATOM   781  C CB  . ALA A 1 100 ? -4.728  1.155   -9.420  1.00   24.76 ? 100 ALA A CB  1 
ATOM   782  N N   . SER A 1 101 ? -5.275  3.707   -7.922  1.00   24.38 ? 101 SER A N   1 
ATOM   783  C CA  . SER A 1 101 ? -4.668  4.988   -7.579  1.00   24.81 ? 101 SER A CA  1 
ATOM   784  C C   . SER A 1 101 ? -3.249  4.639   -7.091  1.00   23.58 ? 101 SER A C   1 
ATOM   785  O O   . SER A 1 101 ? -2.828  3.482   -7.243  1.00   21.32 ? 101 SER A O   1 
ATOM   786  C CB  . SER A 1 101 ? -5.418  5.814   -6.576  1.00   29.00 ? 101 SER A CB  1 
ATOM   787  O OG  . SER A 1 101 ? -5.540  5.329   -5.285  1.00   32.99 ? 101 SER A OG  1 
ATOM   788  N N   . TYR A 1 102 ? -2.489  5.654   -6.598  1.00   21.22 ? 102 TYR A N   1 
ATOM   789  C CA  . TYR A 1 102 ? -1.106  5.304   -6.275  1.00   22.14 ? 102 TYR A CA  1 
ATOM   790  C C   . TYR A 1 102 ? -0.608  6.258   -5.139  1.00   23.47 ? 102 TYR A C   1 
ATOM   791  O O   . TYR A 1 102 ? -1.271  7.272   -4.906  1.00   25.72 ? 102 TYR A O   1 
ATOM   792  C CB  . TYR A 1 102 ? -0.052  5.344   -7.402  1.00   22.47 ? 102 TYR A CB  1 
ATOM   793  C CG  . TYR A 1 102 ? 0.022   6.737   -8.009  1.00   21.87 ? 102 TYR A CG  1 
ATOM   794  C CD1 . TYR A 1 102 ? -0.813  7.124   -9.008  1.00   23.86 ? 102 TYR A CD1 1 
ATOM   795  C CD2 . TYR A 1 102 ? 0.935   7.654   -7.456  1.00   27.60 ? 102 TYR A CD2 1 
ATOM   796  C CE1 . TYR A 1 102 ? -0.777  8.410   -9.513  1.00   26.15 ? 102 TYR A CE1 1 
ATOM   797  C CE2 . TYR A 1 102 ? 0.951   8.947   -7.951  1.00   28.91 ? 102 TYR A CE2 1 
ATOM   798  C CZ  . TYR A 1 102 ? 0.123   9.320   -8.958  1.00   29.92 ? 102 TYR A CZ  1 
ATOM   799  O OH  . TYR A 1 102 ? 0.159   10.632  -9.414  1.00   33.53 ? 102 TYR A OH  1 
ATOM   800  N N   . PHE A 1 103 ? 0.446   5.786   -4.535  1.00   20.50 ? 103 PHE A N   1 
ATOM   801  C CA  . PHE A 1 103 ? 1.072   6.616   -3.441  1.00   23.07 ? 103 PHE A CA  1 
ATOM   802  C C   . PHE A 1 103 ? 2.552   6.573   -3.664  1.00   23.01 ? 103 PHE A C   1 
ATOM   803  O O   . PHE A 1 103 ? 3.107   5.473   -3.657  1.00   22.68 ? 103 PHE A O   1 
ATOM   804  C CB  . PHE A 1 103 ? 0.695   6.112   -2.042  1.00   22.09 ? 103 PHE A CB  1 
ATOM   805  C CG  . PHE A 1 103 ? 1.413   6.829   -0.894  1.00   22.19 ? 103 PHE A CG  1 
ATOM   806  C CD1 . PHE A 1 103 ? 0.971   8.109   -0.597  1.00   27.50 ? 103 PHE A CD1 1 
ATOM   807  C CD2 . PHE A 1 103 ? 2.485   6.233   -0.264  1.00   22.57 ? 103 PHE A CD2 1 
ATOM   808  C CE1 . PHE A 1 103 ? 1.611   8.776   0.450   1.00   25.00 ? 103 PHE A CE1 1 
ATOM   809  C CE2 . PHE A 1 103 ? 3.076   6.896   0.804   1.00   25.20 ? 103 PHE A CE2 1 
ATOM   810  C CZ  . PHE A 1 103 ? 2.660   8.187   1.129   1.00   24.60 ? 103 PHE A CZ  1 
ATOM   811  N N   . ILE A 1 104 ? 3.202   7.745   -3.793  1.00   22.67 ? 104 ILE A N   1 
ATOM   812  C CA  . ILE A 1 104 ? 4.662   7.812   -4.010  1.00   23.61 ? 104 ILE A CA  1 
ATOM   813  C C   . ILE A 1 104 ? 5.332   7.613   -2.637  1.00   27.82 ? 104 ILE A C   1 
ATOM   814  O O   . ILE A 1 104 ? 5.065   8.366   -1.708  1.00   26.83 ? 104 ILE A O   1 
ATOM   815  C CB  . ILE A 1 104 ? 5.035   9.202   -4.577  1.00   24.70 ? 104 ILE A CB  1 
ATOM   816  C CG1 . ILE A 1 104 ? 4.372   9.448   -5.942  1.00   29.54 ? 104 ILE A CG1 1 
ATOM   817  C CG2 . ILE A 1 104 ? 6.543   9.326   -4.651  1.00   28.38 ? 104 ILE A CG2 1 
ATOM   818  C CD1 . ILE A 1 104 ? 4.872   8.546   -7.062  1.00   32.17 ? 104 ILE A CD1 1 
ATOM   819  N N   . LEU A 1 105 ? 6.063   6.532   -2.517  1.00   25.41 ? 105 LEU A N   1 
ATOM   820  C CA  . LEU A 1 105 ? 6.726   6.137   -1.268  1.00   28.55 ? 105 LEU A CA  1 
ATOM   821  C C   . LEU A 1 105 ? 8.193   6.609   -1.242  1.00   30.82 ? 105 LEU A C   1 
ATOM   822  O O   . LEU A 1 105 ? 8.980   6.153   -2.098  1.00   36.23 ? 105 LEU A O   1 
ATOM   823  C CB  . LEU A 1 105 ? 6.677   4.612   -1.167  1.00   37.49 ? 105 LEU A CB  1 
ATOM   824  C CG  . LEU A 1 105 ? 6.834   4.078   0.267   1.00   32.85 ? 105 LEU A CG  1 
ATOM   825  C CD1 . LEU A 1 105 ? 5.757   4.520   1.228   1.00   38.24 ? 105 LEU A CD1 1 
ATOM   826  C CD2 . LEU A 1 105 ? 6.751   2.543   0.143   1.00   43.59 ? 105 LEU A CD2 1 
ATOM   827  N N   . LYS A 1 106 ? 8.448   7.659   -0.499  1.00   33.91 ? 106 LYS A N   1 
ATOM   828  C CA  . LYS A 1 106 ? 9.808   8.222   -0.356  1.00   35.86 ? 106 LYS A CA  1 
ATOM   829  C C   . LYS A 1 106 ? 10.524  7.360   0.692   1.00   34.22 ? 106 LYS A C   1 
ATOM   830  O O   . LYS A 1 106 ? 9.938   6.875   1.653   1.00   27.55 ? 106 LYS A O   1 
ATOM   831  C CB  . LYS A 1 106 ? 9.861   9.653   0.111   1.00   43.63 ? 106 LYS A CB  1 
ATOM   832  C CG  . LYS A 1 106 ? 8.664   10.555  0.255   1.00   46.85 ? 106 LYS A CG  1 
ATOM   833  C CD  . LYS A 1 106 ? 8.521   11.563  -0.866  1.00   50.74 ? 106 LYS A CD  1 
ATOM   834  C CE  . LYS A 1 106 ? 8.342   12.994  -0.387  1.00   52.87 ? 106 LYS A CE  1 
ATOM   835  N NZ  . LYS A 1 106 ? 7.044   13.299  0.278   1.00   58.47 ? 106 LYS A NZ  1 
ATOM   836  N N   . PRO A 1 107 ? 11.844  7.250   0.531   1.00   36.38 ? 107 PRO A N   1 
ATOM   837  C CA  . PRO A 1 107 ? 12.641  6.402   1.338   1.00   36.34 ? 107 PRO A CA  1 
ATOM   838  C C   . PRO A 1 107 ? 12.706  6.718   2.793   1.00   33.91 ? 107 PRO A C   1 
ATOM   839  O O   . PRO A 1 107 ? 13.115  5.697   3.341   1.00   40.75 ? 107 PRO A O   1 
ATOM   840  C CB  . PRO A 1 107 ? 14.084  6.465   0.757   1.00   34.34 ? 107 PRO A CB  1 
ATOM   841  C CG  . PRO A 1 107 ? 14.061  7.850   0.182   1.00   38.75 ? 107 PRO A CG  1 
ATOM   842  C CD  . PRO A 1 107 ? 12.694  7.875   -0.527  1.00   38.64 ? 107 PRO A CD  1 
ATOM   843  N N   . PHE A 1 108 ? 12.604  7.921   3.326   1.00   31.12 ? 108 PHE A N   1 
ATOM   844  C CA  . PHE A 1 108 ? 12.759  8.082   4.794   1.00   32.26 ? 108 PHE A CA  1 
ATOM   845  C C   . PHE A 1 108 ? 11.644  8.920   5.395   1.00   29.69 ? 108 PHE A C   1 
ATOM   846  O O   . PHE A 1 108 ? 11.214  9.887   4.763   1.00   32.74 ? 108 PHE A O   1 
ATOM   847  C CB  . PHE A 1 108 ? 14.101  8.825   5.157   1.00   25.41 ? 108 PHE A CB  1 
ATOM   848  C CG  . PHE A 1 108 ? 15.279  7.950   4.756   1.00   27.96 ? 108 PHE A CG  1 
ATOM   849  C CD1 . PHE A 1 108 ? 15.741  6.976   5.592   1.00   32.82 ? 108 PHE A CD1 1 
ATOM   850  C CD2 . PHE A 1 108 ? 15.833  8.164   3.503   1.00   31.91 ? 108 PHE A CD2 1 
ATOM   851  C CE1 . PHE A 1 108 ? 16.774  6.127   5.172   1.00   39.11 ? 108 PHE A CE1 1 
ATOM   852  C CE2 . PHE A 1 108 ? 16.869  7.339   3.087   1.00   35.45 ? 108 PHE A CE2 1 
ATOM   853  C CZ  . PHE A 1 108 ? 17.300  6.361   3.913   1.00   32.01 ? 108 PHE A CZ  1 
ATOM   854  N N   . ASP A 1 109 ? 11.188  8.666   6.628   1.00   24.33 ? 109 ASP A N   1 
ATOM   855  C CA  . ASP A 1 109 ? 10.058  9.392   7.177   1.00   25.33 ? 109 ASP A CA  1 
ATOM   856  C C   . ASP A 1 109 ? 10.395  10.742  7.780   1.00   27.58 ? 109 ASP A C   1 
ATOM   857  O O   . ASP A 1 109 ? 11.180  10.866  8.730   1.00   25.65 ? 109 ASP A O   1 
ATOM   858  C CB  . ASP A 1 109 ? 9.335   8.478   8.176   1.00   31.59 ? 109 ASP A CB  1 
ATOM   859  C CG  . ASP A 1 109 ? 7.948   8.932   8.561   1.00   41.14 ? 109 ASP A CG  1 
ATOM   860  O OD1 . ASP A 1 109 ? 7.470   9.988   8.153   1.00   40.54 ? 109 ASP A OD1 1 
ATOM   861  O OD2 . ASP A 1 109 ? 7.330   8.170   9.356   1.00   45.39 ? 109 ASP A OD2 1 
ATOM   862  N N   . MET A 1 110 ? 9.883   11.807  7.174   1.00   28.37 ? 110 MET A N   1 
ATOM   863  C CA  . MET A 1 110 ? 10.141  13.157  7.636   1.00   26.96 ? 110 MET A CA  1 
ATOM   864  C C   . MET A 1 110 ? 9.079   13.741  8.576   1.00   25.73 ? 110 MET A C   1 
ATOM   865  O O   . MET A 1 110 ? 9.256   14.880  9.001   1.00   28.59 ? 110 MET A O   1 
ATOM   866  C CB  . MET A 1 110 ? 10.249  14.068  6.389   1.00   35.81 ? 110 MET A CB  1 
ATOM   867  C CG  . MET A 1 110 ? 11.514  14.902  6.589   1.00   45.95 ? 110 MET A CG  1 
ATOM   868  S SD  . MET A 1 110 ? 12.973  14.127  5.688   1.00   37.40 ? 110 MET A SD  1 
ATOM   869  C CE  . MET A 1 110 ? 13.301  12.469  6.454   1.00   30.33 ? 110 MET A CE  1 
ATOM   870  N N   . GLU A 1 111 ? 8.051   12.978  8.836   1.00   31.41 ? 111 GLU A N   1 
ATOM   871  C CA  . GLU A 1 111 ? 6.991   13.497  9.705   1.00   32.33 ? 111 GLU A CA  1 
ATOM   872  C C   . GLU A 1 111 ? 7.535   14.058  10.999  1.00   31.05 ? 111 GLU A C   1 
ATOM   873  O O   . GLU A 1 111 ? 8.253   13.327  11.697  1.00   28.48 ? 111 GLU A O   1 
ATOM   874  C CB  . GLU A 1 111 ? 6.009   12.350  10.005  1.00   35.51 ? 111 GLU A CB  1 
ATOM   875  C CG  . GLU A 1 111 ? 4.600   12.798  10.232  0.0000 20.00 ? 111 GLU A CG  1 
ATOM   876  C CD  . GLU A 1 111 ? 4.109   12.868  11.657  0.0000 20.00 ? 111 GLU A CD  1 
ATOM   877  O OE1 . GLU A 1 111 ? 4.341   13.890  12.342  0.0000 20.00 ? 111 GLU A OE1 1 
ATOM   878  O OE2 . GLU A 1 111 ? 3.475   11.919  12.155  0.0000 20.00 ? 111 GLU A OE2 1 
ATOM   879  N N   . ASN A 1 112 ? 7.218   15.289  11.360  1.00   28.14 ? 112 ASN A N   1 
ATOM   880  C CA  . ASN A 1 112 ? 7.550   15.874  12.638  1.00   28.77 ? 112 ASN A CA  1 
ATOM   881  C C   . ASN A 1 112 ? 8.990   16.374  12.720  1.00   28.77 ? 112 ASN A C   1 
ATOM   882  O O   . ASN A 1 112 ? 9.314   17.116  13.650  1.00   30.20 ? 112 ASN A O   1 
ATOM   883  C CB  . ASN A 1 112 ? 7.345   14.885  13.813  1.00   33.68 ? 112 ASN A CB  1 
ATOM   884  C CG  . ASN A 1 112 ? 7.180   15.639  15.117  1.00   41.86 ? 112 ASN A CG  1 
ATOM   885  O OD1 . ASN A 1 112 ? 6.321   16.528  15.208  1.00   47.12 ? 112 ASN A OD1 1 
ATOM   886  N ND2 . ASN A 1 112 ? 7.970   15.322  16.142  1.00   42.66 ? 112 ASN A ND2 1 
ATOM   887  N N   . LEU A 1 113 ? 9.743   16.255  11.599  1.00   28.38 ? 113 LEU A N   1 
ATOM   888  C CA  . LEU A 1 113 ? 11.129  16.786  11.713  1.00   27.67 ? 113 LEU A CA  1 
ATOM   889  C C   . LEU A 1 113 ? 11.192  18.272  11.820  1.00   27.02 ? 113 LEU A C   1 
ATOM   890  O O   . LEU A 1 113 ? 11.852  18.930  12.607  1.00   28.80 ? 113 LEU A O   1 
ATOM   891  C CB  . LEU A 1 113 ? 11.977  16.222  10.552  1.00   23.98 ? 113 LEU A CB  1 
ATOM   892  C CG  . LEU A 1 113 ? 13.403  16.858  10.489  1.00   29.31 ? 113 LEU A CG  1 
ATOM   893  C CD1 . LEU A 1 113 ? 14.190  16.690  11.791  1.00   28.25 ? 113 LEU A CD1 1 
ATOM   894  C CD2 . LEU A 1 113 ? 14.081  16.201  9.282   1.00   25.64 ? 113 LEU A CD2 1 
ATOM   895  N N   . ALA A 1 114 ? 10.438  18.973  10.932  1.00   31.51 ? 114 ALA A N   1 
ATOM   896  C CA  . ALA A 1 114 ? 10.409  20.409  10.899  1.00   29.47 ? 114 ALA A CA  1 
ATOM   897  C C   . ALA A 1 114 ? 9.702   20.963  12.157  1.00   28.35 ? 114 ALA A C   1 
ATOM   898  O O   . ALA A 1 114 ? 10.271  21.914  12.674  1.00   28.67 ? 114 ALA A O   1 
ATOM   899  C CB  . ALA A 1 114 ? 9.743   20.943  9.629   1.00   32.37 ? 114 ALA A CB  1 
ATOM   900  N N   . HIS A 1 115 ? 8.744   20.248  12.697  1.00   30.87 ? 115 HIS A N   1 
ATOM   901  C CA  . HIS A 1 115 ? 8.196   20.668  14.006  1.00   32.94 ? 115 HIS A CA  1 
ATOM   902  C C   . HIS A 1 115 ? 9.268   20.612  15.110  1.00   33.06 ? 115 HIS A C   1 
ATOM   903  O O   . HIS A 1 115 ? 9.510   21.594  15.837  1.00   31.66 ? 115 HIS A O   1 
ATOM   904  C CB  . HIS A 1 115 ? 6.991   19.798  14.283  1.00   36.81 ? 115 HIS A CB  1 
ATOM   905  C CG  . HIS A 1 115 ? 6.346   20.071  15.606  1.00   45.96 ? 115 HIS A CG  1 
ATOM   906  N ND1 . HIS A 1 115 ? 6.695   19.420  16.772  1.00   45.51 ? 115 HIS A ND1 1 
ATOM   907  C CD2 . HIS A 1 115 ? 5.349   20.940  15.908  1.00   44.44 ? 115 HIS A CD2 1 
ATOM   908  C CE1 . HIS A 1 115 ? 5.948   19.896  17.759  1.00   49.81 ? 115 HIS A CE1 1 
ATOM   909  N NE2 . HIS A 1 115 ? 5.138   20.815  17.265  1.00   48.87 ? 115 HIS A NE2 1 
ATOM   910  N N   . HIS A 1 116 ? 9.985   19.489  15.183  1.00   31.74 ? 116 HIS A N   1 
ATOM   911  C CA  . HIS A 1 116 ? 11.061  19.340  16.177  1.00   31.10 ? 116 HIS A CA  1 
ATOM   912  C C   . HIS A 1 116 ? 12.121  20.409  16.040  1.00   30.22 ? 116 HIS A C   1 
ATOM   913  O O   . HIS A 1 116 ? 12.635  20.996  16.991  1.00   31.36 ? 116 HIS A O   1 
ATOM   914  C CB  . HIS A 1 116 ? 11.680  17.935  16.105  1.00   27.28 ? 116 HIS A CB  1 
ATOM   915  C CG  . HIS A 1 116 ? 12.797  17.688  17.077  1.00   36.26 ? 116 HIS A CG  1 
ATOM   916  N ND1 . HIS A 1 116 ? 12.573  17.082  18.294  1.00   46.03 ? 116 HIS A ND1 1 
ATOM   917  C CD2 . HIS A 1 116 ? 14.122  17.989  17.052  1.00   45.41 ? 116 HIS A CD2 1 
ATOM   918  C CE1 . HIS A 1 116 ? 13.707  16.994  18.959  1.00   32.68 ? 116 HIS A CE1 1 
ATOM   919  N NE2 . HIS A 1 116 ? 14.670  17.546  18.252  1.00   38.32 ? 116 HIS A NE2 1 
ATOM   920  N N   . ILE A 1 117 ? 12.572  20.717  14.815  1.00   27.55 ? 117 ILE A N   1 
ATOM   921  C CA  . ILE A 1 117 ? 13.527  21.743  14.538  1.00   27.32 ? 117 ILE A CA  1 
ATOM   922  C C   . ILE A 1 117 ? 13.073  23.102  15.075  1.00   29.59 ? 117 ILE A C   1 
ATOM   923  O O   . ILE A 1 117 ? 13.815  23.791  15.776  1.00   31.99 ? 117 ILE A O   1 
ATOM   924  C CB  . ILE A 1 117 ? 13.866  21.790  13.037  1.00   26.81 ? 117 ILE A CB  1 
ATOM   925  C CG1 . ILE A 1 117 ? 14.669  20.518  12.648  1.00   28.21 ? 117 ILE A CG1 1 
ATOM   926  C CG2 . ILE A 1 117 ? 14.582  23.090  12.737  1.00   26.54 ? 117 ILE A CG2 1 
ATOM   927  C CD1 . ILE A 1 117 ? 14.878  20.527  11.129  1.00   25.81 ? 117 ILE A CD1 1 
ATOM   928  N N   . ARG A 1 118 ? 11.808  23.432  14.805  1.00   33.86 ? 118 ARG A N   1 
ATOM   929  C CA  . ARG A 1 118 ? 11.263  24.667  15.380  1.00   35.90 ? 118 ARG A CA  1 
ATOM   930  C C   . ARG A 1 118 ? 11.271  24.590  16.905  1.00   34.53 ? 118 ARG A C   1 
ATOM   931  O O   . ARG A 1 118 ? 11.601  25.610  17.511  1.00   40.61 ? 118 ARG A O   1 
ATOM   932  C CB  . ARG A 1 118 ? 9.833   24.858  14.863  1.00   36.25 ? 118 ARG A CB  1 
ATOM   933  C CG  . ARG A 1 118 ? 9.820   25.235  13.390  1.00   37.63 ? 118 ARG A CG  1 
ATOM   934  C CD  . ARG A 1 118 ? 8.397   25.474  12.861  1.00   40.63 ? 118 ARG A CD  1 
ATOM   935  N NE  . ARG A 1 118 ? 8.501   25.530  11.402  1.00   37.13 ? 118 ARG A NE  1 
ATOM   936  C CZ  . ARG A 1 118 ? 8.132   24.653  10.500  1.00   37.27 ? 118 ARG A CZ  1 
ATOM   937  N NH1 . ARG A 1 118 ? 7.507   23.532  10.793  1.00   39.32 ? 118 ARG A NH1 1 
ATOM   938  N NH2 . ARG A 1 118 ? 8.387   24.926  9.215   1.00   37.63 ? 118 ARG A NH2 1 
ATOM   939  N N   . GLN A 1 119 ? 10.903  23.460  17.504  1.00   35.60 ? 119 GLN A N   1 
ATOM   940  C CA  . GLN A 1 119 ? 10.920  23.420  18.976  1.00   37.91 ? 119 GLN A CA  1 
ATOM   941  C C   . GLN A 1 119 ? 12.314  23.687  19.525  1.00   39.41 ? 119 GLN A C   1 
ATOM   942  O O   . GLN A 1 119 ? 12.538  24.492  20.436  1.00   39.22 ? 119 GLN A O   1 
ATOM   943  C CB  . GLN A 1 119 ? 10.343  22.092  19.431  1.00   37.34 ? 119 GLN A CB  1 
ATOM   944  C CG  . GLN A 1 119 ? 9.944   22.158  20.881  0.0000 20.00 ? 119 GLN A CG  1 
ATOM   945  C CD  . GLN A 1 119 ? 8.530   21.639  20.986  0.0000 20.00 ? 119 GLN A CD  1 
ATOM   946  O OE1 . GLN A 1 119 ? 8.228   20.663  21.653  0.0000 20.00 ? 119 GLN A OE1 1 
ATOM   947  N NE2 . GLN A 1 119 ? 7.634   22.358  20.282  0.0000 20.00 ? 119 GLN A NE2 1 
ATOM   948  N N   . VAL A 1 120 ? 13.327  23.060  18.933  1.00   37.87 ? 120 VAL A N   1 
ATOM   949  C CA  . VAL A 1 120 ? 14.712  23.252  19.360  1.00   38.07 ? 120 VAL A CA  1 
ATOM   950  C C   . VAL A 1 120 ? 15.192  24.681  19.202  1.00   40.76 ? 120 VAL A C   1 
ATOM   951  O O   . VAL A 1 120 ? 15.772  25.297  20.117  1.00   36.73 ? 120 VAL A O   1 
ATOM   952  C CB  . VAL A 1 120 ? 15.658  22.310  18.593  1.00   38.45 ? 120 VAL A CB  1 
ATOM   953  C CG1 . VAL A 1 120 ? 17.127  22.650  18.796  1.00   35.72 ? 120 VAL A CG1 1 
ATOM   954  C CG2 . VAL A 1 120 ? 15.376  20.870  19.009  1.00   39.98 ? 120 VAL A CG2 1 
ATOM   955  N N   . TYR A 1 121 ? 14.971  25.239  18.015  1.00   41.25 ? 121 TYR A N   1 
ATOM   956  C CA  . TYR A 1 121 ? 15.377  26.607  17.707  1.00   43.27 ? 121 TYR A CA  1 
ATOM   957  C C   . TYR A 1 121 ? 14.672  27.592  18.638  1.00   48.04 ? 121 TYR A C   1 
ATOM   958  O O   . TYR A 1 121 ? 15.269  28.554  19.102  1.00   48.07 ? 121 TYR A O   1 
ATOM   959  C CB  . TYR A 1 121 ? 15.068  26.910  16.256  1.00   43.23 ? 121 TYR A CB  1 
ATOM   960  C CG  . TYR A 1 121 ? 15.354  28.325  15.807  1.00   46.67 ? 121 TYR A CG  1 
ATOM   961  C CD1 . TYR A 1 121 ? 16.614  28.693  15.364  1.00   47.08 ? 121 TYR A CD1 1 
ATOM   962  C CD2 . TYR A 1 121 ? 14.348  29.281  15.837  1.00   48.38 ? 121 TYR A CD2 1 
ATOM   963  C CE1 . TYR A 1 121 ? 16.871  29.972  14.917  1.00   51.21 ? 121 TYR A CE1 1 
ATOM   964  C CE2 . TYR A 1 121 ? 14.608  30.580  15.430  1.00   50.67 ? 121 TYR A CE2 1 
ATOM   965  C CZ  . TYR A 1 121 ? 15.868  30.910  14.974  1.00   51.91 ? 121 TYR A CZ  1 
ATOM   966  O OH  . TYR A 1 121 ? 16.081  32.204  14.555  1.00   52.77 ? 121 TYR A OH  1 
ATOM   967  N N   . GLY A 1 122 ? 13.397  27.353  18.905  1.00   51.86 ? 122 GLY A N   1 
ATOM   968  C CA  . GLY A 1 122 ? 12.600  28.173  19.800  1.00   57.76 ? 122 GLY A CA  1 
ATOM   969  C C   . GLY A 1 122 ? 13.190  28.221  21.200  1.00   63.71 ? 122 GLY A C   1 
ATOM   970  O O   . GLY A 1 122 ? 13.172  29.296  21.803  1.00   65.59 ? 122 GLY A O   1 
ATOM   971  N N   . LYS A 1 123 ? 13.742  27.119  21.702  1.00   66.91 ? 123 LYS A N   1 
ATOM   972  C CA  . LYS A 1 123 ? 14.360  27.080  23.017  1.00   70.38 ? 123 LYS A CA  1 
ATOM   973  C C   . LYS A 1 123 ? 15.809  27.557  23.026  1.00   73.42 ? 123 LYS A C   1 
ATOM   974  O O   . LYS A 1 123 ? 16.725  26.782  23.322  1.00   74.06 ? 123 LYS A O   1 
ATOM   975  C CB  . LYS A 1 123 ? 14.276  25.649  23.576  1.00   72.14 ? 123 LYS A CB  1 
ATOM   976  C CG  . LYS A 1 123 ? 13.935  25.126  24.593  0.0000 20.00 ? 123 LYS A CG  1 
ATOM   977  C CD  . LYS A 1 123 ? 13.507  23.665  24.748  0.0000 20.00 ? 123 LYS A CD  1 
ATOM   978  C CE  . LYS A 1 123 ? 14.134  22.994  25.975  0.0000 20.00 ? 123 LYS A CE  1 
ATOM   979  N NZ  . LYS A 1 123 ? 13.868  21.556  25.940  0.0000 20.00 ? 123 LYS A NZ  1 
ATOM   980  N N   . THR A 1 124 ? 16.045  28.843  22.763  1.00   75.24 ? 124 THR A N   1 
ATOM   981  C CA  . THR A 1 124 ? 17.397  29.392  22.809  1.00   77.24 ? 124 THR A CA  1 
ATOM   982  C C   . THR A 1 124 ? 17.428  30.916  22.667  1.00   77.20 ? 124 THR A C   1 
ATOM   983  O O   . THR A 1 124 ? 16.692  31.504  21.855  1.00   77.57 ? 124 THR A O   1 
ATOM   984  C CB  . THR A 1 124 ? 18.343  28.810  21.751  1.00   79.79 ? 124 THR A CB  1 
ATOM   985  O OG1 . THR A 1 124 ? 19.650  29.336  21.971  1.00   85.06 ? 124 THR A OG1 1 
ATOM   986  C CG2 . THR A 1 124 ? 17.920  29.071  20.330  1.00   79.30 ? 124 THR A CG2 1 
HETATM 987  S S   . SO4 B 2 .   ? -1.372  11.937  7.071   1.00   47.11 ? 201 SO4 A S   1 
HETATM 988  O O1  . SO4 B 2 .   ? -0.287  12.911  6.690   1.00   46.95 ? 201 SO4 A O1  1 
HETATM 989  O O2  . SO4 B 2 .   ? -0.686  10.852  7.843   1.00   50.25 ? 201 SO4 A O2  1 
HETATM 990  O O3  . SO4 B 2 .   ? -2.387  12.582  7.993   1.00   51.53 ? 201 SO4 A O3  1 
HETATM 991  O O4  . SO4 B 2 .   ? -2.142  11.468  5.891   1.00   46.82 ? 201 SO4 A O4  1 
HETATM 992  O O   . HOH C 3 .   ? -7.114  1.985   13.848  1.00   35.88 ? 301 HOH A O   1 
HETATM 993  O O   . HOH C 3 .   ? -0.096  -8.994  -16.163 1.00   34.77 ? 302 HOH A O   1 
HETATM 994  O O   . HOH C 3 .   ? -1.203  11.408  -11.443 1.00   37.31 ? 303 HOH A O   1 
HETATM 995  O O   . HOH C 3 .   ? -14.008 -8.986  5.958   1.00   53.48 ? 304 HOH A O   1 
HETATM 996  O O   . HOH C 3 .   ? 9.142   2.995   -14.330 1.00   44.29 ? 305 HOH A O   1 
HETATM 997  O O   . HOH C 3 .   ? 7.323   -1.272  -2.088  1.00   31.57 ? 306 HOH A O   1 
HETATM 998  O O   . HOH C 3 .   ? 9.442   -10.848 1.140   1.00   42.81 ? 307 HOH A O   1 
HETATM 999  O O   . HOH C 3 .   ? 5.420   7.971   -17.463 1.00   43.18 ? 308 HOH A O   1 
HETATM 1000 O O   . HOH C 3 .   ? 6.527   -7.586  8.172   1.00   40.01 ? 309 HOH A O   1 
HETATM 1001 O O   . HOH C 3 .   ? -12.686 2.104   -0.652  1.00   46.80 ? 310 HOH A O   1 
HETATM 1002 O O   . HOH C 3 .   ? 2.131   -8.793  8.821   1.00   47.91 ? 311 HOH A O   1 
HETATM 1003 O O   . HOH C 3 .   ? 7.985   -12.123 -0.993  1.00   46.73 ? 312 HOH A O   1 
HETATM 1004 O O   . HOH C 3 .   ? 3.913   -3.604  12.624  1.00   39.45 ? 313 HOH A O   1 
HETATM 1005 O O   . HOH C 3 .   ? 9.293   -4.492  -3.691  1.00   47.96 ? 314 HOH A O   1 
HETATM 1006 O O   . HOH C 3 .   ? -11.445 -1.125  -7.321  1.00   47.60 ? 315 HOH A O   1 
HETATM 1007 O O   . HOH C 3 .   ? 4.439   -11.930 -6.358  1.00   30.93 ? 316 HOH A O   1 
HETATM 1008 O O   . HOH C 3 .   ? 4.135   16.831  13.691  1.00   61.99 ? 317 HOH A O   1 
HETATM 1009 O O   . HOH C 3 .   ? -3.884  10.996  9.575   1.00   42.02 ? 318 HOH A O   1 
HETATM 1010 O O   . HOH C 3 .   ? 11.060  6.640   -3.757  1.00   38.60 ? 319 HOH A O   1 
HETATM 1011 O O   . HOH C 3 .   ? 11.679  11.040  2.359   1.00   47.91 ? 320 HOH A O   1 
HETATM 1012 O O   . HOH C 3 .   ? 4.277   10.940  -1.378  1.00   32.52 ? 321 HOH A O   1 
HETATM 1013 O O   . HOH C 3 .   ? 11.095  9.353   10.981  1.00   30.17 ? 322 HOH A O   1 
HETATM 1014 O O   . HOH C 3 .   ? 12.867  2.236   -8.992  1.00   47.72 ? 323 HOH A O   1 
HETATM 1015 O O   . HOH C 3 .   ? -14.638 -2.100  9.445   1.00   68.84 ? 324 HOH A O   1 
HETATM 1016 O O   . HOH C 3 .   ? -5.396  -2.353  12.741  1.00   34.59 ? 325 HOH A O   1 
HETATM 1017 O O   . HOH C 3 .   ? 7.544   -8.152  10.706  1.00   49.11 ? 326 HOH A O   1 
HETATM 1018 O O   . HOH C 3 .   ? -7.745  3.723   -5.285  1.00   41.09 ? 327 HOH A O   1 
HETATM 1019 O O   . HOH C 3 .   ? -4.599  -16.414 -9.026  1.00   45.62 ? 328 HOH A O   1 
HETATM 1020 O O   . HOH C 3 .   ? 7.029   -7.652  -13.983 1.00   46.35 ? 329 HOH A O   1 
HETATM 1021 O O   . HOH C 3 .   ? 2.435   -13.774 2.387   1.00   36.96 ? 330 HOH A O   1 
HETATM 1022 O O   . HOH C 3 .   ? 7.019   -1.202  12.731  1.00   42.29 ? 331 HOH A O   1 
HETATM 1023 O O   . HOH C 3 .   ? -13.105 -6.083  -1.326  1.00   44.27 ? 332 HOH A O   1 
HETATM 1024 O O   . HOH C 3 .   ? -6.835  -16.861 -5.153  1.00   56.75 ? 333 HOH A O   1 
HETATM 1025 O O   . HOH C 3 .   ? -1.276  9.904   10.649  1.00   48.35 ? 334 HOH A O   1 
HETATM 1026 O O   . HOH C 3 .   ? -11.838 -8.578  -1.895  1.00   48.09 ? 335 HOH A O   1 
HETATM 1027 O O   . HOH C 3 .   ? 7.222   0.228   -4.641  1.00   34.31 ? 336 HOH A O   1 
HETATM 1028 O O   . HOH C 3 .   ? -1.951  -12.402 -14.182 1.00   40.90 ? 337 HOH A O   1 
HETATM 1029 O O   . HOH C 3 .   ? -1.547  8.157   14.012  1.00   40.13 ? 338 HOH A O   1 
HETATM 1030 O O   . HOH C 3 .   ? 15.951  33.012  17.219  1.00   73.56 ? 339 HOH A O   1 
HETATM 1031 O O   . HOH C 3 .   ? 8.411   10.572  12.148  1.00   32.73 ? 340 HOH A O   1 
HETATM 1032 O O   . HOH C 3 .   ? -3.924  -17.190 -4.661  1.00   43.63 ? 341 HOH A O   1 
HETATM 1033 O O   . HOH C 3 .   ? 7.003   -12.228 -5.549  1.00   40.44 ? 342 HOH A O   1 
HETATM 1034 O O   . HOH C 3 .   ? 8.798   -2.409  -5.657  1.00   36.54 ? 343 HOH A O   1 
HETATM 1035 O O   . HOH C 3 .   ? -0.754  10.048  -4.753  1.00   33.16 ? 344 HOH A O   1 
HETATM 1036 O O   . HOH C 3 .   ? -1.001  -13.631 3.883   1.00   54.04 ? 345 HOH A O   1 
HETATM 1037 O O   . HOH C 3 .   ? 10.158  -5.927  9.851   1.00   54.40 ? 346 HOH A O   1 
HETATM 1038 O O   . HOH C 3 .   ? -9.081  0.547   -7.633  1.00   39.51 ? 347 HOH A O   1 
HETATM 1039 O O   . HOH C 3 .   ? -2.719  -15.015 2.233   1.00   49.62 ? 348 HOH A O   1 
HETATM 1040 O O   A HOH C 3 .   ? -12.924 8.316   7.457   0.50   45.47 ? 349 HOH A O   1 
HETATM 1041 O O   . HOH C 3 .   ? 6.998   -14.331 -0.101  1.00   53.46 ? 350 HOH A O   1 
HETATM 1042 O O   . HOH C 3 .   ? 12.111  -7.870  3.259   1.00   39.17 ? 351 HOH A O   1 
HETATM 1043 O O   . HOH C 3 .   ? 12.713  -6.049  5.254   1.00   47.56 ? 352 HOH A O   1 
HETATM 1044 O O   . HOH C 3 .   ? 3.991   -10.203 -13.310 1.00   31.62 ? 353 HOH A O   1 
HETATM 1045 O O   . HOH C 3 .   ? 1.619   10.288  -3.646  1.00   31.67 ? 354 HOH A O   1 
HETATM 1046 O O   . HOH C 3 .   ? 6.767   -9.802  -12.223 1.00   40.45 ? 355 HOH A O   1 
HETATM 1047 O O   . HOH C 3 .   ? 6.651   4.696   15.894  1.00   36.89 ? 356 HOH A O   1 
HETATM 1048 O O   . HOH C 3 .   ? -3.514  8.502   -6.855  1.00   34.69 ? 357 HOH A O   1 
HETATM 1049 O O   . HOH C 3 .   ? 6.347   15.580  18.712  1.00   79.37 ? 358 HOH A O   1 
HETATM 1050 O O   . HOH C 3 .   ? 9.782   19.098  19.530  1.00   56.48 ? 359 HOH A O   1 
HETATM 1051 O O   . HOH C 3 .   ? 3.378   -14.657 -6.080  1.00   36.33 ? 360 HOH A O   1 
HETATM 1052 O O   . HOH C 3 .   ? 8.910   -11.484 -3.596  1.00   43.64 ? 361 HOH A O   1 
HETATM 1053 O O   . HOH C 3 .   ? 3.548   10.920  9.201   1.00   50.69 ? 362 HOH A O   1 
HETATM 1054 O O   . HOH C 3 .   ? 5.123   15.116  -1.391  1.00   32.82 ? 363 HOH A O   1 
HETATM 1055 O O   . HOH C 3 .   ? -16.905 -4.225  -6.065  1.00   51.98 ? 364 HOH A O   1 
HETATM 1056 O O   . HOH C 3 .   ? -5.532  0.092   16.685  1.00   46.27 ? 365 HOH A O   1 
HETATM 1057 O O   . HOH C 3 .   ? -2.095  11.013  -7.133  1.00   44.21 ? 366 HOH A O   1 
HETATM 1058 O O   . HOH C 3 .   ? 5.452   23.028  13.267  1.00   45.95 ? 367 HOH A O   1 
HETATM 1059 O O   . HOH C 3 .   ? 9.380   12.375  15.890  1.00   42.26 ? 368 HOH A O   1 
HETATM 1060 O O   . HOH C 3 .   ? -14.743 -11.844 -4.809  1.00   53.71 ? 369 HOH A O   1 
HETATM 1061 O O   . HOH C 3 .   ? 1.128   -12.556 6.712   1.00   58.69 ? 370 HOH A O   1 
HETATM 1062 O O   . HOH C 3 .   ? -6.878  -0.515  14.306  1.00   44.25 ? 371 HOH A O   1 
HETATM 1063 O O   A HOH C 3 .   ? -14.962 5.242   12.056  0.50   53.25 ? 372 HOH A O   1 
HETATM 1064 O O   . HOH C 3 .   ? 8.630   16.851  19.214  1.00   48.55 ? 373 HOH A O   1 
HETATM 1065 O O   . HOH C 3 .   ? -15.128 -3.708  -1.520  1.00   70.30 ? 374 HOH A O   1 
HETATM 1066 O O   . HOH C 3 .   ? -4.865  4.093   17.868  1.00   43.88 ? 375 HOH A O   1 
HETATM 1067 O O   . HOH C 3 .   ? 4.586   6.505   10.795  1.00   55.81 ? 376 HOH A O   1 
HETATM 1068 O O   B HOH C 3 .   ? -13.948 3.628   13.362  0.50   50.70 ? 377 HOH A O   1 
HETATM 1069 O O   . HOH C 3 .   ? -0.445  4.229   -23.263 1.00   68.39 ? 378 HOH A O   1 
HETATM 1070 O O   . HOH C 3 .   ? 9.789   -9.536  10.473  1.00   74.06 ? 379 HOH A O   1 
HETATM 1071 O O   . HOH C 3 .   ? -10.760 -15.973 -10.591 1.00   48.05 ? 380 HOH A O   1 
HETATM 1072 O O   . HOH C 3 .   ? 4.824   24.180  8.293   1.00   62.01 ? 381 HOH A O   1 
HETATM 1073 O O   A HOH C 3 .   ? -8.078  0.181   -20.035 0.50   44.69 ? 382 HOH A O   1 
HETATM 1074 O O   . HOH C 3 .   ? 5.354   12.852  -3.053  1.00   32.17 ? 383 HOH A O   1 
HETATM 1075 O O   . HOH C 3 .   ? -9.041  -2.591  15.955  1.00   80.27 ? 384 HOH A O   1 
HETATM 1076 O O   . HOH C 3 .   ? 4.436   25.772  11.141  1.00   77.20 ? 385 HOH A O   1 
HETATM 1077 O O   . HOH C 3 .   ? 13.357  4.981   -2.267  1.00   57.00 ? 386 HOH A O   1 
HETATM 1078 O O   . HOH C 3 .   ? 13.175  -6.960  0.970   1.00   53.66 ? 387 HOH A O   1 
HETATM 1079 O O   . HOH C 3 .   ? 10.789  -0.438  -4.033  1.00   47.91 ? 388 HOH A O   1 
HETATM 1080 O O   B HOH C 3 .   ? -6.611  1.583   -21.318 0.50   37.27 ? 389 HOH A O   1 
HETATM 1081 O O   . HOH C 3 .   ? -5.827  6.879   -17.197 1.00   54.25 ? 390 HOH A O   1 
HETATM 1082 O O   B HOH C 3 .   ? -14.390 7.014   7.886   0.50   57.23 ? 391 HOH A O   1 
HETATM 1083 O O   . HOH C 3 .   ? -4.685  8.485   -9.875  1.00   49.71 ? 392 HOH A O   1 
HETATM 1084 O O   . HOH C 3 .   ? -2.544  14.053  -10.167 1.00   58.89 ? 393 HOH A O   1 
HETATM 1085 O O   . HOH C 3 .   ? -11.394 -4.318  17.026  1.00   86.58 ? 394 HOH A O   1 
HETATM 1086 O O   . HOH C 3 .   ? 7.469   -15.081 -4.787  1.00   48.60 ? 395 HOH A O   1 
# 
